data_2D57
# 
_entry.id   2D57 
# 
_audit_conform.dict_name       mmcif_pdbx.dic 
_audit_conform.dict_version    5.380 
_audit_conform.dict_location   http://mmcif.pdb.org/dictionaries/ascii/mmcif_pdbx.dic 
# 
loop_
_database_2.database_id 
_database_2.database_code 
_database_2.pdbx_database_accession 
_database_2.pdbx_DOI 
PDB   2D57         pdb_00002d57 10.2210/pdb2d57/pdb 
RCSB  RCSB025000   ?            ?                   
WWPDB D_1000025000 ?            ?                   
# 
loop_
_pdbx_database_related.db_name 
_pdbx_database_related.db_id 
_pdbx_database_related.details 
_pdbx_database_related.content_type 
PDB 1FQY . unspecified 
PDB 1J4N . unspecified 
PDB 1SOR . unspecified 
PDB 1YMG . unspecified 
# 
_pdbx_database_status.status_code                     REL 
_pdbx_database_status.entry_id                        2D57 
_pdbx_database_status.recvd_initial_deposition_date   2005-10-29 
_pdbx_database_status.deposit_site                    PDBJ 
_pdbx_database_status.process_site                    PDBJ 
_pdbx_database_status.status_code_sf                  REL 
_pdbx_database_status.status_code_mr                  ? 
_pdbx_database_status.SG_entry                        ? 
_pdbx_database_status.pdb_format_compatible           Y 
_pdbx_database_status.status_code_cs                  ? 
_pdbx_database_status.methods_development_category    ? 
_pdbx_database_status.status_code_nmr_data            ? 
# 
loop_
_audit_author.name 
_audit_author.pdbx_ordinal 
'Hiroaki, Y.'   1  
'Tani, K.'      2  
'Kamegawa, A.'  3  
'Gyobu, N.'     4  
'Nishikawa, K.' 5  
'Suzuki, H.'    6  
'Walz, T.'      7  
'Sasaki, S.'    8  
'Mitsuoka, K.'  9  
'Kimura, K.'    10 
'Mizoguchi, A.' 11 
'Fujiyoshi, Y.' 12 
# 
_citation.id                        primary 
_citation.title                     'Implications of the Aquaporin-4 Structure on Array Formation and Cell Adhesion' 
_citation.journal_abbrev            J.Mol.Biol. 
_citation.journal_volume            355 
_citation.page_first                628 
_citation.page_last                 639 
_citation.year                      2005 
_citation.journal_id_ASTM           JMOBAK 
_citation.country                   UK 
_citation.journal_id_ISSN           0022-2836 
_citation.journal_id_CSD            0070 
_citation.book_publisher            ? 
_citation.pdbx_database_id_PubMed   16325200 
_citation.pdbx_database_id_DOI      10.1016/j.jmb.2005.10.081 
# 
loop_
_citation_author.citation_id 
_citation_author.name 
_citation_author.ordinal 
_citation_author.identifier_ORCID 
primary 'Hiroaki, Y.'   1  ? 
primary 'Tani, K.'      2  ? 
primary 'Kamegawa, A.'  3  ? 
primary 'Gyobu, N.'     4  ? 
primary 'Nishikawa, K.' 5  ? 
primary 'Suzuki, H.'    6  ? 
primary 'Walz, T.'      7  ? 
primary 'Sasaki, S.'    8  ? 
primary 'Mitsuoka, K.'  9  ? 
primary 'Kimura, K.'    10 ? 
primary 'Mizoguchi, A.' 11 ? 
primary 'Fujiyoshi, Y.' 12 ? 
# 
_cell.entry_id           2D57 
_cell.length_a           69.000 
_cell.length_b           69.000 
_cell.length_c           160.000 
_cell.angle_alpha        90.00 
_cell.angle_beta         90.00 
_cell.angle_gamma        90.00 
_cell.Z_PDB              8 
_cell.pdbx_unique_axis   ? 
_cell.length_a_esd       ? 
_cell.length_b_esd       ? 
_cell.length_c_esd       ? 
_cell.angle_alpha_esd    ? 
_cell.angle_beta_esd     ? 
_cell.angle_gamma_esd    ? 
# 
_symmetry.entry_id                         2D57 
_symmetry.space_group_name_H-M             'P 4 21 2' 
_symmetry.pdbx_full_space_group_name_H-M   ? 
_symmetry.cell_setting                     ? 
_symmetry.Int_Tables_number                90 
_symmetry.space_group_name_Hall            ? 
# 
_entity.id                         1 
_entity.type                       polymer 
_entity.src_method                 man 
_entity.pdbx_description           Aquaporin-4 
_entity.formula_weight             32189.381 
_entity.pdbx_number_of_molecules   1 
_entity.pdbx_ec                    ? 
_entity.pdbx_mutation              ? 
_entity.pdbx_fragment              'residues 23-323' 
_entity.details                    ? 
# 
_entity_name_com.entity_id   1 
_entity_name_com.name        'AQP-4, WCH4, Mercurial-insensitive water channel, MIWC' 
# 
_entity_poly.entity_id                      1 
_entity_poly.type                           'polypeptide(L)' 
_entity_poly.nstd_linkage                   no 
_entity_poly.nstd_monomer                   no 
_entity_poly.pdbx_seq_one_letter_code       
;MVAFKGVWTQAFWKAVTAEFLAMLIFVLLSVGSTINWGGSENPLPVDMVLISLCFGLSIATMVQCFGHISGGHINPAVTV
AMVCTRKISIAKSVFYITAQCLGAIIGAGILYLVTPPSVVGGLGVTTVHGNLTAGHGLLVELIITFQLVFTIFASCDSKR
TDVTGSVALAIGFSVAIGHLFAINYTGASMNPARSFGPAVIMGNWENHWIYWVGPIIGAVLAGALYEYVFCPDVELKRRL
KEAFSKAAQQTKGSYMEVEDNRSQVETEDLILKPGVVHVIDIDRGDEKKGKDSSGEVLSSV
;
_entity_poly.pdbx_seq_one_letter_code_can   
;MVAFKGVWTQAFWKAVTAEFLAMLIFVLLSVGSTINWGGSENPLPVDMVLISLCFGLSIATMVQCFGHISGGHINPAVTV
AMVCTRKISIAKSVFYITAQCLGAIIGAGILYLVTPPSVVGGLGVTTVHGNLTAGHGLLVELIITFQLVFTIFASCDSKR
TDVTGSVALAIGFSVAIGHLFAINYTGASMNPARSFGPAVIMGNWENHWIYWVGPIIGAVLAGALYEYVFCPDVELKRRL
KEAFSKAAQQTKGSYMEVEDNRSQVETEDLILKPGVVHVIDIDRGDEKKGKDSSGEVLSSV
;
_entity_poly.pdbx_strand_id                 A 
_entity_poly.pdbx_target_identifier         ? 
# 
loop_
_entity_poly_seq.entity_id 
_entity_poly_seq.num 
_entity_poly_seq.mon_id 
_entity_poly_seq.hetero 
1 1   MET n 
1 2   VAL n 
1 3   ALA n 
1 4   PHE n 
1 5   LYS n 
1 6   GLY n 
1 7   VAL n 
1 8   TRP n 
1 9   THR n 
1 10  GLN n 
1 11  ALA n 
1 12  PHE n 
1 13  TRP n 
1 14  LYS n 
1 15  ALA n 
1 16  VAL n 
1 17  THR n 
1 18  ALA n 
1 19  GLU n 
1 20  PHE n 
1 21  LEU n 
1 22  ALA n 
1 23  MET n 
1 24  LEU n 
1 25  ILE n 
1 26  PHE n 
1 27  VAL n 
1 28  LEU n 
1 29  LEU n 
1 30  SER n 
1 31  VAL n 
1 32  GLY n 
1 33  SER n 
1 34  THR n 
1 35  ILE n 
1 36  ASN n 
1 37  TRP n 
1 38  GLY n 
1 39  GLY n 
1 40  SER n 
1 41  GLU n 
1 42  ASN n 
1 43  PRO n 
1 44  LEU n 
1 45  PRO n 
1 46  VAL n 
1 47  ASP n 
1 48  MET n 
1 49  VAL n 
1 50  LEU n 
1 51  ILE n 
1 52  SER n 
1 53  LEU n 
1 54  CYS n 
1 55  PHE n 
1 56  GLY n 
1 57  LEU n 
1 58  SER n 
1 59  ILE n 
1 60  ALA n 
1 61  THR n 
1 62  MET n 
1 63  VAL n 
1 64  GLN n 
1 65  CYS n 
1 66  PHE n 
1 67  GLY n 
1 68  HIS n 
1 69  ILE n 
1 70  SER n 
1 71  GLY n 
1 72  GLY n 
1 73  HIS n 
1 74  ILE n 
1 75  ASN n 
1 76  PRO n 
1 77  ALA n 
1 78  VAL n 
1 79  THR n 
1 80  VAL n 
1 81  ALA n 
1 82  MET n 
1 83  VAL n 
1 84  CYS n 
1 85  THR n 
1 86  ARG n 
1 87  LYS n 
1 88  ILE n 
1 89  SER n 
1 90  ILE n 
1 91  ALA n 
1 92  LYS n 
1 93  SER n 
1 94  VAL n 
1 95  PHE n 
1 96  TYR n 
1 97  ILE n 
1 98  THR n 
1 99  ALA n 
1 100 GLN n 
1 101 CYS n 
1 102 LEU n 
1 103 GLY n 
1 104 ALA n 
1 105 ILE n 
1 106 ILE n 
1 107 GLY n 
1 108 ALA n 
1 109 GLY n 
1 110 ILE n 
1 111 LEU n 
1 112 TYR n 
1 113 LEU n 
1 114 VAL n 
1 115 THR n 
1 116 PRO n 
1 117 PRO n 
1 118 SER n 
1 119 VAL n 
1 120 VAL n 
1 121 GLY n 
1 122 GLY n 
1 123 LEU n 
1 124 GLY n 
1 125 VAL n 
1 126 THR n 
1 127 THR n 
1 128 VAL n 
1 129 HIS n 
1 130 GLY n 
1 131 ASN n 
1 132 LEU n 
1 133 THR n 
1 134 ALA n 
1 135 GLY n 
1 136 HIS n 
1 137 GLY n 
1 138 LEU n 
1 139 LEU n 
1 140 VAL n 
1 141 GLU n 
1 142 LEU n 
1 143 ILE n 
1 144 ILE n 
1 145 THR n 
1 146 PHE n 
1 147 GLN n 
1 148 LEU n 
1 149 VAL n 
1 150 PHE n 
1 151 THR n 
1 152 ILE n 
1 153 PHE n 
1 154 ALA n 
1 155 SER n 
1 156 CYS n 
1 157 ASP n 
1 158 SER n 
1 159 LYS n 
1 160 ARG n 
1 161 THR n 
1 162 ASP n 
1 163 VAL n 
1 164 THR n 
1 165 GLY n 
1 166 SER n 
1 167 VAL n 
1 168 ALA n 
1 169 LEU n 
1 170 ALA n 
1 171 ILE n 
1 172 GLY n 
1 173 PHE n 
1 174 SER n 
1 175 VAL n 
1 176 ALA n 
1 177 ILE n 
1 178 GLY n 
1 179 HIS n 
1 180 LEU n 
1 181 PHE n 
1 182 ALA n 
1 183 ILE n 
1 184 ASN n 
1 185 TYR n 
1 186 THR n 
1 187 GLY n 
1 188 ALA n 
1 189 SER n 
1 190 MET n 
1 191 ASN n 
1 192 PRO n 
1 193 ALA n 
1 194 ARG n 
1 195 SER n 
1 196 PHE n 
1 197 GLY n 
1 198 PRO n 
1 199 ALA n 
1 200 VAL n 
1 201 ILE n 
1 202 MET n 
1 203 GLY n 
1 204 ASN n 
1 205 TRP n 
1 206 GLU n 
1 207 ASN n 
1 208 HIS n 
1 209 TRP n 
1 210 ILE n 
1 211 TYR n 
1 212 TRP n 
1 213 VAL n 
1 214 GLY n 
1 215 PRO n 
1 216 ILE n 
1 217 ILE n 
1 218 GLY n 
1 219 ALA n 
1 220 VAL n 
1 221 LEU n 
1 222 ALA n 
1 223 GLY n 
1 224 ALA n 
1 225 LEU n 
1 226 TYR n 
1 227 GLU n 
1 228 TYR n 
1 229 VAL n 
1 230 PHE n 
1 231 CYS n 
1 232 PRO n 
1 233 ASP n 
1 234 VAL n 
1 235 GLU n 
1 236 LEU n 
1 237 LYS n 
1 238 ARG n 
1 239 ARG n 
1 240 LEU n 
1 241 LYS n 
1 242 GLU n 
1 243 ALA n 
1 244 PHE n 
1 245 SER n 
1 246 LYS n 
1 247 ALA n 
1 248 ALA n 
1 249 GLN n 
1 250 GLN n 
1 251 THR n 
1 252 LYS n 
1 253 GLY n 
1 254 SER n 
1 255 TYR n 
1 256 MET n 
1 257 GLU n 
1 258 VAL n 
1 259 GLU n 
1 260 ASP n 
1 261 ASN n 
1 262 ARG n 
1 263 SER n 
1 264 GLN n 
1 265 VAL n 
1 266 GLU n 
1 267 THR n 
1 268 GLU n 
1 269 ASP n 
1 270 LEU n 
1 271 ILE n 
1 272 LEU n 
1 273 LYS n 
1 274 PRO n 
1 275 GLY n 
1 276 VAL n 
1 277 VAL n 
1 278 HIS n 
1 279 VAL n 
1 280 ILE n 
1 281 ASP n 
1 282 ILE n 
1 283 ASP n 
1 284 ARG n 
1 285 GLY n 
1 286 ASP n 
1 287 GLU n 
1 288 LYS n 
1 289 LYS n 
1 290 GLY n 
1 291 LYS n 
1 292 ASP n 
1 293 SER n 
1 294 SER n 
1 295 GLY n 
1 296 GLU n 
1 297 VAL n 
1 298 LEU n 
1 299 SER n 
1 300 SER n 
1 301 VAL n 
# 
_entity_src_gen.entity_id                          1 
_entity_src_gen.pdbx_src_id                        1 
_entity_src_gen.pdbx_alt_source_flag               sample 
_entity_src_gen.pdbx_seq_type                      ? 
_entity_src_gen.pdbx_beg_seq_num                   ? 
_entity_src_gen.pdbx_end_seq_num                   ? 
_entity_src_gen.gene_src_common_name               'Norway rat' 
_entity_src_gen.gene_src_genus                     Rattus 
_entity_src_gen.pdbx_gene_src_gene                 Aqp4 
_entity_src_gen.gene_src_species                   ? 
_entity_src_gen.gene_src_strain                    ? 
_entity_src_gen.gene_src_tissue                    ? 
_entity_src_gen.gene_src_tissue_fraction           ? 
_entity_src_gen.gene_src_details                   ? 
_entity_src_gen.pdbx_gene_src_fragment             ? 
_entity_src_gen.pdbx_gene_src_scientific_name      'Rattus norvegicus' 
_entity_src_gen.pdbx_gene_src_ncbi_taxonomy_id     10116 
_entity_src_gen.pdbx_gene_src_variant              ? 
_entity_src_gen.pdbx_gene_src_cell_line            ? 
_entity_src_gen.pdbx_gene_src_atcc                 ? 
_entity_src_gen.pdbx_gene_src_organ                ? 
_entity_src_gen.pdbx_gene_src_organelle            ? 
_entity_src_gen.pdbx_gene_src_cell                 ? 
_entity_src_gen.pdbx_gene_src_cellular_location    ? 
_entity_src_gen.host_org_common_name               'fall armyworm' 
_entity_src_gen.pdbx_host_org_scientific_name      'Spodoptera frugiperda' 
_entity_src_gen.pdbx_host_org_ncbi_taxonomy_id     7108 
_entity_src_gen.host_org_genus                     Spodoptera 
_entity_src_gen.pdbx_host_org_gene                 ? 
_entity_src_gen.pdbx_host_org_organ                ? 
_entity_src_gen.host_org_species                   ? 
_entity_src_gen.pdbx_host_org_tissue               ? 
_entity_src_gen.pdbx_host_org_tissue_fraction      ? 
_entity_src_gen.pdbx_host_org_strain               SF9 
_entity_src_gen.pdbx_host_org_variant              ? 
_entity_src_gen.pdbx_host_org_cell_line            ? 
_entity_src_gen.pdbx_host_org_atcc                 ? 
_entity_src_gen.pdbx_host_org_culture_collection   ? 
_entity_src_gen.pdbx_host_org_cell                 ? 
_entity_src_gen.pdbx_host_org_organelle            ? 
_entity_src_gen.pdbx_host_org_cellular_location    ? 
_entity_src_gen.pdbx_host_org_vector_type          BACLOVIRUS 
_entity_src_gen.pdbx_host_org_vector               pBlueBacHis2b 
_entity_src_gen.host_org_details                   ? 
_entity_src_gen.expression_system_id               ? 
_entity_src_gen.plasmid_name                       ? 
_entity_src_gen.plasmid_details                    ? 
_entity_src_gen.pdbx_description                   ? 
# 
_struct_ref.id                         1 
_struct_ref.db_name                    UNP 
_struct_ref.db_code                    AQP4_RAT 
_struct_ref.pdbx_db_accession          P47863 
_struct_ref.entity_id                  1 
_struct_ref.pdbx_seq_one_letter_code   
;MVAFKGVWTQAFWKAVTAEFLAMLIFVLLSVGSTINWGGSENPLPVDMVLISLCFGLSIATMVQCFGHISGGHINPAVTV
AMVCTRKISIAKSVFYITAQCLGAIIGAGILYLVTPPSVVGGLGVTTVHGNLTAGHGLLVELIITFQLVFTIFASCDSKR
TDVTGSVALAIGFSVAIGHLFAINYTGASMNPARSFGPAVIMGNWENHWIYWVGPIIGAVLAGALYEYVFCPDVELKRRL
KEAFSKAAQQTKGSYMEVEDNRSQVETEDLILKPGVVHVIDIDRGDEKKGKDSSGEVLSSV
;
_struct_ref.pdbx_align_begin           23 
_struct_ref.pdbx_db_isoform            ? 
# 
_struct_ref_seq.align_id                      1 
_struct_ref_seq.ref_id                        1 
_struct_ref_seq.pdbx_PDB_id_code              2D57 
_struct_ref_seq.pdbx_strand_id                A 
_struct_ref_seq.seq_align_beg                 1 
_struct_ref_seq.pdbx_seq_align_beg_ins_code   ? 
_struct_ref_seq.seq_align_end                 301 
_struct_ref_seq.pdbx_seq_align_end_ins_code   ? 
_struct_ref_seq.pdbx_db_accession             P47863 
_struct_ref_seq.db_align_beg                  23 
_struct_ref_seq.pdbx_db_align_beg_ins_code    ? 
_struct_ref_seq.db_align_end                  323 
_struct_ref_seq.pdbx_db_align_end_ins_code    ? 
_struct_ref_seq.pdbx_auth_seq_align_beg       23 
_struct_ref_seq.pdbx_auth_seq_align_end       323 
# 
loop_
_chem_comp.id 
_chem_comp.type 
_chem_comp.mon_nstd_flag 
_chem_comp.name 
_chem_comp.pdbx_synonyms 
_chem_comp.formula 
_chem_comp.formula_weight 
ALA 'L-peptide linking' y ALANINE         ? 'C3 H7 N O2'     89.093  
ARG 'L-peptide linking' y ARGININE        ? 'C6 H15 N4 O2 1' 175.209 
ASN 'L-peptide linking' y ASPARAGINE      ? 'C4 H8 N2 O3'    132.118 
ASP 'L-peptide linking' y 'ASPARTIC ACID' ? 'C4 H7 N O4'     133.103 
CYS 'L-peptide linking' y CYSTEINE        ? 'C3 H7 N O2 S'   121.158 
GLN 'L-peptide linking' y GLUTAMINE       ? 'C5 H10 N2 O3'   146.144 
GLU 'L-peptide linking' y 'GLUTAMIC ACID' ? 'C5 H9 N O4'     147.129 
GLY 'peptide linking'   y GLYCINE         ? 'C2 H5 N O2'     75.067  
HIS 'L-peptide linking' y HISTIDINE       ? 'C6 H10 N3 O2 1' 156.162 
ILE 'L-peptide linking' y ISOLEUCINE      ? 'C6 H13 N O2'    131.173 
LEU 'L-peptide linking' y LEUCINE         ? 'C6 H13 N O2'    131.173 
LYS 'L-peptide linking' y LYSINE          ? 'C6 H15 N2 O2 1' 147.195 
MET 'L-peptide linking' y METHIONINE      ? 'C5 H11 N O2 S'  149.211 
PHE 'L-peptide linking' y PHENYLALANINE   ? 'C9 H11 N O2'    165.189 
PRO 'L-peptide linking' y PROLINE         ? 'C5 H9 N O2'     115.130 
SER 'L-peptide linking' y SERINE          ? 'C3 H7 N O3'     105.093 
THR 'L-peptide linking' y THREONINE       ? 'C4 H9 N O3'     119.119 
TRP 'L-peptide linking' y TRYPTOPHAN      ? 'C11 H12 N2 O2'  204.225 
TYR 'L-peptide linking' y TYROSINE        ? 'C9 H11 N O3'    181.189 
VAL 'L-peptide linking' y VALINE          ? 'C5 H11 N O2'    117.146 
# 
_exptl.entry_id          2D57 
_exptl.method            'ELECTRON CRYSTALLOGRAPHY' 
_exptl.crystals_number   1 
# 
_exptl_crystal.id                    1 
_exptl_crystal.density_meas          ? 
_exptl_crystal.density_Matthews      2.96 
_exptl_crystal.density_percent_sol   58.41 
_exptl_crystal.description           ? 
_exptl_crystal.F_000                 ? 
_exptl_crystal.preparation           ? 
# 
_exptl_crystal_grow.crystal_id      1 
_exptl_crystal_grow.method          dialysys 
_exptl_crystal_grow.temp            293 
_exptl_crystal_grow.temp_details    ? 
_exptl_crystal_grow.pH              6.0 
_exptl_crystal_grow.pdbx_details    '10mM MES(pH 6.0), 100mM NaCl, 50mM MgCl2, 2mM DTT, 1% glycerol, dialysys, temperature 293K' 
_exptl_crystal_grow.pdbx_pH_range   . 
# 
_diffrn.id                     1 
_diffrn.ambient_temp           4.2 
_diffrn.ambient_temp_details   'data was collected by electron microscope equipped with a helium stage' 
_diffrn.crystal_id             1 
# 
_diffrn_detector.diffrn_id              1 
_diffrn_detector.detector               CCD 
_diffrn_detector.type                   'GATAN ULTRASCAN' 
_diffrn_detector.pdbx_collection_date   2002-04-01 
_diffrn_detector.details                ? 
# 
_diffrn_radiation.diffrn_id                        1 
_diffrn_radiation.wavelength_id                    1 
_diffrn_radiation.pdbx_monochromatic_or_laue_m_l   M 
_diffrn_radiation.monochromator                    ? 
_diffrn_radiation.pdbx_diffrn_protocol             'SINGLE WAVELENGTH' 
_diffrn_radiation.pdbx_scattering_type             electron 
# 
_diffrn_radiation_wavelength.id           1 
_diffrn_radiation_wavelength.wavelength   0.01968 
_diffrn_radiation_wavelength.wt           1.0 
# 
_diffrn_source.diffrn_id                   1 
_diffrn_source.source                      'ELECTRON MICROSCOPE' 
_diffrn_source.type                        ? 
_diffrn_source.pdbx_synchrotron_site       ? 
_diffrn_source.pdbx_synchrotron_beamline   ? 
_diffrn_source.pdbx_wavelength             ? 
_diffrn_source.pdbx_wavelength_list        0.01968 
# 
_reflns.entry_id                     2D57 
_reflns.observed_criterion_sigma_I   0.0 
_reflns.observed_criterion_sigma_F   0.0 
_reflns.d_resolution_low             22.21 
_reflns.d_resolution_high            3.20 
_reflns.number_obs                   5992 
_reflns.number_all                   6888 
_reflns.percent_possible_obs         87.0 
_reflns.pdbx_Rmerge_I_obs            0.223 
_reflns.pdbx_Rsym_value              ? 
_reflns.pdbx_netI_over_sigmaI        ? 
_reflns.B_iso_Wilson_estimate        ? 
_reflns.pdbx_redundancy              ? 
_reflns.R_free_details               ? 
_reflns.limit_h_max                  ? 
_reflns.limit_h_min                  ? 
_reflns.limit_k_max                  ? 
_reflns.limit_k_min                  ? 
_reflns.limit_l_max                  ? 
_reflns.limit_l_min                  ? 
_reflns.observed_criterion_F_max     ? 
_reflns.observed_criterion_F_min     ? 
_reflns.pdbx_chi_squared             ? 
_reflns.pdbx_scaling_rejects         ? 
_reflns.pdbx_ordinal                 1 
_reflns.pdbx_diffrn_id               1 
# 
_reflns_shell.d_res_high             3.20 
_reflns_shell.d_res_low              3.40 
_reflns_shell.percent_possible_all   85.8 
_reflns_shell.Rmerge_I_obs           0.445 
_reflns_shell.pdbx_Rsym_value        ? 
_reflns_shell.meanI_over_sigI_obs    ? 
_reflns_shell.pdbx_redundancy        ? 
_reflns_shell.percent_possible_obs   ? 
_reflns_shell.number_unique_all      ? 
_reflns_shell.number_measured_all    ? 
_reflns_shell.number_measured_obs    ? 
_reflns_shell.number_unique_obs      ? 
_reflns_shell.pdbx_chi_squared       ? 
_reflns_shell.pdbx_ordinal           1 
_reflns_shell.pdbx_diffrn_id         1 
# 
_refine.entry_id                                 2D57 
_refine.ls_number_reflns_obs                     5992 
_refine.ls_number_reflns_all                     6888 
_refine.pdbx_ls_sigma_I                          ? 
_refine.pdbx_ls_sigma_F                          0.000 
_refine.pdbx_data_cutoff_high_absF               ? 
_refine.pdbx_data_cutoff_low_absF                ? 
_refine.pdbx_data_cutoff_high_rms_absF           ? 
_refine.ls_d_res_low                             22.21 
_refine.ls_d_res_high                            3.20 
_refine.ls_percent_reflns_obs                    87.0 
_refine.ls_R_factor_obs                          0.283 
_refine.ls_R_factor_all                          0.286 
_refine.ls_R_factor_R_work                       0.283 
_refine.ls_R_factor_R_free                       0.338 
_refine.ls_R_factor_R_free_error                 0.018 
_refine.ls_R_factor_R_free_error_details         ? 
_refine.ls_percent_reflns_R_free                 5.6 
_refine.ls_number_reflns_R_free                  337 
_refine.ls_number_parameters                     ? 
_refine.ls_number_restraints                     ? 
_refine.occupancy_min                            ? 
_refine.occupancy_max                            ? 
_refine.correlation_coeff_Fo_to_Fc               ? 
_refine.correlation_coeff_Fo_to_Fc_free          ? 
_refine.B_iso_mean                               53.7 
_refine.aniso_B[1][1]                            -25.43 
_refine.aniso_B[2][2]                            -25.43 
_refine.aniso_B[3][3]                            50.86 
_refine.aniso_B[1][2]                            0.00 
_refine.aniso_B[1][3]                            0.00 
_refine.aniso_B[2][3]                            0.00 
_refine.solvent_model_details                    'FLAT MODEL' 
_refine.solvent_model_param_ksol                 0.147131 
_refine.solvent_model_param_bsol                 83.0511 
_refine.pdbx_solvent_vdw_probe_radii             ? 
_refine.pdbx_solvent_ion_probe_radii             ? 
_refine.pdbx_solvent_shrinkage_radii             ? 
_refine.pdbx_ls_cross_valid_method               THROUGHOUT 
_refine.details                                  ? 
_refine.pdbx_starting_model                      'PDB ENTRY 1J4N' 
_refine.pdbx_method_to_determine_struct          'MOLECULAR REPLACEMENT' 
_refine.pdbx_isotropic_thermal_model             RESTRAINED 
_refine.pdbx_stereochemistry_target_values       'Engh & Huber' 
_refine.pdbx_stereochem_target_val_spec_case     ? 
_refine.pdbx_R_Free_selection_details            RANDOM 
_refine.pdbx_overall_ESU_R                       ? 
_refine.pdbx_overall_ESU_R_Free                  ? 
_refine.overall_SU_ML                            ? 
_refine.overall_SU_B                             ? 
_refine.ls_redundancy_reflns_obs                 ? 
_refine.B_iso_min                                ? 
_refine.B_iso_max                                ? 
_refine.overall_SU_R_Cruickshank_DPI             ? 
_refine.overall_SU_R_free                        ? 
_refine.pdbx_overall_phase_error                 ? 
_refine.ls_wR_factor_R_free                      ? 
_refine.ls_wR_factor_R_work                      ? 
_refine.overall_FOM_free_R_set                   ? 
_refine.overall_FOM_work_R_set                   ? 
_refine.pdbx_refine_id                           'ELECTRON CRYSTALLOGRAPHY' 
_refine.pdbx_diffrn_id                           1 
_refine.pdbx_TLS_residual_ADP_flag               ? 
_refine.pdbx_overall_SU_R_free_Cruickshank_DPI   ? 
_refine.pdbx_overall_SU_R_Blow_DPI               ? 
_refine.pdbx_overall_SU_R_free_Blow_DPI          ? 
# 
_refine_analyze.entry_id                        2D57 
_refine_analyze.Luzzati_coordinate_error_obs    0.48 
_refine_analyze.Luzzati_sigma_a_obs             0.65 
_refine_analyze.Luzzati_d_res_low_obs           5.00 
_refine_analyze.Luzzati_coordinate_error_free   0.63 
_refine_analyze.Luzzati_sigma_a_free            0.77 
_refine_analyze.Luzzati_d_res_low_free          ? 
_refine_analyze.number_disordered_residues      ? 
_refine_analyze.occupancy_sum_hydrogen          ? 
_refine_analyze.occupancy_sum_non_hydrogen      ? 
_refine_analyze.pdbx_Luzzati_d_res_high_obs     ? 
_refine_analyze.pdbx_refine_id                  'ELECTRON CRYSTALLOGRAPHY' 
# 
_refine_hist.pdbx_refine_id                   'ELECTRON CRYSTALLOGRAPHY' 
_refine_hist.cycle_id                         LAST 
_refine_hist.pdbx_number_atoms_protein        1659 
_refine_hist.pdbx_number_atoms_nucleic_acid   0 
_refine_hist.pdbx_number_atoms_ligand         0 
_refine_hist.number_atoms_solvent             0 
_refine_hist.number_atoms_total               1659 
_refine_hist.d_res_high                       3.20 
_refine_hist.d_res_low                        22.21 
# 
loop_
_refine_ls_restr.type 
_refine_ls_restr.dev_ideal 
_refine_ls_restr.dev_ideal_target 
_refine_ls_restr.weight 
_refine_ls_restr.number 
_refine_ls_restr.pdbx_refine_id 
_refine_ls_restr.pdbx_restraint_function 
c_bond_d           0.011 ?    ? ? 'ELECTRON CRYSTALLOGRAPHY' ? 
c_angle_deg        1.6   ?    ? ? 'ELECTRON CRYSTALLOGRAPHY' ? 
c_dihedral_angle_d 19.1  ?    ? ? 'ELECTRON CRYSTALLOGRAPHY' ? 
c_improper_angle_d 1.10  ?    ? ? 'ELECTRON CRYSTALLOGRAPHY' ? 
c_mcbond_it        10.90 1.50 ? ? 'ELECTRON CRYSTALLOGRAPHY' ? 
c_mcangle_it       16.90 2.00 ? ? 'ELECTRON CRYSTALLOGRAPHY' ? 
c_scbond_it        13.55 2.00 ? ? 'ELECTRON CRYSTALLOGRAPHY' ? 
c_scangle_it       19.19 2.50 ? ? 'ELECTRON CRYSTALLOGRAPHY' ? 
# 
_refine_ls_shell.pdbx_total_number_of_bins_used   6 
_refine_ls_shell.d_res_high                       3.20 
_refine_ls_shell.d_res_low                        3.40 
_refine_ls_shell.number_reflns_R_work             891 
_refine_ls_shell.R_factor_R_work                  0.34 
_refine_ls_shell.percent_reflns_obs               85.8 
_refine_ls_shell.R_factor_R_free                  0.387 
_refine_ls_shell.R_factor_R_free_error            0.049 
_refine_ls_shell.percent_reflns_R_free            6.6 
_refine_ls_shell.number_reflns_R_free             63 
_refine_ls_shell.number_reflns_obs                891 
_refine_ls_shell.redundancy_reflns_obs            ? 
_refine_ls_shell.number_reflns_all                ? 
_refine_ls_shell.R_factor_all                     ? 
_refine_ls_shell.pdbx_refine_id                   'ELECTRON CRYSTALLOGRAPHY' 
# 
_pdbx_xplor_file.serial_no        1 
_pdbx_xplor_file.param_file       protein_rep.param 
_pdbx_xplor_file.topol_file       protein.top 
_pdbx_xplor_file.pdbx_refine_id   'ELECTRON CRYSTALLOGRAPHY' 
# 
_struct.entry_id                  2D57 
_struct.title                     
'Double layered 2D crystal structure of AQUAPORIN-4 (AQP4M23) at 3.2 a resolution by electron crystallography' 
_struct.pdbx_model_details        ? 
_struct.pdbx_CASP_flag            ? 
_struct.pdbx_model_type_details   ? 
# 
_struct_keywords.entry_id        2D57 
_struct_keywords.pdbx_keywords   'TRANSPORT PROTEIN' 
_struct_keywords.text            
;WATER TRANSPORT, WATER CHANNEL, AQUAPORIN, TWO-DIMENSIONAL CRYSTAL, MEMBRANE PROTEIN, BACULOVIRUS EXPRESSION SYSTEM, TRANSPORT PROTEIN
;
# 
_struct_asym.id                            A 
_struct_asym.pdbx_blank_PDB_chainid_flag   N 
_struct_asym.pdbx_modified                 N 
_struct_asym.entity_id                     1 
_struct_asym.details                       ? 
# 
loop_
_struct_conf.conf_type_id 
_struct_conf.id 
_struct_conf.pdbx_PDB_helix_id 
_struct_conf.beg_label_comp_id 
_struct_conf.beg_label_asym_id 
_struct_conf.beg_label_seq_id 
_struct_conf.pdbx_beg_PDB_ins_code 
_struct_conf.end_label_comp_id 
_struct_conf.end_label_asym_id 
_struct_conf.end_label_seq_id 
_struct_conf.pdbx_end_PDB_ins_code 
_struct_conf.beg_auth_comp_id 
_struct_conf.beg_auth_asym_id 
_struct_conf.beg_auth_seq_id 
_struct_conf.end_auth_comp_id 
_struct_conf.end_auth_asym_id 
_struct_conf.end_auth_seq_id 
_struct_conf.pdbx_PDB_helix_class 
_struct_conf.details 
_struct_conf.pdbx_PDB_helix_length 
HELX_P HELX_P1 1 GLN A 10  ? GLY A 38  ? GLN A 32  GLY A 60  1 ? 29 
HELX_P HELX_P2 2 PRO A 45  ? GLY A 71  ? PRO A 67  GLY A 93  1 ? 27 
HELX_P HELX_P3 3 ASN A 75  ? ARG A 86  ? ASN A 97  ARG A 108 1 ? 12 
HELX_P HELX_P4 4 SER A 89  ? THR A 115 ? SER A 111 THR A 137 1 ? 27 
HELX_P HELX_P5 5 SER A 118 ? GLY A 122 ? SER A 140 GLY A 144 5 ? 5  
HELX_P HELX_P6 6 THR A 133 ? ASP A 157 ? THR A 155 ASP A 179 1 ? 25 
HELX_P HELX_P7 7 SER A 166 ? GLY A 187 ? SER A 188 GLY A 209 1 ? 22 
HELX_P HELX_P8 8 ASN A 191 ? GLY A 203 ? ASN A 213 GLY A 225 1 ? 13 
HELX_P HELX_P9 9 HIS A 208 ? TYR A 228 ? HIS A 230 TYR A 250 1 ? 21 
# 
_struct_conf_type.id          HELX_P 
_struct_conf_type.criteria    ? 
_struct_conf_type.reference   ? 
# 
_atom_sites.entry_id                    2D57 
_atom_sites.fract_transf_matrix[1][1]   0.00228336 
_atom_sites.fract_transf_matrix[1][2]   0.00145375 
_atom_sites.fract_transf_matrix[1][3]   -0.01423797 
_atom_sites.fract_transf_matrix[2][1]   0.00266750 
_atom_sites.fract_transf_matrix[2][2]   0.01412217 
_atom_sites.fract_transf_matrix[2][3]   0.00186972 
_atom_sites.fract_transf_matrix[3][1]   0.00606380 
_atom_sites.fract_transf_matrix[3][2]   -0.00125713 
_atom_sites.fract_transf_matrix[3][3]   0.00084410 
_atom_sites.fract_transf_vector[1]      0.262182 
_atom_sites.fract_transf_vector[2]      0.612877 
_atom_sites.fract_transf_vector[3]      0.860346 
# 
loop_
_atom_type.symbol 
C 
N 
O 
S 
# 
loop_
_atom_site.group_PDB 
_atom_site.id 
_atom_site.type_symbol 
_atom_site.label_atom_id 
_atom_site.label_alt_id 
_atom_site.label_comp_id 
_atom_site.label_asym_id 
_atom_site.label_entity_id 
_atom_site.label_seq_id 
_atom_site.pdbx_PDB_ins_code 
_atom_site.Cartn_x 
_atom_site.Cartn_y 
_atom_site.Cartn_z 
_atom_site.occupancy 
_atom_site.B_iso_or_equiv 
_atom_site.pdbx_formal_charge 
_atom_site.auth_seq_id 
_atom_site.auth_comp_id 
_atom_site.auth_asym_id 
_atom_site.auth_atom_id 
_atom_site.pdbx_PDB_model_num 
ATOM 1    N N   . THR A 1 9   ? -17.726 20.873  -6.667  1.00 75.67  ? 31  THR A N   1 
ATOM 2    C CA  . THR A 1 9   ? -16.383 20.239  -6.575  1.00 75.67  ? 31  THR A CA  1 
ATOM 3    C C   . THR A 1 9   ? -15.961 20.226  -5.108  1.00 75.67  ? 31  THR A C   1 
ATOM 4    O O   . THR A 1 9   ? -16.206 19.248  -4.414  1.00 75.67  ? 31  THR A O   1 
ATOM 5    C CB  . THR A 1 9   ? -15.320 21.020  -7.430  1.00 61.77  ? 31  THR A CB  1 
ATOM 6    O OG1 . THR A 1 9   ? -15.836 21.247  -8.750  1.00 61.77  ? 31  THR A OG1 1 
ATOM 7    C CG2 . THR A 1 9   ? -14.018 20.224  -7.553  1.00 61.77  ? 31  THR A CG2 1 
ATOM 8    N N   . GLN A 1 10  ? -15.358 21.326  -4.655  1.00 55.42  ? 32  GLN A N   1 
ATOM 9    C CA  . GLN A 1 10  ? -14.856 21.506  -3.283  1.00 55.42  ? 32  GLN A CA  1 
ATOM 10   C C   . GLN A 1 10  ? -15.033 20.365  -2.282  1.00 55.42  ? 32  GLN A C   1 
ATOM 11   O O   . GLN A 1 10  ? -14.095 20.027  -1.564  1.00 55.42  ? 32  GLN A O   1 
ATOM 12   C CB  . GLN A 1 10  ? -15.388 22.833  -2.683  1.00 95.99  ? 32  GLN A CB  1 
ATOM 13   C CG  . GLN A 1 10  ? -14.508 24.076  -3.019  1.00 95.99  ? 32  GLN A CG  1 
ATOM 14   C CD  . GLN A 1 10  ? -15.114 25.396  -2.571  1.00 95.99  ? 32  GLN A CD  1 
ATOM 15   O OE1 . GLN A 1 10  ? -15.434 25.581  -1.396  1.00 95.99  ? 32  GLN A OE1 1 
ATOM 16   N NE2 . GLN A 1 10  ? -15.265 26.327  -3.510  1.00 95.99  ? 32  GLN A NE2 1 
ATOM 17   N N   . ALA A 1 11  ? -16.216 19.776  -2.207  1.00 72.34  ? 33  ALA A N   1 
ATOM 18   C CA  . ALA A 1 11  ? -16.383 18.658  -1.293  1.00 72.34  ? 33  ALA A CA  1 
ATOM 19   C C   . ALA A 1 11  ? -15.283 17.651  -1.663  1.00 72.34  ? 33  ALA A C   1 
ATOM 20   O O   . ALA A 1 11  ? -14.658 17.037  -0.799  1.00 72.34  ? 33  ALA A O   1 
ATOM 21   C CB  . ALA A 1 11  ? -17.763 18.036  -1.471  1.00 65.71  ? 33  ALA A CB  1 
ATOM 22   N N   . PHE A 1 12  ? -15.041 17.521  -2.963  1.00 39.29  ? 34  PHE A N   1 
ATOM 23   C CA  . PHE A 1 12  ? -14.024 16.628  -3.500  1.00 39.29  ? 34  PHE A CA  1 
ATOM 24   C C   . PHE A 1 12  ? -12.630 16.992  -2.961  1.00 39.29  ? 34  PHE A C   1 
ATOM 25   O O   . PHE A 1 12  ? -11.867 16.114  -2.551  1.00 39.29  ? 34  PHE A O   1 
ATOM 26   C CB  . PHE A 1 12  ? -14.091 16.697  -5.029  1.00 102.12 ? 34  PHE A CB  1 
ATOM 27   C CG  . PHE A 1 12  ? -12.867 16.203  -5.727  1.00 102.12 ? 34  PHE A CG  1 
ATOM 28   C CD1 . PHE A 1 12  ? -11.786 17.045  -5.927  1.00 102.12 ? 34  PHE A CD1 1 
ATOM 29   C CD2 . PHE A 1 12  ? -12.808 14.908  -6.227  1.00 102.12 ? 34  PHE A CD2 1 
ATOM 30   C CE1 . PHE A 1 12  ? -10.667 16.608  -6.623  1.00 102.12 ? 34  PHE A CE1 1 
ATOM 31   C CE2 . PHE A 1 12  ? -11.686 14.467  -6.922  1.00 102.12 ? 34  PHE A CE2 1 
ATOM 32   C CZ  . PHE A 1 12  ? -10.615 15.316  -7.121  1.00 102.12 ? 34  PHE A CZ  1 
ATOM 33   N N   . TRP A 1 13  ? -12.311 18.283  -2.950  1.00 29.75  ? 35  TRP A N   1 
ATOM 34   C CA  . TRP A 1 13  ? -11.023 18.754  -2.448  1.00 29.75  ? 35  TRP A CA  1 
ATOM 35   C C   . TRP A 1 13  ? -10.693 18.115  -1.095  1.00 29.75  ? 35  TRP A C   1 
ATOM 36   O O   . TRP A 1 13  ? -9.534  17.768  -0.837  1.00 29.75  ? 35  TRP A O   1 
ATOM 37   C CB  . TRP A 1 13  ? -11.040 20.268  -2.291  1.00 82.59  ? 35  TRP A CB  1 
ATOM 38   C CG  . TRP A 1 13  ? -10.513 21.052  -3.456  1.00 82.59  ? 35  TRP A CG  1 
ATOM 39   C CD1 . TRP A 1 13  ? -10.504 22.411  -3.572  1.00 82.59  ? 35  TRP A CD1 1 
ATOM 40   C CD2 . TRP A 1 13  ? -9.896  20.544  -4.649  1.00 82.59  ? 35  TRP A CD2 1 
ATOM 41   N NE1 . TRP A 1 13  ? -9.916  22.788  -4.761  1.00 82.59  ? 35  TRP A NE1 1 
ATOM 42   C CE2 . TRP A 1 13  ? -9.533  21.661  -5.443  1.00 82.59  ? 35  TRP A CE2 1 
ATOM 43   C CE3 . TRP A 1 13  ? -9.608  19.258  -5.126  1.00 82.59  ? 35  TRP A CE3 1 
ATOM 44   C CZ2 . TRP A 1 13  ? -8.902  21.527  -6.688  1.00 82.59  ? 35  TRP A CZ2 1 
ATOM 45   C CZ3 . TRP A 1 13  ? -8.980  19.126  -6.363  1.00 82.59  ? 35  TRP A CZ3 1 
ATOM 46   C CH2 . TRP A 1 13  ? -8.634  20.254  -7.128  1.00 82.59  ? 35  TRP A CH2 1 
ATOM 47   N N   . LYS A 1 14  ? -11.704 17.966  -0.235  1.00 38.41  ? 36  LYS A N   1 
ATOM 48   C CA  . LYS A 1 14  ? -11.510 17.354  1.084   1.00 38.41  ? 36  LYS A CA  1 
ATOM 49   C C   . LYS A 1 14  ? -11.072 15.902  0.912   1.00 38.41  ? 36  LYS A C   1 
ATOM 50   O O   . LYS A 1 14  ? -10.204 15.403  1.637   1.00 38.41  ? 36  LYS A O   1 
ATOM 51   C CB  . LYS A 1 14  ? -12.812 17.380  1.892   1.00 73.42  ? 36  LYS A CB  1 
ATOM 52   C CG  . LYS A 1 14  ? -13.277 18.761  2.353   1.00 73.42  ? 36  LYS A CG  1 
ATOM 53   C CD  . LYS A 1 14  ? -13.848 19.606  1.209   1.00 73.42  ? 36  LYS A CD  1 
ATOM 54   C CE  . LYS A 1 14  ? -14.216 21.010  1.690   1.00 73.42  ? 36  LYS A CE  1 
ATOM 55   N NZ  . LYS A 1 14  ? -13.046 21.713  2.320   1.00 73.42  ? 36  LYS A NZ  1 
ATOM 56   N N   . ALA A 1 15  ? -11.698 15.234  -0.054  1.00 43.54  ? 37  ALA A N   1 
ATOM 57   C CA  . ALA A 1 15  ? -11.420 13.840  -0.353  1.00 43.54  ? 37  ALA A CA  1 
ATOM 58   C C   . ALA A 1 15  ? -9.969  13.669  -0.800  1.00 43.54  ? 37  ALA A C   1 
ATOM 59   O O   . ALA A 1 15  ? -9.252  12.809  -0.294  1.00 43.54  ? 37  ALA A O   1 
ATOM 60   C CB  . ALA A 1 15  ? -12.368 13.360  -1.420  1.00 62.02  ? 37  ALA A CB  1 
ATOM 61   N N   . VAL A 1 16  ? -9.544  14.478  -1.763  1.00 53.24  ? 38  VAL A N   1 
ATOM 62   C CA  . VAL A 1 16  ? -8.167  14.428  -2.237  1.00 53.24  ? 38  VAL A CA  1 
ATOM 63   C C   . VAL A 1 16  ? -7.252  14.709  -1.049  1.00 53.24  ? 38  VAL A C   1 
ATOM 64   O O   . VAL A 1 16  ? -6.197  14.089  -0.898  1.00 53.24  ? 38  VAL A O   1 
ATOM 65   C CB  . VAL A 1 16  ? -7.903  15.518  -3.265  1.00 74.71  ? 38  VAL A CB  1 
ATOM 66   C CG1 . VAL A 1 16  ? -6.520  15.341  -3.884  1.00 74.71  ? 38  VAL A CG1 1 
ATOM 67   C CG2 . VAL A 1 16  ? -8.992  15.502  -4.290  1.00 74.71  ? 38  VAL A CG2 1 
ATOM 68   N N   . THR A 1 17  ? -7.668  15.671  -0.227  1.00 43.91  ? 39  THR A N   1 
ATOM 69   C CA  . THR A 1 17  ? -6.919  16.072  0.954   1.00 43.91  ? 39  THR A CA  1 
ATOM 70   C C   . THR A 1 17  ? -6.801  14.936  1.958   1.00 43.91  ? 39  THR A C   1 
ATOM 71   O O   . THR A 1 17  ? -5.696  14.531  2.321   1.00 43.91  ? 39  THR A O   1 
ATOM 72   C CB  . THR A 1 17  ? -7.578  17.283  1.633   1.00 44.24  ? 39  THR A CB  1 
ATOM 73   O OG1 . THR A 1 17  ? -7.488  18.423  0.768   1.00 44.24  ? 39  THR A OG1 1 
ATOM 74   C CG2 . THR A 1 17  ? -6.891  17.596  2.956   1.00 44.24  ? 39  THR A CG2 1 
ATOM 75   N N   . ALA A 1 18  ? -7.936  14.423  2.415   1.00 46.61  ? 40  ALA A N   1 
ATOM 76   C CA  . ALA A 1 18  ? -7.895  13.316  3.350   1.00 46.61  ? 40  ALA A CA  1 
ATOM 77   C C   . ALA A 1 18  ? -6.905  12.316  2.772   1.00 46.61  ? 40  ALA A C   1 
ATOM 78   O O   . ALA A 1 18  ? -5.960  11.904  3.436   1.00 46.61  ? 40  ALA A O   1 
ATOM 79   C CB  . ALA A 1 18  ? -9.276  12.673  3.484   1.00 53.58  ? 40  ALA A CB  1 
ATOM 80   N N   . GLU A 1 19  ? -7.106  11.979  1.506   1.00 71.15  ? 41  GLU A N   1 
ATOM 81   C CA  . GLU A 1 19  ? -6.262  11.017  0.835   1.00 71.15  ? 41  GLU A CA  1 
ATOM 82   C C   . GLU A 1 19  ? -4.775  11.341  0.882   1.00 71.15  ? 41  GLU A C   1 
ATOM 83   O O   . GLU A 1 19  ? -3.957  10.449  1.105   1.00 71.15  ? 41  GLU A O   1 
ATOM 84   C CB  . GLU A 1 19  ? -6.715  10.852  -0.609  1.00 45.60  ? 41  GLU A CB  1 
ATOM 85   C CG  . GLU A 1 19  ? -6.299  9.523   -1.199  1.00 45.60  ? 41  GLU A CG  1 
ATOM 86   C CD  . GLU A 1 19  ? -6.904  8.371   -0.441  1.00 45.60  ? 41  GLU A CD  1 
ATOM 87   O OE1 . GLU A 1 19  ? -7.071  8.504   0.789   1.00 45.60  ? 41  GLU A OE1 1 
ATOM 88   O OE2 . GLU A 1 19  ? -7.203  7.332   -1.071  1.00 45.60  ? 41  GLU A OE2 1 
ATOM 89   N N   . PHE A 1 20  ? -4.415  12.601  0.653   1.00 55.42  ? 42  PHE A N   1 
ATOM 90   C CA  . PHE A 1 20  ? -3.011  12.983  0.704   1.00 55.42  ? 42  PHE A CA  1 
ATOM 91   C C   . PHE A 1 20  ? -2.529  12.693  2.112   1.00 55.42  ? 42  PHE A C   1 
ATOM 92   O O   . PHE A 1 20  ? -1.494  12.058  2.310   1.00 55.42  ? 42  PHE A O   1 
ATOM 93   C CB  . PHE A 1 20  ? -2.842  14.475  0.401   1.00 38.27  ? 42  PHE A CB  1 
ATOM 94   C CG  . PHE A 1 20  ? -1.531  15.076  0.909   1.00 38.27  ? 42  PHE A CG  1 
ATOM 95   C CD1 . PHE A 1 20  ? -0.357  14.978  0.167   1.00 38.27  ? 42  PHE A CD1 1 
ATOM 96   C CD2 . PHE A 1 20  ? -1.496  15.802  2.113   1.00 38.27  ? 42  PHE A CD2 1 
ATOM 97   C CE1 . PHE A 1 20  ? 0.820   15.596  0.614   1.00 38.27  ? 42  PHE A CE1 1 
ATOM 98   C CE2 . PHE A 1 20  ? -0.314  16.424  2.562   1.00 38.27  ? 42  PHE A CE2 1 
ATOM 99   C CZ  . PHE A 1 20  ? 0.836   16.322  1.812   1.00 38.27  ? 42  PHE A CZ  1 
ATOM 100  N N   . LEU A 1 21  ? -3.293  13.149  3.091   1.00 44.59  ? 43  LEU A N   1 
ATOM 101  C CA  . LEU A 1 21  ? -2.915  12.943  4.471   1.00 44.59  ? 43  LEU A CA  1 
ATOM 102  C C   . LEU A 1 21  ? -2.780  11.478  4.910   1.00 44.59  ? 43  LEU A C   1 
ATOM 103  O O   . LEU A 1 21  ? -1.793  11.098  5.550   1.00 44.59  ? 43  LEU A O   1 
ATOM 104  C CB  . LEU A 1 21  ? -3.889  13.682  5.377   1.00 60.46  ? 43  LEU A CB  1 
ATOM 105  C CG  . LEU A 1 21  ? -3.299  15.010  5.858   1.00 60.46  ? 43  LEU A CG  1 
ATOM 106  C CD1 . LEU A 1 21  ? -4.345  15.820  6.612   1.00 60.46  ? 43  LEU A CD1 1 
ATOM 107  C CD2 . LEU A 1 21  ? -2.095  14.723  6.753   1.00 60.46  ? 43  LEU A CD2 1 
ATOM 108  N N   . ALA A 1 22  ? -3.767  10.655  4.570   1.00 95.87  ? 44  ALA A N   1 
ATOM 109  C CA  . ALA A 1 22  ? -3.734  9.245   4.942   1.00 95.87  ? 44  ALA A CA  1 
ATOM 110  C C   . ALA A 1 22  ? -2.452  8.577   4.476   1.00 95.87  ? 44  ALA A C   1 
ATOM 111  O O   . ALA A 1 22  ? -1.814  7.852   5.240   1.00 95.87  ? 44  ALA A O   1 
ATOM 112  C CB  . ALA A 1 22  ? -4.945  8.510   4.369   1.00 25.25  ? 44  ALA A CB  1 
ATOM 113  N N   . MET A 1 23  ? -2.068  8.818   3.229   1.00 55.77  ? 45  MET A N   1 
ATOM 114  C CA  . MET A 1 23  ? -0.854  8.202   2.732   1.00 55.77  ? 45  MET A CA  1 
ATOM 115  C C   . MET A 1 23  ? 0.350   8.651   3.580   1.00 55.77  ? 45  MET A C   1 
ATOM 116  O O   . MET A 1 23  ? 1.058   7.805   4.148   1.00 55.77  ? 45  MET A O   1 
ATOM 117  C CB  . MET A 1 23  ? -0.620  8.541   1.251   1.00 38.44  ? 45  MET A CB  1 
ATOM 118  C CG  . MET A 1 23  ? 0.360   7.573   0.551   1.00 38.44  ? 45  MET A CG  1 
ATOM 119  S SD  . MET A 1 23  ? -0.167  5.841   0.786   1.00 38.44  ? 45  MET A SD  1 
ATOM 120  C CE  . MET A 1 23  ? 1.316   4.890   0.496   1.00 38.44  ? 45  MET A CE  1 
ATOM 121  N N   . LEU A 1 24  ? 0.572   9.965   3.694   1.00 36.84  ? 46  LEU A N   1 
ATOM 122  C CA  . LEU A 1 24  ? 1.715   10.484  4.456   1.00 36.84  ? 46  LEU A CA  1 
ATOM 123  C C   . LEU A 1 24  ? 1.895   9.828   5.838   1.00 36.84  ? 46  LEU A C   1 
ATOM 124  O O   . LEU A 1 24  ? 2.984   9.331   6.165   1.00 36.84  ? 46  LEU A O   1 
ATOM 125  C CB  . LEU A 1 24  ? 1.602   12.009  4.573   1.00 41.11  ? 46  LEU A CB  1 
ATOM 126  C CG  . LEU A 1 24  ? 1.365   12.731  5.904   1.00 41.11  ? 46  LEU A CG  1 
ATOM 127  C CD1 . LEU A 1 24  ? 2.597   12.655  6.812   1.00 41.11  ? 46  LEU A CD1 1 
ATOM 128  C CD2 . LEU A 1 24  ? 1.041   14.192  5.596   1.00 41.11  ? 46  LEU A CD2 1 
ATOM 129  N N   . ILE A 1 25  ? 0.825   9.811   6.629   1.00 27.97  ? 47  ILE A N   1 
ATOM 130  C CA  . ILE A 1 25  ? 0.855   9.209   7.958   1.00 27.97  ? 47  ILE A CA  1 
ATOM 131  C C   . ILE A 1 25  ? 1.194   7.727   7.910   1.00 27.97  ? 47  ILE A C   1 
ATOM 132  O O   . ILE A 1 25  ? 1.941   7.227   8.761   1.00 27.97  ? 47  ILE A O   1 
ATOM 133  C CB  . ILE A 1 25  ? -0.499  9.354   8.659   1.00 25.32  ? 47  ILE A CB  1 
ATOM 134  C CG1 . ILE A 1 25  ? -0.576  10.732  9.321   1.00 25.32  ? 47  ILE A CG1 1 
ATOM 135  C CG2 . ILE A 1 25  ? -0.691  8.228   9.661   1.00 25.32  ? 47  ILE A CG2 1 
ATOM 136  C CD1 . ILE A 1 25  ? -1.954  11.104  9.905   1.00 25.32  ? 47  ILE A CD1 1 
ATOM 137  N N   . PHE A 1 26  ? 0.620   7.021   6.932   1.00 53.99  ? 48  PHE A N   1 
ATOM 138  C CA  . PHE A 1 26  ? 0.855   5.588   6.767   1.00 53.99  ? 48  PHE A CA  1 
ATOM 139  C C   . PHE A 1 26  ? 2.333   5.291   6.476   1.00 53.99  ? 48  PHE A C   1 
ATOM 140  O O   . PHE A 1 26  ? 2.965   4.542   7.225   1.00 53.99  ? 48  PHE A O   1 
ATOM 141  C CB  . PHE A 1 26  ? -0.071  5.024   5.665   1.00 51.74  ? 48  PHE A CB  1 
ATOM 142  C CG  . PHE A 1 26  ? 0.421   3.729   5.028   1.00 51.74  ? 48  PHE A CG  1 
ATOM 143  C CD1 . PHE A 1 26  ? 0.839   2.661   5.805   1.00 51.74  ? 48  PHE A CD1 1 
ATOM 144  C CD2 . PHE A 1 26  ? 0.503   3.607   3.643   1.00 51.74  ? 48  PHE A CD2 1 
ATOM 145  C CE1 . PHE A 1 26  ? 1.333   1.507   5.211   1.00 51.74  ? 48  PHE A CE1 1 
ATOM 146  C CE2 . PHE A 1 26  ? 0.993   2.458   3.052   1.00 51.74  ? 48  PHE A CE2 1 
ATOM 147  C CZ  . PHE A 1 26  ? 1.408   1.413   3.831   1.00 51.74  ? 48  PHE A CZ  1 
ATOM 148  N N   . VAL A 1 27  ? 2.887   5.874   5.411   1.00 41.87  ? 49  VAL A N   1 
ATOM 149  C CA  . VAL A 1 27  ? 4.291   5.628   5.084   1.00 41.87  ? 49  VAL A CA  1 
ATOM 150  C C   . VAL A 1 27  ? 5.161   6.023   6.268   1.00 41.87  ? 49  VAL A C   1 
ATOM 151  O O   . VAL A 1 27  ? 5.966   5.214   6.753   1.00 41.87  ? 49  VAL A O   1 
ATOM 152  C CB  . VAL A 1 27  ? 4.731   6.414   3.853   1.00 67.11  ? 49  VAL A CB  1 
ATOM 153  C CG1 . VAL A 1 27  ? 4.169   5.766   2.588   1.00 67.11  ? 49  VAL A CG1 1 
ATOM 154  C CG2 . VAL A 1 27  ? 4.263   7.847   3.981   1.00 67.11  ? 49  VAL A CG2 1 
ATOM 155  N N   . LEU A 1 28  ? 4.999   7.268   6.728   1.00 35.52  ? 50  LEU A N   1 
ATOM 156  C CA  . LEU A 1 28  ? 5.749   7.754   7.884   1.00 35.52  ? 50  LEU A CA  1 
ATOM 157  C C   . LEU A 1 28  ? 5.601   6.704   8.979   1.00 35.52  ? 50  LEU A C   1 
ATOM 158  O O   . LEU A 1 28  ? 6.580   6.248   9.576   1.00 35.52  ? 50  LEU A O   1 
ATOM 159  C CB  . LEU A 1 28  ? 5.186   9.086   8.394   1.00 32.15  ? 50  LEU A CB  1 
ATOM 160  C CG  . LEU A 1 28  ? 5.744   9.624   9.741   1.00 32.15  ? 50  LEU A CG  1 
ATOM 161  C CD1 . LEU A 1 28  ? 5.377   11.114  9.975   1.00 32.15  ? 50  LEU A CD1 1 
ATOM 162  C CD2 . LEU A 1 28  ? 5.207   8.788   10.895  1.00 32.15  ? 50  LEU A CD2 1 
ATOM 163  N N   . LEU A 1 29  ? 4.367   6.302   9.225   1.00 21.61  ? 51  LEU A N   1 
ATOM 164  C CA  . LEU A 1 29  ? 4.133   5.347   10.276  1.00 21.61  ? 51  LEU A CA  1 
ATOM 165  C C   . LEU A 1 29  ? 4.771   4.002   9.982   1.00 21.61  ? 51  LEU A C   1 
ATOM 166  O O   . LEU A 1 29  ? 5.574   3.500   10.769  1.00 21.61  ? 51  LEU A O   1 
ATOM 167  C CB  . LEU A 1 29  ? 2.620   5.204   10.532  1.00 75.35  ? 51  LEU A CB  1 
ATOM 168  C CG  . LEU A 1 29  ? 2.090   5.272   11.978  1.00 75.35  ? 51  LEU A CG  1 
ATOM 169  C CD1 . LEU A 1 29  ? 2.569   6.539   12.664  1.00 75.35  ? 51  LEU A CD1 1 
ATOM 170  C CD2 . LEU A 1 29  ? 0.570   5.234   11.968  1.00 75.35  ? 51  LEU A CD2 1 
ATOM 171  N N   . SER A 1 30  ? 4.401   3.419   8.849   1.00 45.64  ? 52  SER A N   1 
ATOM 172  C CA  . SER A 1 30  ? 4.909   2.114   8.457   1.00 45.64  ? 52  SER A CA  1 
ATOM 173  C C   . SER A 1 30  ? 6.430   2.076   8.294   1.00 45.64  ? 52  SER A C   1 
ATOM 174  O O   . SER A 1 30  ? 7.123   1.363   9.035   1.00 45.64  ? 52  SER A O   1 
ATOM 175  C CB  . SER A 1 30  ? 4.197   1.656   7.173   1.00 62.43  ? 52  SER A CB  1 
ATOM 176  O OG  . SER A 1 30  ? 2.901   1.157   7.465   1.00 62.43  ? 52  SER A OG  1 
ATOM 177  N N   . VAL A 1 31  ? 6.956   2.840   7.338   1.00 48.20  ? 53  VAL A N   1 
ATOM 178  C CA  . VAL A 1 31  ? 8.394   2.841   7.123   1.00 48.20  ? 53  VAL A CA  1 
ATOM 179  C C   . VAL A 1 31  ? 9.103   3.085   8.436   1.00 48.20  ? 53  VAL A C   1 
ATOM 180  O O   . VAL A 1 31  ? 10.099  2.440   8.765   1.00 48.20  ? 53  VAL A O   1 
ATOM 181  C CB  . VAL A 1 31  ? 8.814   3.911   6.113   1.00 32.64  ? 53  VAL A CB  1 
ATOM 182  C CG1 . VAL A 1 31  ? 10.308  4.154   6.211   1.00 32.64  ? 53  VAL A CG1 1 
ATOM 183  C CG2 . VAL A 1 31  ? 8.478   3.432   4.718   1.00 32.64  ? 53  VAL A CG2 1 
ATOM 184  N N   . GLY A 1 32  ? 8.570   4.017   9.196   1.00 40.04  ? 54  GLY A N   1 
ATOM 185  C CA  . GLY A 1 32  ? 9.194   4.295   10.454  1.00 40.04  ? 54  GLY A CA  1 
ATOM 186  C C   . GLY A 1 32  ? 9.381   3.003   11.217  1.00 40.04  ? 54  GLY A C   1 
ATOM 187  O O   . GLY A 1 32  ? 10.382  2.829   11.902  1.00 40.04  ? 54  GLY A O   1 
ATOM 188  N N   . SER A 1 33  ? 8.442   2.078   11.098  1.00 23.29  ? 55  SER A N   1 
ATOM 189  C CA  . SER A 1 33  ? 8.559   0.845   11.857  1.00 23.29  ? 55  SER A CA  1 
ATOM 190  C C   . SER A 1 33  ? 9.685   -0.050  11.384  1.00 23.29  ? 55  SER A C   1 
ATOM 191  O O   . SER A 1 33  ? 10.376  -0.667  12.197  1.00 23.29  ? 55  SER A O   1 
ATOM 192  C CB  . SER A 1 33  ? 7.248   0.086   11.811  1.00 25.64  ? 55  SER A CB  1 
ATOM 193  O OG  . SER A 1 33  ? 7.187   -0.836  12.876  1.00 25.64  ? 55  SER A OG  1 
ATOM 194  N N   . THR A 1 34  ? 9.853   -0.128  10.067  1.00 32.39  ? 56  THR A N   1 
ATOM 195  C CA  . THR A 1 34  ? 10.900  -0.956  9.465   1.00 32.39  ? 56  THR A CA  1 
ATOM 196  C C   . THR A 1 34  ? 12.232  -0.391  9.886   1.00 32.39  ? 56  THR A C   1 
ATOM 197  O O   . THR A 1 34  ? 13.153  -1.128  10.226  1.00 32.39  ? 56  THR A O   1 
ATOM 198  C CB  . THR A 1 34  ? 10.882  -0.911  7.932   1.00 50.99  ? 56  THR A CB  1 
ATOM 199  O OG1 . THR A 1 34  ? 11.410  0.345   7.497   1.00 50.99  ? 56  THR A OG1 1 
ATOM 200  C CG2 . THR A 1 34  ? 9.469   -1.063  7.401   1.00 50.99  ? 56  THR A CG2 1 
ATOM 201  N N   . ILE A 1 35  ? 12.338  0.930   9.852   1.00 22.70  ? 57  ILE A N   1 
ATOM 202  C CA  . ILE A 1 35  ? 13.579  1.572   10.247  1.00 22.70  ? 57  ILE A CA  1 
ATOM 203  C C   . ILE A 1 35  ? 13.802  1.445   11.720  1.00 22.70  ? 57  ILE A C   1 
ATOM 204  O O   . ILE A 1 35  ? 14.860  1.023   12.136  1.00 22.70  ? 57  ILE A O   1 
ATOM 205  C CB  . ILE A 1 35  ? 13.615  3.080   9.853   1.00 19.55  ? 57  ILE A CB  1 
ATOM 206  C CG1 . ILE A 1 35  ? 14.698  3.810   10.645  1.00 19.55  ? 57  ILE A CG1 1 
ATOM 207  C CG2 . ILE A 1 35  ? 12.263  3.734   10.088  1.00 19.55  ? 57  ILE A CG2 1 
ATOM 208  C CD1 . ILE A 1 35  ? 14.281  4.160   12.057  1.00 19.55  ? 57  ILE A CD1 1 
ATOM 209  N N   . ASN A 1 36  ? 12.797  1.828   12.503  1.00 69.34  ? 58  ASN A N   1 
ATOM 210  C CA  . ASN A 1 36  ? 12.864  1.779   13.962  1.00 69.34  ? 58  ASN A CA  1 
ATOM 211  C C   . ASN A 1 36  ? 13.562  0.511   14.433  1.00 69.34  ? 58  ASN A C   1 
ATOM 212  O O   . ASN A 1 36  ? 14.497  0.567   15.240  1.00 69.34  ? 58  ASN A O   1 
ATOM 213  C CB  . ASN A 1 36  ? 11.455  1.849   14.552  1.00 69.34  ? 58  ASN A CB  1 
ATOM 214  C CG  . ASN A 1 36  ? 11.245  3.090   15.380  1.00 69.34  ? 58  ASN A CG  1 
ATOM 215  O OD1 . ASN A 1 36  ? 11.530  4.199   14.932  1.00 69.34  ? 58  ASN A OD1 1 
ATOM 216  N ND2 . ASN A 1 36  ? 10.758  2.912   16.605  1.00 69.34  ? 58  ASN A ND2 1 
ATOM 217  N N   . TRP A 1 37  ? 13.109  -0.632  13.931  1.00 96.62  ? 59  TRP A N   1 
ATOM 218  C CA  . TRP A 1 37  ? 13.735  -1.885  14.298  1.00 96.62  ? 59  TRP A CA  1 
ATOM 219  C C   . TRP A 1 37  ? 15.206  -1.802  13.883  1.00 96.62  ? 59  TRP A C   1 
ATOM 220  O O   . TRP A 1 37  ? 16.074  -2.414  14.503  1.00 96.62  ? 59  TRP A O   1 
ATOM 221  C CB  . TRP A 1 37  ? 13.027  -3.071  13.601  1.00 104.06 ? 59  TRP A CB  1 
ATOM 222  C CG  . TRP A 1 37  ? 13.937  -4.272  13.370  1.00 104.06 ? 59  TRP A CG  1 
ATOM 223  C CD1 . TRP A 1 37  ? 14.150  -5.341  14.211  1.00 104.06 ? 59  TRP A CD1 1 
ATOM 224  C CD2 . TRP A 1 37  ? 14.835  -4.450  12.265  1.00 104.06 ? 59  TRP A CD2 1 
ATOM 225  N NE1 . TRP A 1 37  ? 15.130  -6.163  13.693  1.00 104.06 ? 59  TRP A NE1 1 
ATOM 226  C CE2 . TRP A 1 37  ? 15.566  -5.637  12.501  1.00 104.06 ? 59  TRP A CE2 1 
ATOM 227  C CE3 . TRP A 1 37  ? 15.098  -3.713  11.098  1.00 104.06 ? 59  TRP A CE3 1 
ATOM 228  C CZ2 . TRP A 1 37  ? 16.543  -6.103  11.613  1.00 104.06 ? 59  TRP A CZ2 1 
ATOM 229  C CZ3 . TRP A 1 37  ? 16.067  -4.172  10.220  1.00 104.06 ? 59  TRP A CZ3 1 
ATOM 230  C CH2 . TRP A 1 37  ? 16.779  -5.357  10.482  1.00 104.06 ? 59  TRP A CH2 1 
ATOM 231  N N   . GLY A 1 38  ? 15.474  -1.038  12.829  1.00 89.40  ? 60  GLY A N   1 
ATOM 232  C CA  . GLY A 1 38  ? 16.834  -0.880  12.345  1.00 89.40  ? 60  GLY A CA  1 
ATOM 233  C C   . GLY A 1 38  ? 17.749  -0.253  13.381  1.00 89.40  ? 60  GLY A C   1 
ATOM 234  O O   . GLY A 1 38  ? 18.583  0.593   13.044  1.00 89.40  ? 60  GLY A O   1 
ATOM 235  N N   . GLY A 1 39  ? 17.589  -0.665  14.640  1.00 51.96  ? 61  GLY A N   1 
ATOM 236  C CA  . GLY A 1 39  ? 18.408  -0.144  15.721  1.00 51.96  ? 61  GLY A CA  1 
ATOM 237  C C   . GLY A 1 39  ? 19.405  -1.150  16.270  1.00 51.96  ? 61  GLY A C   1 
ATOM 238  O O   . GLY A 1 39  ? 19.730  -2.152  15.624  1.00 51.96  ? 61  GLY A O   1 
ATOM 239  N N   . SER A 1 40  ? 19.895  -0.875  17.476  1.00 104.06 ? 62  SER A N   1 
ATOM 240  C CA  . SER A 1 40  ? 20.861  -1.747  18.140  1.00 104.06 ? 62  SER A CA  1 
ATOM 241  C C   . SER A 1 40  ? 20.207  -2.579  19.245  1.00 104.06 ? 62  SER A C   1 
ATOM 242  O O   . SER A 1 40  ? 20.761  -2.729  20.336  1.00 104.06 ? 62  SER A O   1 
ATOM 243  C CB  . SER A 1 40  ? 22.014  -0.921  18.733  1.00 97.72  ? 62  SER A CB  1 
ATOM 244  O OG  . SER A 1 40  ? 21.559  -0.028  19.738  1.00 97.72  ? 62  SER A OG  1 
ATOM 245  N N   . GLU A 1 41  ? 19.026  -3.116  18.955  1.00 104.06 ? 63  GLU A N   1 
ATOM 246  C CA  . GLU A 1 41  ? 18.296  -3.949  19.911  1.00 104.06 ? 63  GLU A CA  1 
ATOM 247  C C   . GLU A 1 41  ? 18.248  -5.373  19.318  1.00 104.06 ? 63  GLU A C   1 
ATOM 248  O O   . GLU A 1 41  ? 17.179  -5.958  19.144  1.00 104.06 ? 63  GLU A O   1 
ATOM 249  C CB  . GLU A 1 41  ? 16.880  -3.374  20.121  1.00 103.60 ? 63  GLU A CB  1 
ATOM 250  C CG  . GLU A 1 41  ? 16.432  -3.261  21.580  1.00 103.60 ? 63  GLU A CG  1 
ATOM 251  C CD  . GLU A 1 41  ? 15.680  -4.483  22.067  1.00 103.60 ? 63  GLU A CD  1 
ATOM 252  O OE1 . GLU A 1 41  ? 16.177  -5.608  21.868  1.00 103.60 ? 63  GLU A OE1 1 
ATOM 253  O OE2 . GLU A 1 41  ? 14.588  -4.317  22.649  1.00 103.60 ? 63  GLU A OE2 1 
ATOM 254  N N   . ASN A 1 42  ? 19.433  -5.909  19.011  1.00 86.33  ? 64  ASN A N   1 
ATOM 255  C CA  . ASN A 1 42  ? 19.600  -7.240  18.416  1.00 86.33  ? 64  ASN A CA  1 
ATOM 256  C C   . ASN A 1 42  ? 18.570  -7.537  17.328  1.00 86.33  ? 64  ASN A C   1 
ATOM 257  O O   . ASN A 1 42  ? 17.594  -8.254  17.557  1.00 86.33  ? 64  ASN A O   1 
ATOM 258  C CB  . ASN A 1 42  ? 19.542  -8.328  19.495  1.00 84.15  ? 64  ASN A CB  1 
ATOM 259  C CG  . ASN A 1 42  ? 19.191  -7.775  20.856  1.00 84.15  ? 64  ASN A CG  1 
ATOM 260  O OD1 . ASN A 1 42  ? 19.917  -6.946  21.405  1.00 84.15  ? 64  ASN A OD1 1 
ATOM 261  N ND2 . ASN A 1 42  ? 18.070  -8.228  21.410  1.00 84.15  ? 64  ASN A ND2 1 
ATOM 262  N N   . PRO A 1 43  ? 18.777  -6.982  16.123  1.00 93.44  ? 65  PRO A N   1 
ATOM 263  C CA  . PRO A 1 43  ? 17.841  -7.213  15.022  1.00 93.44  ? 65  PRO A CA  1 
ATOM 264  C C   . PRO A 1 43  ? 17.602  -8.718  14.819  1.00 93.44  ? 65  PRO A C   1 
ATOM 265  O O   . PRO A 1 43  ? 18.550  -9.476  14.613  1.00 93.44  ? 65  PRO A O   1 
ATOM 266  C CB  . PRO A 1 43  ? 18.558  -6.562  13.848  1.00 34.38  ? 65  PRO A CB  1 
ATOM 267  C CG  . PRO A 1 43  ? 19.317  -5.413  14.498  1.00 34.38  ? 65  PRO A CG  1 
ATOM 268  C CD  . PRO A 1 43  ? 19.902  -6.132  15.683  1.00 34.38  ? 65  PRO A CD  1 
ATOM 269  N N   . LEU A 1 44  ? 16.340  -9.147  14.874  1.00 99.54  ? 66  LEU A N   1 
ATOM 270  C CA  . LEU A 1 44  ? 15.988  -10.563 14.717  1.00 99.54  ? 66  LEU A CA  1 
ATOM 271  C C   . LEU A 1 44  ? 14.863  -10.803 13.687  1.00 99.54  ? 66  LEU A C   1 
ATOM 272  O O   . LEU A 1 44  ? 14.302  -9.843  13.156  1.00 99.54  ? 66  LEU A O   1 
ATOM 273  C CB  . LEU A 1 44  ? 15.585  -11.126 16.082  1.00 44.71  ? 66  LEU A CB  1 
ATOM 274  C CG  . LEU A 1 44  ? 16.614  -11.071 17.222  1.00 44.71  ? 66  LEU A CG  1 
ATOM 275  C CD1 . LEU A 1 44  ? 16.182  -12.070 18.341  1.00 44.71  ? 66  LEU A CD1 1 
ATOM 276  C CD2 . LEU A 1 44  ? 18.002  -11.429 16.701  1.00 44.71  ? 66  LEU A CD2 1 
ATOM 277  N N   . PRO A 1 45  ? 14.525  -12.087 13.386  1.00 104.06 ? 67  PRO A N   1 
ATOM 278  C CA  . PRO A 1 45  ? 13.461  -12.396 12.409  1.00 104.06 ? 67  PRO A CA  1 
ATOM 279  C C   . PRO A 1 45  ? 12.109  -11.925 12.934  1.00 104.06 ? 67  PRO A C   1 
ATOM 280  O O   . PRO A 1 45  ? 11.075  -12.034 12.268  1.00 104.06 ? 67  PRO A O   1 
ATOM 281  C CB  . PRO A 1 45  ? 13.535  -13.918 12.280  1.00 89.56  ? 67  PRO A CB  1 
ATOM 282  C CG  . PRO A 1 45  ? 13.916  -14.342 13.654  1.00 89.56  ? 67  PRO A CG  1 
ATOM 283  C CD  . PRO A 1 45  ? 14.998  -13.330 14.031  1.00 89.56  ? 67  PRO A CD  1 
ATOM 284  N N   . VAL A 1 46  ? 12.157  -11.406 14.156  1.00 75.38  ? 68  VAL A N   1 
ATOM 285  C CA  . VAL A 1 46  ? 11.008  -10.873 14.859  1.00 75.38  ? 68  VAL A CA  1 
ATOM 286  C C   . VAL A 1 46  ? 10.608  -9.562  14.168  1.00 75.38  ? 68  VAL A C   1 
ATOM 287  O O   . VAL A 1 46  ? 9.440   -9.169  14.166  1.00 75.38  ? 68  VAL A O   1 
ATOM 288  C CB  . VAL A 1 46  ? 11.397  -10.624 16.319  1.00 73.13  ? 68  VAL A CB  1 
ATOM 289  C CG1 . VAL A 1 46  ? 12.530  -9.599  16.376  1.00 73.13  ? 68  VAL A CG1 1 
ATOM 290  C CG2 . VAL A 1 46  ? 10.183  -10.189 17.118  1.00 73.13  ? 68  VAL A CG2 1 
ATOM 291  N N   . ASP A 1 47  ? 11.598  -8.898  13.581  1.00 62.74  ? 69  ASP A N   1 
ATOM 292  C CA  . ASP A 1 47  ? 11.379  -7.659  12.853  1.00 62.74  ? 69  ASP A CA  1 
ATOM 293  C C   . ASP A 1 47  ? 10.199  -7.843  11.904  1.00 62.74  ? 69  ASP A C   1 
ATOM 294  O O   . ASP A 1 47  ? 9.388   -6.933  11.700  1.00 62.74  ? 69  ASP A O   1 
ATOM 295  C CB  . ASP A 1 47  ? 12.628  -7.302  12.022  1.00 46.38  ? 69  ASP A CB  1 
ATOM 296  C CG  . ASP A 1 47  ? 12.720  -8.085  10.681  1.00 46.38  ? 69  ASP A CG  1 
ATOM 297  O OD1 . ASP A 1 47  ? 12.629  -9.341  10.694  1.00 46.38  ? 69  ASP A OD1 1 
ATOM 298  O OD2 . ASP A 1 47  ? 12.893  -7.434  9.618   1.00 46.38  ? 69  ASP A OD2 1 
ATOM 299  N N   . MET A 1 48  ? 10.119  -9.042  11.330  1.00 25.57  ? 70  MET A N   1 
ATOM 300  C CA  . MET A 1 48  ? 9.082   -9.367  10.377  1.00 25.57  ? 70  MET A CA  1 
ATOM 301  C C   . MET A 1 48  ? 7.695   -9.207  10.972  1.00 25.57  ? 70  MET A C   1 
ATOM 302  O O   . MET A 1 48  ? 6.900   -8.410  10.468  1.00 25.57  ? 70  MET A O   1 
ATOM 303  C CB  . MET A 1 48  ? 9.315   -10.774 9.826   1.00 53.68  ? 70  MET A CB  1 
ATOM 304  C CG  . MET A 1 48  ? 10.419  -10.808 8.737   1.00 53.68  ? 70  MET A CG  1 
ATOM 305  S SD  . MET A 1 48  ? 10.474  -12.315 7.652   1.00 53.68  ? 70  MET A SD  1 
ATOM 306  C CE  . MET A 1 48  ? 12.124  -13.047 8.065   1.00 53.68  ? 70  MET A CE  1 
ATOM 307  N N   . VAL A 1 49  ? 7.407   -9.911  12.060  1.00 27.53  ? 71  VAL A N   1 
ATOM 308  C CA  . VAL A 1 49  ? 6.080   -9.796  12.646  1.00 27.53  ? 71  VAL A CA  1 
ATOM 309  C C   . VAL A 1 49  ? 5.812   -8.334  12.965  1.00 27.53  ? 71  VAL A C   1 
ATOM 310  O O   . VAL A 1 49  ? 4.762   -7.780  12.615  1.00 27.53  ? 71  VAL A O   1 
ATOM 311  C CB  . VAL A 1 49  ? 5.917   -10.663 13.927  1.00 27.39  ? 71  VAL A CB  1 
ATOM 312  C CG1 . VAL A 1 49  ? 6.509   -9.978  15.110  1.00 27.39  ? 71  VAL A CG1 1 
ATOM 313  C CG2 . VAL A 1 49  ? 4.455   -10.970 14.160  1.00 27.39  ? 71  VAL A CG2 1 
ATOM 314  N N   . LEU A 1 50  ? 6.783   -7.698  13.603  1.00 31.50  ? 72  LEU A N   1 
ATOM 315  C CA  . LEU A 1 50  ? 6.642   -6.301  13.959  1.00 31.50  ? 72  LEU A CA  1 
ATOM 316  C C   . LEU A 1 50  ? 6.327   -5.419  12.737  1.00 31.50  ? 72  LEU A C   1 
ATOM 317  O O   . LEU A 1 50  ? 5.356   -4.658  12.753  1.00 31.50  ? 72  LEU A O   1 
ATOM 318  C CB  . LEU A 1 50  ? 7.921   -5.830  14.640  1.00 29.24  ? 72  LEU A CB  1 
ATOM 319  C CG  . LEU A 1 50  ? 7.784   -4.640  15.587  1.00 29.24  ? 72  LEU A CG  1 
ATOM 320  C CD1 . LEU A 1 50  ? 9.171   -4.313  16.097  1.00 29.24  ? 72  LEU A CD1 1 
ATOM 321  C CD2 . LEU A 1 50  ? 7.159   -3.423  14.901  1.00 29.24  ? 72  LEU A CD2 1 
ATOM 322  N N   . ILE A 1 51  ? 7.136   -5.517  11.684  1.00 28.20  ? 73  ILE A N   1 
ATOM 323  C CA  . ILE A 1 51  ? 6.897   -4.690  10.514  1.00 28.20  ? 73  ILE A CA  1 
ATOM 324  C C   . ILE A 1 51  ? 5.532   -4.990  9.953   1.00 28.20  ? 73  ILE A C   1 
ATOM 325  O O   . ILE A 1 51  ? 4.675   -4.105  9.820   1.00 28.20  ? 73  ILE A O   1 
ATOM 326  C CB  . ILE A 1 51  ? 7.937   -4.932  9.397   1.00 33.34  ? 73  ILE A CB  1 
ATOM 327  C CG1 . ILE A 1 51  ? 9.344   -4.648  9.908   1.00 33.34  ? 73  ILE A CG1 1 
ATOM 328  C CG2 . ILE A 1 51  ? 7.659   -4.005  8.217   1.00 33.34  ? 73  ILE A CG2 1 
ATOM 329  C CD1 . ILE A 1 51  ? 10.341  -4.489  8.824   1.00 33.34  ? 73  ILE A CD1 1 
ATOM 330  N N   . SER A 1 52  ? 5.358   -6.260  9.619   1.00 39.66  ? 74  SER A N   1 
ATOM 331  C CA  . SER A 1 52  ? 4.124   -6.747  9.051   1.00 39.66  ? 74  SER A CA  1 
ATOM 332  C C   . SER A 1 52  ? 2.962   -6.189  9.838   1.00 39.66  ? 74  SER A C   1 
ATOM 333  O O   . SER A 1 52  ? 2.029   -5.599  9.276   1.00 39.66  ? 74  SER A O   1 
ATOM 334  C CB  . SER A 1 52  ? 4.124   -8.263  9.105   1.00 29.01  ? 74  SER A CB  1 
ATOM 335  O OG  . SER A 1 52  ? 5.308   -8.767  8.509   1.00 29.01  ? 74  SER A OG  1 
ATOM 336  N N   . LEU A 1 53  ? 3.038   -6.351  11.147  1.00 42.84  ? 75  LEU A N   1 
ATOM 337  C CA  . LEU A 1 53  ? 1.980   -5.864  11.981  1.00 42.84  ? 75  LEU A CA  1 
ATOM 338  C C   . LEU A 1 53  ? 1.762   -4.372  11.896  1.00 42.84  ? 75  LEU A C   1 
ATOM 339  O O   . LEU A 1 53  ? 0.625   -3.927  11.761  1.00 42.84  ? 75  LEU A O   1 
ATOM 340  C CB  . LEU A 1 53  ? 2.226   -6.286  13.415  1.00 26.76  ? 75  LEU A CB  1 
ATOM 341  C CG  . LEU A 1 53  ? 1.752   -7.730  13.580  1.00 26.76  ? 75  LEU A CG  1 
ATOM 342  C CD1 . LEU A 1 53  ? 2.166   -8.238  14.943  1.00 26.76  ? 75  LEU A CD1 1 
ATOM 343  C CD2 . LEU A 1 53  ? 0.235   -7.823  13.390  1.00 26.76  ? 75  LEU A CD2 1 
ATOM 344  N N   . CYS A 1 54  ? 2.827   -3.584  11.966  1.00 45.26  ? 76  CYS A N   1 
ATOM 345  C CA  . CYS A 1 54  ? 2.626   -2.149  11.914  1.00 45.26  ? 76  CYS A CA  1 
ATOM 346  C C   . CYS A 1 54  ? 1.884   -1.698  10.665  1.00 45.26  ? 76  CYS A C   1 
ATOM 347  O O   . CYS A 1 54  ? 0.976   -0.864  10.749  1.00 45.26  ? 76  CYS A O   1 
ATOM 348  C CB  . CYS A 1 54  ? 3.941   -1.392  12.005  1.00 45.12  ? 76  CYS A CB  1 
ATOM 349  S SG  . CYS A 1 54  ? 3.644   0.401   12.027  1.00 45.12  ? 76  CYS A SG  1 
ATOM 350  N N   . PHE A 1 55  ? 2.258   -2.240  9.512   1.00 28.88  ? 77  PHE A N   1 
ATOM 351  C CA  . PHE A 1 55  ? 1.602   -1.847  8.276   1.00 28.88  ? 77  PHE A CA  1 
ATOM 352  C C   . PHE A 1 55  ? 0.156   -2.259  8.327   1.00 28.88  ? 77  PHE A C   1 
ATOM 353  O O   . PHE A 1 55  ? -0.748  -1.458  8.063   1.00 28.88  ? 77  PHE A O   1 
ATOM 354  C CB  . PHE A 1 55  ? 2.289   -2.507  7.085   1.00 102.70 ? 77  PHE A CB  1 
ATOM 355  C CG  . PHE A 1 55  ? 3.602   -1.867  6.706   1.00 102.70 ? 77  PHE A CG  1 
ATOM 356  C CD1 . PHE A 1 55  ? 4.641   -1.772  7.630   1.00 102.70 ? 77  PHE A CD1 1 
ATOM 357  C CD2 . PHE A 1 55  ? 3.797   -1.353  5.422   1.00 102.70 ? 77  PHE A CD2 1 
ATOM 358  C CE1 . PHE A 1 55  ? 5.855   -1.175  7.281   1.00 102.70 ? 77  PHE A CE1 1 
ATOM 359  C CE2 . PHE A 1 55  ? 5.005   -0.755  5.059   1.00 102.70 ? 77  PHE A CE2 1 
ATOM 360  C CZ  . PHE A 1 55  ? 6.037   -0.665  5.992   1.00 102.70 ? 77  PHE A CZ  1 
ATOM 361  N N   . GLY A 1 56  ? -0.049  -3.521  8.691   1.00 22.42  ? 78  GLY A N   1 
ATOM 362  C CA  . GLY A 1 56  ? -1.388  -4.061  8.774   1.00 22.42  ? 78  GLY A CA  1 
ATOM 363  C C   . GLY A 1 56  ? -2.293  -3.242  9.669   1.00 22.42  ? 78  GLY A C   1 
ATOM 364  O O   . GLY A 1 56  ? -3.453  -3.028  9.320   1.00 22.42  ? 78  GLY A O   1 
ATOM 365  N N   . LEU A 1 57  ? -1.778  -2.780  10.810  1.00 27.89  ? 79  LEU A N   1 
ATOM 366  C CA  . LEU A 1 57  ? -2.556  -1.976  11.749  1.00 27.89  ? 79  LEU A CA  1 
ATOM 367  C C   . LEU A 1 57  ? -2.638  -0.518  11.344  1.00 27.89  ? 79  LEU A C   1 
ATOM 368  O O   . LEU A 1 57  ? -3.593  0.181   11.675  1.00 27.89  ? 79  LEU A O   1 
ATOM 369  C CB  . LEU A 1 57  ? -1.965  -2.094  13.157  1.00 22.68  ? 79  LEU A CB  1 
ATOM 370  C CG  . LEU A 1 57  ? -2.201  -3.530  13.657  1.00 22.68  ? 79  LEU A CG  1 
ATOM 371  C CD1 . LEU A 1 57  ? -1.371  -3.862  14.881  1.00 22.68  ? 79  LEU A CD1 1 
ATOM 372  C CD2 . LEU A 1 57  ? -3.680  -3.703  13.950  1.00 22.68  ? 79  LEU A CD2 1 
ATOM 373  N N   . SER A 1 58  ? -1.633  -0.046  10.625  1.00 25.20  ? 80  SER A N   1 
ATOM 374  C CA  . SER A 1 58  ? -1.641  1.347   10.221  1.00 25.20  ? 80  SER A CA  1 
ATOM 375  C C   . SER A 1 58  ? -2.766  1.570   9.245   1.00 25.20  ? 80  SER A C   1 
ATOM 376  O O   . SER A 1 58  ? -3.523  2.529   9.373   1.00 25.20  ? 80  SER A O   1 
ATOM 377  C CB  . SER A 1 58  ? -0.352  1.720   9.527   1.00 16.03  ? 80  SER A CB  1 
ATOM 378  O OG  . SER A 1 58  ? -0.382  1.177   8.217   1.00 16.03  ? 80  SER A OG  1 
ATOM 379  N N   . ILE A 1 59  ? -2.879  0.680   8.265   1.00 28.20  ? 81  ILE A N   1 
ATOM 380  C CA  . ILE A 1 59  ? -3.928  0.836   7.273   1.00 28.20  ? 81  ILE A CA  1 
ATOM 381  C C   . ILE A 1 59  ? -5.294  0.757   7.911   1.00 28.20  ? 81  ILE A C   1 
ATOM 382  O O   . ILE A 1 59  ? -6.122  1.637   7.710   1.00 28.20  ? 81  ILE A O   1 
ATOM 383  C CB  . ILE A 1 59  ? -3.846  -0.211  6.142   1.00 27.28  ? 81  ILE A CB  1 
ATOM 384  C CG1 . ILE A 1 59  ? -2.460  -0.184  5.490   1.00 27.28  ? 81  ILE A CG1 1 
ATOM 385  C CG2 . ILE A 1 59  ? -4.858  0.136   5.076   1.00 27.28  ? 81  ILE A CG2 1 
ATOM 386  C CD1 . ILE A 1 59  ? -2.051  1.215   4.985   1.00 27.28  ? 81  ILE A CD1 1 
ATOM 387  N N   . ALA A 1 60  ? -5.538  -0.293  8.678   1.00 31.28  ? 82  ALA A N   1 
ATOM 388  C CA  . ALA A 1 60  ? -6.828  -0.411  9.331   1.00 31.28  ? 82  ALA A CA  1 
ATOM 389  C C   . ALA A 1 60  ? -7.110  0.929   10.018  1.00 31.28  ? 82  ALA A C   1 
ATOM 390  O O   . ALA A 1 60  ? -8.218  1.467   9.938   1.00 31.28  ? 82  ALA A O   1 
ATOM 391  C CB  . ALA A 1 60  ? -6.808  -1.541  10.352  1.00 39.22  ? 82  ALA A CB  1 
ATOM 392  N N   . THR A 1 61  ? -6.102  1.486   10.670  1.00 21.49  ? 83  THR A N   1 
ATOM 393  C CA  . THR A 1 61  ? -6.313  2.756   11.332  1.00 21.49  ? 83  THR A CA  1 
ATOM 394  C C   . THR A 1 61  ? -6.721  3.796   10.267  1.00 21.49  ? 83  THR A C   1 
ATOM 395  O O   . THR A 1 61  ? -7.720  4.508   10.422  1.00 21.49  ? 83  THR A O   1 
ATOM 396  C CB  . THR A 1 61  ? -5.024  3.236   12.060  1.00 36.89  ? 83  THR A CB  1 
ATOM 397  O OG1 . THR A 1 61  ? -4.478  2.174   12.854  1.00 36.89  ? 83  THR A OG1 1 
ATOM 398  C CG2 . THR A 1 61  ? -5.345  4.399   12.978  1.00 36.89  ? 83  THR A CG2 1 
ATOM 399  N N   . MET A 1 62  ? -5.944  3.870   9.186   1.00 35.16  ? 84  MET A N   1 
ATOM 400  C CA  . MET A 1 62  ? -6.192  4.824   8.113   1.00 35.16  ? 84  MET A CA  1 
ATOM 401  C C   . MET A 1 62  ? -7.539  4.682   7.447   1.00 35.16  ? 84  MET A C   1 
ATOM 402  O O   . MET A 1 62  ? -8.173  5.677   7.115   1.00 35.16  ? 84  MET A O   1 
ATOM 403  C CB  . MET A 1 62  ? -5.082  4.731   7.078   1.00 34.84  ? 84  MET A CB  1 
ATOM 404  C CG  . MET A 1 62  ? -3.925  5.641   7.383   1.00 34.84  ? 84  MET A CG  1 
ATOM 405  S SD  . MET A 1 62  ? -3.630  5.682   9.150   1.00 34.84  ? 84  MET A SD  1 
ATOM 406  C CE  . MET A 1 62  ? -4.606  7.106   9.647   1.00 34.84  ? 84  MET A CE  1 
ATOM 407  N N   . VAL A 1 63  ? -7.979  3.457   7.209   1.00 29.67  ? 85  VAL A N   1 
ATOM 408  C CA  . VAL A 1 63  ? -9.285  3.329   6.611   1.00 29.67  ? 85  VAL A CA  1 
ATOM 409  C C   . VAL A 1 63  ? -10.201 3.830   7.701   1.00 29.67  ? 85  VAL A C   1 
ATOM 410  O O   . VAL A 1 63  ? -11.142 4.573   7.443   1.00 29.67  ? 85  VAL A O   1 
ATOM 411  C CB  . VAL A 1 63  ? -9.637  1.885   6.234   1.00 61.80  ? 85  VAL A CB  1 
ATOM 412  C CG1 . VAL A 1 63  ? -8.880  1.490   4.971   1.00 61.80  ? 85  VAL A CG1 1 
ATOM 413  C CG2 . VAL A 1 63  ? -9.310  0.956   7.376   1.00 61.80  ? 85  VAL A CG2 1 
ATOM 414  N N   . GLN A 1 64  ? -9.916  3.449   8.933   1.00 26.23  ? 86  GLN A N   1 
ATOM 415  C CA  . GLN A 1 64  ? -10.742 3.925   10.014  1.00 26.23  ? 86  GLN A CA  1 
ATOM 416  C C   . GLN A 1 64  ? -10.733 5.461   10.031  1.00 26.23  ? 86  GLN A C   1 
ATOM 417  O O   . GLN A 1 64  ? -11.774 6.118   10.160  1.00 26.23  ? 86  GLN A O   1 
ATOM 418  C CB  . GLN A 1 64  ? -10.220 3.390   11.340  1.00 31.90  ? 86  GLN A CB  1 
ATOM 419  C CG  . GLN A 1 64  ? -10.784 2.041   11.732  1.00 31.90  ? 86  GLN A CG  1 
ATOM 420  C CD  . GLN A 1 64  ? -12.287 2.077   11.884  1.00 31.90  ? 86  GLN A CD  1 
ATOM 421  O OE1 . GLN A 1 64  ? -13.009 2.138   10.891  1.00 31.90  ? 86  GLN A OE1 1 
ATOM 422  N NE2 . GLN A 1 64  ? -12.767 2.053   13.125  1.00 31.90  ? 86  GLN A NE2 1 
ATOM 423  N N   . CYS A 1 65  ? -9.555  6.037   9.889   1.00 58.83  ? 87  CYS A N   1 
ATOM 424  C CA  . CYS A 1 65  ? -9.442  7.472   9.922   1.00 58.83  ? 87  CYS A CA  1 
ATOM 425  C C   . CYS A 1 65  ? -10.114 8.209   8.740   1.00 58.83  ? 87  CYS A C   1 
ATOM 426  O O   . CYS A 1 65  ? -11.021 9.013   8.960   1.00 58.83  ? 87  CYS A O   1 
ATOM 427  C CB  . CYS A 1 65  ? -7.960  7.836   10.032  1.00 73.07  ? 87  CYS A CB  1 
ATOM 428  S SG  . CYS A 1 65  ? -7.142  7.094   11.469  1.00 73.07  ? 87  CYS A SG  1 
ATOM 429  N N   . PHE A 1 66  ? -9.685  7.931   7.500   1.00 46.46  ? 88  PHE A N   1 
ATOM 430  C CA  . PHE A 1 66  ? -10.206 8.598   6.285   1.00 46.46  ? 88  PHE A CA  1 
ATOM 431  C C   . PHE A 1 66  ? -10.900 7.667   5.317   1.00 46.46  ? 88  PHE A C   1 
ATOM 432  O O   . PHE A 1 66  ? -11.161 8.037   4.180   1.00 46.46  ? 88  PHE A O   1 
ATOM 433  C CB  . PHE A 1 66  ? -9.072  9.267   5.495   1.00 62.74  ? 88  PHE A CB  1 
ATOM 434  C CG  . PHE A 1 66  ? -7.967  9.803   6.352   1.00 62.74  ? 88  PHE A CG  1 
ATOM 435  C CD1 . PHE A 1 66  ? -7.092  8.940   7.008   1.00 62.74  ? 88  PHE A CD1 1 
ATOM 436  C CD2 . PHE A 1 66  ? -7.810  11.168  6.535   1.00 62.74  ? 88  PHE A CD2 1 
ATOM 437  C CE1 . PHE A 1 66  ? -6.080  9.432   7.837   1.00 62.74  ? 88  PHE A CE1 1 
ATOM 438  C CE2 . PHE A 1 66  ? -6.798  11.671  7.365   1.00 62.74  ? 88  PHE A CE2 1 
ATOM 439  C CZ  . PHE A 1 66  ? -5.934  10.803  8.017   1.00 62.74  ? 88  PHE A CZ  1 
ATOM 440  N N   . GLY A 1 67  ? -11.194 6.457   5.740   1.00 26.45  ? 89  GLY A N   1 
ATOM 441  C CA  . GLY A 1 67  ? -11.829 5.541   4.818   1.00 26.45  ? 89  GLY A CA  1 
ATOM 442  C C   . GLY A 1 67  ? -13.184 5.940   4.269   1.00 26.45  ? 89  GLY A C   1 
ATOM 443  O O   . GLY A 1 67  ? -13.526 5.600   3.132   1.00 26.45  ? 89  GLY A O   1 
ATOM 444  N N   . HIS A 1 68  ? -13.961 6.648   5.075   1.00 67.19  ? 90  HIS A N   1 
ATOM 445  C CA  . HIS A 1 68  ? -15.290 7.099   4.679   1.00 67.19  ? 90  HIS A CA  1 
ATOM 446  C C   . HIS A 1 68  ? -15.182 8.426   3.921   1.00 67.19  ? 90  HIS A C   1 
ATOM 447  O O   . HIS A 1 68  ? -15.867 8.663   2.927   1.00 67.19  ? 90  HIS A O   1 
ATOM 448  C CB  . HIS A 1 68  ? -16.132 7.287   5.937   1.00 72.12  ? 90  HIS A CB  1 
ATOM 449  C CG  . HIS A 1 68  ? -15.481 8.173   6.953   1.00 72.12  ? 90  HIS A CG  1 
ATOM 450  N ND1 . HIS A 1 68  ? -14.111 8.274   7.075   1.00 72.12  ? 90  HIS A ND1 1 
ATOM 451  C CD2 . HIS A 1 68  ? -16.005 8.990   7.896   1.00 72.12  ? 90  HIS A CD2 1 
ATOM 452  C CE1 . HIS A 1 68  ? -13.821 9.119   8.047   1.00 72.12  ? 90  HIS A CE1 1 
ATOM 453  N NE2 . HIS A 1 68  ? -14.952 9.567   8.562   1.00 72.12  ? 90  HIS A NE2 1 
ATOM 454  N N   . ILE A 1 69  ? -14.320 9.294   4.420   1.00 65.36  ? 91  ILE A N   1 
ATOM 455  C CA  . ILE A 1 69  ? -14.116 10.606  3.837   1.00 65.36  ? 91  ILE A CA  1 
ATOM 456  C C   . ILE A 1 69  ? -13.504 10.574  2.422   1.00 65.36  ? 91  ILE A C   1 
ATOM 457  O O   . ILE A 1 69  ? -13.792 11.447  1.604   1.00 65.36  ? 91  ILE A O   1 
ATOM 458  C CB  . ILE A 1 69  ? -13.237 11.452  4.789   1.00 72.48  ? 91  ILE A CB  1 
ATOM 459  C CG1 . ILE A 1 69  ? -13.232 12.922  4.365   1.00 72.48  ? 91  ILE A CG1 1 
ATOM 460  C CG2 . ILE A 1 69  ? -11.831 10.897  4.798   1.00 72.48  ? 91  ILE A CG2 1 
ATOM 461  C CD1 . ILE A 1 69  ? -12.331 13.240  3.197   1.00 72.48  ? 91  ILE A CD1 1 
ATOM 462  N N   . SER A 1 70  ? -12.686 9.569   2.117   1.00 32.23  ? 92  SER A N   1 
ATOM 463  C CA  . SER A 1 70  ? -12.075 9.494   0.788   1.00 32.23  ? 92  SER A CA  1 
ATOM 464  C C   . SER A 1 70  ? -12.413 8.223   0.034   1.00 32.23  ? 92  SER A C   1 
ATOM 465  O O   . SER A 1 70  ? -12.142 8.104   -1.160  1.00 32.23  ? 92  SER A O   1 
ATOM 466  C CB  . SER A 1 70  ? -10.561 9.592   0.898   1.00 18.31  ? 92  SER A CB  1 
ATOM 467  O OG  . SER A 1 70  ? -9.947  9.402   -0.370  1.00 18.31  ? 92  SER A OG  1 
ATOM 468  N N   . GLY A 1 71  ? -13.011 7.274   0.738   1.00 42.88  ? 93  GLY A N   1 
ATOM 469  C CA  . GLY A 1 71  ? -13.348 6.009   0.123   1.00 42.88  ? 93  GLY A CA  1 
ATOM 470  C C   . GLY A 1 71  ? -12.355 5.014   0.677   1.00 42.88  ? 93  GLY A C   1 
ATOM 471  O O   . GLY A 1 71  ? -12.737 3.929   1.107   1.00 42.88  ? 93  GLY A O   1 
ATOM 472  N N   . GLY A 1 72  ? -11.080 5.401   0.682   1.00 60.40  ? 94  GLY A N   1 
ATOM 473  C CA  . GLY A 1 72  ? -10.032 4.537   1.198   1.00 60.40  ? 94  GLY A CA  1 
ATOM 474  C C   . GLY A 1 72  ? -9.317  3.697   0.148   1.00 60.40  ? 94  GLY A C   1 
ATOM 475  O O   . GLY A 1 72  ? -9.050  2.518   0.386   1.00 60.40  ? 94  GLY A O   1 
ATOM 476  N N   . HIS A 1 73  ? -9.017  4.283   -1.014  1.00 46.73  ? 95  HIS A N   1 
ATOM 477  C CA  . HIS A 1 73  ? -8.313  3.567   -2.082  1.00 46.73  ? 95  HIS A CA  1 
ATOM 478  C C   . HIS A 1 73  ? -6.849  3.553   -1.685  1.00 46.73  ? 95  HIS A C   1 
ATOM 479  O O   . HIS A 1 73  ? -6.180  2.523   -1.750  1.00 46.73  ? 95  HIS A O   1 
ATOM 480  C CB  . HIS A 1 73  ? -8.500  4.289   -3.417  1.00 40.45  ? 95  HIS A CB  1 
ATOM 481  C CG  . HIS A 1 73  ? -9.937  4.527   -3.767  1.00 40.45  ? 95  HIS A CG  1 
ATOM 482  N ND1 . HIS A 1 73  ? -10.540 3.965   -4.872  1.00 40.45  ? 95  HIS A ND1 1 
ATOM 483  C CD2 . HIS A 1 73  ? -10.909 5.223   -3.124  1.00 40.45  ? 95  HIS A CD2 1 
ATOM 484  C CE1 . HIS A 1 73  ? -11.820 4.298   -4.892  1.00 40.45  ? 95  HIS A CE1 1 
ATOM 485  N NE2 . HIS A 1 73  ? -12.070 5.060   -3.843  1.00 40.45  ? 95  HIS A NE2 1 
ATOM 486  N N   . ILE A 1 74  ? -6.383  4.717   -1.247  1.00 43.65  ? 96  ILE A N   1 
ATOM 487  C CA  . ILE A 1 74  ? -5.018  4.926   -0.791  1.00 43.65  ? 96  ILE A CA  1 
ATOM 488  C C   . ILE A 1 74  ? -3.977  3.954   -1.335  1.00 43.65  ? 96  ILE A C   1 
ATOM 489  O O   . ILE A 1 74  ? -3.175  3.390   -0.588  1.00 43.65  ? 96  ILE A O   1 
ATOM 490  C CB  . ILE A 1 74  ? -4.960  4.929   0.755   1.00 54.60  ? 96  ILE A CB  1 
ATOM 491  C CG1 . ILE A 1 74  ? -3.545  5.255   1.236   1.00 54.60  ? 96  ILE A CG1 1 
ATOM 492  C CG2 . ILE A 1 74  ? -5.405  3.610   1.283   1.00 54.60  ? 96  ILE A CG2 1 
ATOM 493  C CD1 . ILE A 1 74  ? -3.458  5.638   2.700   1.00 54.60  ? 96  ILE A CD1 1 
ATOM 494  N N   . ASN A 1 75  ? -3.998  3.769   -2.650  1.00 34.14  ? 97  ASN A N   1 
ATOM 495  C CA  . ASN A 1 75  ? -3.041  2.911   -3.321  1.00 34.14  ? 97  ASN A CA  1 
ATOM 496  C C   . ASN A 1 75  ? -3.204  2.928   -4.827  1.00 34.14  ? 97  ASN A C   1 
ATOM 497  O O   . ASN A 1 75  ? -4.233  2.530   -5.369  1.00 34.14  ? 97  ASN A O   1 
ATOM 498  C CB  . ASN A 1 75  ? -3.128  1.473   -2.836  1.00 22.26  ? 97  ASN A CB  1 
ATOM 499  C CG  . ASN A 1 75  ? -2.187  0.566   -3.595  1.00 22.26  ? 97  ASN A CG  1 
ATOM 500  O OD1 . ASN A 1 75  ? -1.650  0.953   -4.640  1.00 22.26  ? 97  ASN A OD1 1 
ATOM 501  N ND2 . ASN A 1 75  ? -1.983  -0.649  -3.083  1.00 22.26  ? 97  ASN A ND2 1 
ATOM 502  N N   . PRO A 1 76  ? -2.159  3.376   -5.519  1.00 43.32  ? 98  PRO A N   1 
ATOM 503  C CA  . PRO A 1 76  ? -2.140  3.464   -6.971  1.00 43.32  ? 98  PRO A CA  1 
ATOM 504  C C   . PRO A 1 76  ? -2.875  2.301   -7.579  1.00 43.32  ? 98  PRO A C   1 
ATOM 505  O O   . PRO A 1 76  ? -3.819  2.497   -8.343  1.00 43.32  ? 98  PRO A O   1 
ATOM 506  C CB  . PRO A 1 76  ? -0.654  3.445   -7.284  1.00 59.24  ? 98  PRO A CB  1 
ATOM 507  C CG  . PRO A 1 76  ? -0.110  4.281   -6.166  1.00 59.24  ? 98  PRO A CG  1 
ATOM 508  C CD  . PRO A 1 76  ? -0.839  3.707   -4.960  1.00 59.24  ? 98  PRO A CD  1 
ATOM 509  N N   . ALA A 1 77  ? -2.454  1.088   -7.235  1.00 55.14  ? 99  ALA A N   1 
ATOM 510  C CA  . ALA A 1 77  ? -3.087  -0.110  -7.778  1.00 55.14  ? 99  ALA A CA  1 
ATOM 511  C C   . ALA A 1 77  ? -4.542  -0.189  -7.352  1.00 55.14  ? 99  ALA A C   1 
ATOM 512  O O   . ALA A 1 77  ? -5.399  -0.550  -8.154  1.00 55.14  ? 99  ALA A O   1 
ATOM 513  C CB  . ALA A 1 77  ? -2.328  -1.371  -7.340  1.00 65.30  ? 99  ALA A CB  1 
ATOM 514  N N   . VAL A 1 78  ? -4.837  0.156   -6.103  1.00 65.32  ? 100 VAL A N   1 
ATOM 515  C CA  . VAL A 1 78  ? -6.220  0.101   -5.659  1.00 65.32  ? 100 VAL A CA  1 
ATOM 516  C C   . VAL A 1 78  ? -7.009  1.202   -6.359  1.00 65.32  ? 100 VAL A C   1 
ATOM 517  O O   . VAL A 1 78  ? -8.067  0.938   -6.934  1.00 65.32  ? 100 VAL A O   1 
ATOM 518  C CB  . VAL A 1 78  ? -6.340  0.264   -4.141  1.00 43.60  ? 100 VAL A CB  1 
ATOM 519  C CG1 . VAL A 1 78  ? -7.773  -0.032  -3.691  1.00 43.60  ? 100 VAL A CG1 1 
ATOM 520  C CG2 . VAL A 1 78  ? -5.378  -0.675  -3.458  1.00 43.60  ? 100 VAL A CG2 1 
ATOM 521  N N   . THR A 1 79  ? -6.502  2.434   -6.326  1.00 14.06  ? 101 THR A N   1 
ATOM 522  C CA  . THR A 1 79  ? -7.192  3.525   -6.999  1.00 14.06  ? 101 THR A CA  1 
ATOM 523  C C   . THR A 1 79  ? -7.317  3.217   -8.483  1.00 14.06  ? 101 THR A C   1 
ATOM 524  O O   . THR A 1 79  ? -8.277  3.645   -9.115  1.00 14.06  ? 101 THR A O   1 
ATOM 525  C CB  . THR A 1 79  ? -6.461  4.861   -6.827  1.00 16.22  ? 101 THR A CB  1 
ATOM 526  O OG1 . THR A 1 79  ? -6.477  5.218   -5.441  1.00 16.22  ? 101 THR A OG1 1 
ATOM 527  C CG2 . THR A 1 79  ? -7.139  5.960   -7.650  1.00 16.22  ? 101 THR A CG2 1 
ATOM 528  N N   . VAL A 1 80  ? -6.363  2.463   -9.036  1.00 55.21  ? 102 VAL A N   1 
ATOM 529  C CA  . VAL A 1 80  ? -6.406  2.096   -10.461 1.00 55.21  ? 102 VAL A CA  1 
ATOM 530  C C   . VAL A 1 80  ? -7.429  1.009   -10.769 1.00 55.21  ? 102 VAL A C   1 
ATOM 531  O O   . VAL A 1 80  ? -8.250  1.144   -11.673 1.00 55.21  ? 102 VAL A O   1 
ATOM 532  C CB  . VAL A 1 80  ? -5.007  1.639   -10.996 1.00 28.82  ? 102 VAL A CB  1 
ATOM 533  C CG1 . VAL A 1 80  ? -5.169  0.636   -12.194 1.00 28.82  ? 102 VAL A CG1 1 
ATOM 534  C CG2 . VAL A 1 80  ? -4.223  2.859   -11.465 1.00 28.82  ? 102 VAL A CG2 1 
ATOM 535  N N   . ALA A 1 81  ? -7.379  -0.082  -10.031 1.00 42.18  ? 103 ALA A N   1 
ATOM 536  C CA  . ALA A 1 81  ? -8.341  -1.124  -10.280 1.00 42.18  ? 103 ALA A CA  1 
ATOM 537  C C   . ALA A 1 81  ? -9.735  -0.529  -10.097 1.00 42.18  ? 103 ALA A C   1 
ATOM 538  O O   . ALA A 1 81  ? -10.677 -0.977  -10.736 1.00 42.18  ? 103 ALA A O   1 
ATOM 539  C CB  . ALA A 1 81  ? -8.127  -2.276  -9.328  1.00 68.50  ? 103 ALA A CB  1 
ATOM 540  N N   . MET A 1 82  ? -9.867  0.503   -9.258  1.00 48.73  ? 104 MET A N   1 
ATOM 541  C CA  . MET A 1 82  ? -11.179 1.124   -9.033  1.00 48.73  ? 104 MET A CA  1 
ATOM 542  C C   . MET A 1 82  ? -11.734 1.733   -10.300 1.00 48.73  ? 104 MET A C   1 
ATOM 543  O O   . MET A 1 82  ? -12.896 1.512   -10.653 1.00 48.73  ? 104 MET A O   1 
ATOM 544  C CB  . MET A 1 82  ? -11.114 2.187   -7.943  1.00 86.60  ? 104 MET A CB  1 
ATOM 545  C CG  . MET A 1 82  ? -10.943 1.599   -6.561  1.00 86.60  ? 104 MET A CG  1 
ATOM 546  S SD  . MET A 1 82  ? -11.786 0.005   -6.353  1.00 86.60  ? 104 MET A SD  1 
ATOM 547  C CE  . MET A 1 82  ? -13.492 0.488   -6.080  1.00 86.60  ? 104 MET A CE  1 
ATOM 548  N N   . VAL A 1 83  ? -10.898 2.490   -10.994 1.00 46.29  ? 105 VAL A N   1 
ATOM 549  C CA  . VAL A 1 83  ? -11.321 3.119   -12.233 1.00 46.29  ? 105 VAL A CA  1 
ATOM 550  C C   . VAL A 1 83  ? -11.697 2.077   -13.307 1.00 46.29  ? 105 VAL A C   1 
ATOM 551  O O   . VAL A 1 83  ? -12.698 2.221   -14.008 1.00 46.29  ? 105 VAL A O   1 
ATOM 552  C CB  . VAL A 1 83  ? -10.213 4.064   -12.790 1.00 66.18  ? 105 VAL A CB  1 
ATOM 553  C CG1 . VAL A 1 83  ? -9.112  3.263   -13.502 1.00 66.18  ? 105 VAL A CG1 1 
ATOM 554  C CG2 . VAL A 1 83  ? -10.833 5.075   -13.742 1.00 66.18  ? 105 VAL A CG2 1 
ATOM 555  N N   . CYS A 1 84  ? -10.904 1.030   -13.450 1.00 62.74  ? 106 CYS A N   1 
ATOM 556  C CA  . CYS A 1 84  ? -11.230 0.046   -14.460 1.00 62.74  ? 106 CYS A CA  1 
ATOM 557  C C   . CYS A 1 84  ? -12.548 -0.659  -14.143 1.00 62.74  ? 106 CYS A C   1 
ATOM 558  O O   . CYS A 1 84  ? -13.297 -1.027  -15.047 1.00 62.74  ? 106 CYS A O   1 
ATOM 559  C CB  . CYS A 1 84  ? -10.082 -0.947  -14.598 1.00 48.29  ? 106 CYS A CB  1 
ATOM 560  S SG  . CYS A 1 84  ? -8.641  -0.185  -15.379 1.00 48.29  ? 106 CYS A SG  1 
ATOM 561  N N   . THR A 1 85  ? -12.821 -0.848  -12.853 1.00 54.23  ? 107 THR A N   1 
ATOM 562  C CA  . THR A 1 85  ? -14.068 -1.475  -12.394 1.00 54.23  ? 107 THR A CA  1 
ATOM 563  C C   . THR A 1 85  ? -15.119 -0.415  -12.646 1.00 54.23  ? 107 THR A C   1 
ATOM 564  O O   . THR A 1 85  ? -16.323 -0.686  -12.684 1.00 54.23  ? 107 THR A O   1 
ATOM 565  C CB  . THR A 1 85  ? -14.026 -1.777  -10.870 1.00 74.08  ? 107 THR A CB  1 
ATOM 566  O OG1 . THR A 1 85  ? -13.194 -2.920  -10.627 1.00 74.08  ? 107 THR A OG1 1 
ATOM 567  C CG2 . THR A 1 85  ? -15.425 -2.038  -10.329 1.00 74.08  ? 107 THR A CG2 1 
ATOM 568  N N   . ARG A 1 86  ? -14.614 0.803   -12.813 1.00 44.59  ? 108 ARG A N   1 
ATOM 569  C CA  . ARG A 1 86  ? -15.425 1.973   -13.081 1.00 44.59  ? 108 ARG A CA  1 
ATOM 570  C C   . ARG A 1 86  ? -16.150 2.418   -11.820 1.00 44.59  ? 108 ARG A C   1 
ATOM 571  O O   . ARG A 1 86  ? -17.213 1.891   -11.476 1.00 44.59  ? 108 ARG A O   1 
ATOM 572  C CB  . ARG A 1 86  ? -16.394 1.667   -14.232 1.00 97.47  ? 108 ARG A CB  1 
ATOM 573  C CG  . ARG A 1 86  ? -15.666 1.153   -15.494 1.00 97.47  ? 108 ARG A CG  1 
ATOM 574  C CD  . ARG A 1 86  ? -16.612 0.499   -16.512 1.00 97.47  ? 108 ARG A CD  1 
ATOM 575  N NE  . ARG A 1 86  ? -15.920 -0.422  -17.423 1.00 97.47  ? 108 ARG A NE  1 
ATOM 576  C CZ  . ARG A 1 86  ? -15.111 -0.051  -18.413 1.00 97.47  ? 108 ARG A CZ  1 
ATOM 577  N NH1 . ARG A 1 86  ? -14.876 1.232   -18.646 1.00 97.47  ? 108 ARG A NH1 1 
ATOM 578  N NH2 . ARG A 1 86  ? -14.530 -0.972  -19.168 1.00 97.47  ? 108 ARG A NH2 1 
ATOM 579  N N   . LYS A 1 87  ? -15.526 3.377   -11.129 1.00 84.37  ? 109 LYS A N   1 
ATOM 580  C CA  . LYS A 1 87  ? -16.032 3.968   -9.889  1.00 84.37  ? 109 LYS A CA  1 
ATOM 581  C C   . LYS A 1 87  ? -15.555 5.425   -9.789  1.00 84.37  ? 109 LYS A C   1 
ATOM 582  O O   . LYS A 1 87  ? -16.374 6.343   -9.781  1.00 84.37  ? 109 LYS A O   1 
ATOM 583  C CB  . LYS A 1 87  ? -15.555 3.159   -8.680  1.00 102.40 ? 109 LYS A CB  1 
ATOM 584  C CG  . LYS A 1 87  ? -16.443 3.328   -7.459  1.00 102.40 ? 109 LYS A CG  1 
ATOM 585  C CD  . LYS A 1 87  ? -16.423 2.082   -6.582  1.00 102.40 ? 109 LYS A CD  1 
ATOM 586  C CE  . LYS A 1 87  ? -16.902 0.848   -7.335  1.00 102.40 ? 109 LYS A CE  1 
ATOM 587  N NZ  . LYS A 1 87  ? -16.979 -0.320  -6.420  1.00 102.40 ? 109 LYS A NZ  1 
ATOM 588  N N   . ILE A 1 88  ? -14.241 5.637   -9.698  1.00 97.07  ? 110 ILE A N   1 
ATOM 589  C CA  . ILE A 1 88  ? -13.692 6.996   -9.659  1.00 97.07  ? 110 ILE A CA  1 
ATOM 590  C C   . ILE A 1 88  ? -13.277 7.306   -11.103 1.00 97.07  ? 110 ILE A C   1 
ATOM 591  O O   . ILE A 1 88  ? -12.471 6.586   -11.695 1.00 97.07  ? 110 ILE A O   1 
ATOM 592  C CB  . ILE A 1 88  ? -12.447 7.128   -8.691  1.00 64.28  ? 110 ILE A CB  1 
ATOM 593  C CG1 . ILE A 1 88  ? -12.905 7.111   -7.225  1.00 64.28  ? 110 ILE A CG1 1 
ATOM 594  C CG2 . ILE A 1 88  ? -11.693 8.445   -8.927  1.00 64.28  ? 110 ILE A CG2 1 
ATOM 595  C CD1 . ILE A 1 88  ? -13.691 8.337   -6.781  1.00 64.28  ? 110 ILE A CD1 1 
ATOM 596  N N   . SER A 1 89  ? -13.859 8.365   -11.666 1.00 64.52  ? 111 SER A N   1 
ATOM 597  C CA  . SER A 1 89  ? -13.597 8.795   -13.038 1.00 64.52  ? 111 SER A CA  1 
ATOM 598  C C   . SER A 1 89  ? -12.119 8.857   -13.405 1.00 64.52  ? 111 SER A C   1 
ATOM 599  O O   . SER A 1 89  ? -11.261 9.083   -12.553 1.00 64.52  ? 111 SER A O   1 
ATOM 600  C CB  . SER A 1 89  ? -14.214 10.172  -13.277 1.00 83.48  ? 111 SER A CB  1 
ATOM 601  O OG  . SER A 1 89  ? -13.550 11.155  -12.498 1.00 83.48  ? 111 SER A OG  1 
ATOM 602  N N   . ILE A 1 90  ? -11.845 8.661   -14.692 1.00 52.02  ? 112 ILE A N   1 
ATOM 603  C CA  . ILE A 1 90  ? -10.492 8.698   -15.248 1.00 52.02  ? 112 ILE A CA  1 
ATOM 604  C C   . ILE A 1 90  ? -9.782  9.962   -14.791 1.00 52.02  ? 112 ILE A C   1 
ATOM 605  O O   . ILE A 1 90  ? -8.608  9.937   -14.424 1.00 52.02  ? 112 ILE A O   1 
ATOM 606  C CB  . ILE A 1 90  ? -10.529 8.739   -16.795 1.00 53.41  ? 112 ILE A CB  1 
ATOM 607  C CG1 . ILE A 1 90  ? -11.701 7.902   -17.319 1.00 53.41  ? 112 ILE A CG1 1 
ATOM 608  C CG2 . ILE A 1 90  ? -9.203  8.261   -17.378 1.00 53.41  ? 112 ILE A CG2 1 
ATOM 609  C CD1 . ILE A 1 90  ? -11.747 6.490   -16.801 1.00 53.41  ? 112 ILE A CD1 1 
ATOM 610  N N   . ALA A 1 91  ? -10.513 11.068  -14.826 1.00 77.05  ? 113 ALA A N   1 
ATOM 611  C CA  . ALA A 1 91  ? -9.977  12.357  -14.435 1.00 77.05  ? 113 ALA A CA  1 
ATOM 612  C C   . ALA A 1 91  ? -9.790  12.500  -12.926 1.00 77.05  ? 113 ALA A C   1 
ATOM 613  O O   . ALA A 1 91  ? -8.683  12.744  -12.464 1.00 77.05  ? 113 ALA A O   1 
ATOM 614  C CB  . ALA A 1 91  ? -10.874 13.470  -14.975 1.00 59.82  ? 113 ALA A CB  1 
ATOM 615  N N   . LYS A 1 92  ? -10.857 12.363  -12.149 1.00 45.66  ? 114 LYS A N   1 
ATOM 616  C CA  . LYS A 1 92  ? -10.720 12.504  -10.701 1.00 45.66  ? 114 LYS A CA  1 
ATOM 617  C C   . LYS A 1 92  ? -9.677  11.575  -10.074 1.00 45.66  ? 114 LYS A C   1 
ATOM 618  O O   . LYS A 1 92  ? -9.023  11.944  -9.099  1.00 45.66  ? 114 LYS A O   1 
ATOM 619  C CB  . LYS A 1 92  ? -12.058 12.291  -9.998  1.00 81.88  ? 114 LYS A CB  1 
ATOM 620  C CG  . LYS A 1 92  ? -11.881 11.984  -8.534  1.00 81.88  ? 114 LYS A CG  1 
ATOM 621  C CD  . LYS A 1 92  ? -13.208 11.728  -7.839  1.00 81.88  ? 114 LYS A CD  1 
ATOM 622  C CE  . LYS A 1 92  ? -13.028 11.569  -6.320  1.00 81.88  ? 114 LYS A CE  1 
ATOM 623  N NZ  . LYS A 1 92  ? -14.308 11.268  -5.595  1.00 81.88  ? 114 LYS A NZ  1 
ATOM 624  N N   . SER A 1 93  ? -9.499  10.390  -10.645 1.00 33.42  ? 115 SER A N   1 
ATOM 625  C CA  . SER A 1 93  ? -8.550  9.439   -10.088 1.00 33.42  ? 115 SER A CA  1 
ATOM 626  C C   . SER A 1 93  ? -7.112  9.903   -10.153 1.00 33.42  ? 115 SER A C   1 
ATOM 627  O O   . SER A 1 93  ? -6.366  9.733   -9.192  1.00 33.42  ? 115 SER A O   1 
ATOM 628  C CB  . SER A 1 93  ? -8.633  8.087   -10.796 1.00 30.55  ? 115 SER A CB  1 
ATOM 629  O OG  . SER A 1 93  ? -7.769  8.042   -11.920 1.00 30.55  ? 115 SER A OG  1 
ATOM 630  N N   . VAL A 1 94  ? -6.709  10.478  -11.278 1.00 56.55  ? 116 VAL A N   1 
ATOM 631  C CA  . VAL A 1 94  ? -5.324  10.908  -11.407 1.00 56.55  ? 116 VAL A CA  1 
ATOM 632  C C   . VAL A 1 94  ? -4.866  11.761  -10.232 1.00 56.55  ? 116 VAL A C   1 
ATOM 633  O O   . VAL A 1 94  ? -3.698  11.702  -9.842  1.00 56.55  ? 116 VAL A O   1 
ATOM 634  C CB  . VAL A 1 94  ? -5.078  11.684  -12.712 1.00 66.16  ? 116 VAL A CB  1 
ATOM 635  C CG1 . VAL A 1 94  ? -5.457  10.817  -13.925 1.00 66.16  ? 116 VAL A CG1 1 
ATOM 636  C CG2 . VAL A 1 94  ? -5.862  12.957  -12.703 1.00 66.16  ? 116 VAL A CG2 1 
ATOM 637  N N   . PHE A 1 95  ? -5.775  12.546  -9.661  1.00 69.87  ? 117 PHE A N   1 
ATOM 638  C CA  . PHE A 1 95  ? -5.410  13.383  -8.527  1.00 69.87  ? 117 PHE A CA  1 
ATOM 639  C C   . PHE A 1 95  ? -5.224  12.476  -7.309  1.00 69.87  ? 117 PHE A C   1 
ATOM 640  O O   . PHE A 1 95  ? -4.278  12.607  -6.532  1.00 69.87  ? 117 PHE A O   1 
ATOM 641  C CB  . PHE A 1 95  ? -6.491  14.449  -8.274  1.00 58.21  ? 117 PHE A CB  1 
ATOM 642  C CG  . PHE A 1 95  ? -6.558  15.526  -9.339  1.00 58.21  ? 117 PHE A CG  1 
ATOM 643  C CD1 . PHE A 1 95  ? -7.025  15.237  -10.616 1.00 58.21  ? 117 PHE A CD1 1 
ATOM 644  C CD2 . PHE A 1 95  ? -6.169  16.833  -9.060  1.00 58.21  ? 117 PHE A CD2 1 
ATOM 645  C CE1 . PHE A 1 95  ? -7.112  16.227  -11.605 1.00 58.21  ? 117 PHE A CE1 1 
ATOM 646  C CE2 . PHE A 1 95  ? -6.251  17.838  -10.043 1.00 58.21  ? 117 PHE A CE2 1 
ATOM 647  C CZ  . PHE A 1 95  ? -6.726  17.528  -11.315 1.00 58.21  ? 117 PHE A CZ  1 
ATOM 648  N N   . TYR A 1 96  ? -6.144  11.542  -7.155  1.00 47.18  ? 118 TYR A N   1 
ATOM 649  C CA  . TYR A 1 96  ? -6.058  10.617  -6.056  1.00 47.18  ? 118 TYR A CA  1 
ATOM 650  C C   . TYR A 1 96  ? -4.651  10.078  -5.993  1.00 47.18  ? 118 TYR A C   1 
ATOM 651  O O   . TYR A 1 96  ? -3.968  10.248  -4.983  1.00 47.18  ? 118 TYR A O   1 
ATOM 652  C CB  . TYR A 1 96  ? -7.015  9.468   -6.273  1.00 86.95  ? 118 TYR A CB  1 
ATOM 653  C CG  . TYR A 1 96  ? -8.202  9.566   -5.375  1.00 86.95  ? 118 TYR A CG  1 
ATOM 654  C CD1 . TYR A 1 96  ? -9.024  10.690  -5.399  1.00 86.95  ? 118 TYR A CD1 1 
ATOM 655  C CD2 . TYR A 1 96  ? -8.489  8.548   -4.478  1.00 86.95  ? 118 TYR A CD2 1 
ATOM 656  C CE1 . TYR A 1 96  ? -10.098 10.791  -4.551  1.00 86.95  ? 118 TYR A CE1 1 
ATOM 657  C CE2 . TYR A 1 96  ? -9.557  8.636   -3.628  1.00 86.95  ? 118 TYR A CE2 1 
ATOM 658  C CZ  . TYR A 1 96  ? -10.364 9.755   -3.666  1.00 86.95  ? 118 TYR A CZ  1 
ATOM 659  O OH  . TYR A 1 96  ? -11.462 9.838   -2.840  1.00 86.95  ? 118 TYR A OH  1 
ATOM 660  N N   . ILE A 1 97  ? -4.224  9.419   -7.069  1.00 37.89  ? 119 ILE A N   1 
ATOM 661  C CA  . ILE A 1 97  ? -2.885  8.856   -7.127  1.00 37.89  ? 119 ILE A CA  1 
ATOM 662  C C   . ILE A 1 97  ? -1.839  9.924   -6.868  1.00 37.89  ? 119 ILE A C   1 
ATOM 663  O O   . ILE A 1 97  ? -0.800  9.644   -6.268  1.00 37.89  ? 119 ILE A O   1 
ATOM 664  C CB  . ILE A 1 97  ? -2.578  8.194   -8.499  1.00 55.15  ? 119 ILE A CB  1 
ATOM 665  C CG1 . ILE A 1 97  ? -1.431  8.924   -9.194  1.00 55.15  ? 119 ILE A CG1 1 
ATOM 666  C CG2 . ILE A 1 97  ? -3.807  8.202   -9.386  1.00 55.15  ? 119 ILE A CG2 1 
ATOM 667  C CD1 . ILE A 1 97  ? -0.916  8.226   -10.433 1.00 55.15  ? 119 ILE A CD1 1 
ATOM 668  N N   . THR A 1 98  ? -2.094  11.150  -7.304  1.00 27.41  ? 120 THR A N   1 
ATOM 669  C CA  . THR A 1 98  ? -1.093  12.171  -7.077  1.00 27.41  ? 120 THR A CA  1 
ATOM 670  C C   . THR A 1 98  ? -1.061  12.640  -5.644  1.00 27.41  ? 120 THR A C   1 
ATOM 671  O O   . THR A 1 98  ? 0.004   12.901  -5.105  1.00 27.41  ? 120 THR A O   1 
ATOM 672  C CB  . THR A 1 98  ? -1.251  13.379  -8.021  1.00 26.07  ? 120 THR A CB  1 
ATOM 673  O OG1 . THR A 1 98  ? -0.100  14.220  -7.882  1.00 26.07  ? 120 THR A OG1 1 
ATOM 674  C CG2 . THR A 1 98  ? -2.484  14.182  -7.689  1.00 26.07  ? 120 THR A CG2 1 
ATOM 675  N N   . ALA A 1 99  ? -2.221  12.755  -5.018  1.00 44.44  ? 121 ALA A N   1 
ATOM 676  C CA  . ALA A 1 99  ? -2.241  13.167  -3.622  1.00 44.44  ? 121 ALA A CA  1 
ATOM 677  C C   . ALA A 1 99  ? -1.505  12.067  -2.865  1.00 44.44  ? 121 ALA A C   1 
ATOM 678  O O   . ALA A 1 99  ? -0.669  12.332  -2.012  1.00 44.44  ? 121 ALA A O   1 
ATOM 679  C CB  . ALA A 1 99  ? -3.676  13.296  -3.115  1.00 72.10  ? 121 ALA A CB  1 
ATOM 680  N N   . GLN A 1 100 ? -1.811  10.823  -3.203  1.00 42.04  ? 122 GLN A N   1 
ATOM 681  C CA  . GLN A 1 100 ? -1.163  9.698   -2.558  1.00 42.04  ? 122 GLN A CA  1 
ATOM 682  C C   . GLN A 1 100 ? 0.343   9.805   -2.767  1.00 42.04  ? 122 GLN A C   1 
ATOM 683  O O   . GLN A 1 100 ? 1.107   9.806   -1.801  1.00 42.04  ? 122 GLN A O   1 
ATOM 684  C CB  . GLN A 1 100 ? -1.676  8.379   -3.144  1.00 52.12  ? 122 GLN A CB  1 
ATOM 685  C CG  . GLN A 1 100 ? -3.101  8.013   -2.727  1.00 52.12  ? 122 GLN A CG  1 
ATOM 686  C CD  . GLN A 1 100 ? -3.806  7.174   -3.774  1.00 52.12  ? 122 GLN A CD  1 
ATOM 687  O OE1 . GLN A 1 100 ? -3.184  6.351   -4.458  1.00 52.12  ? 122 GLN A OE1 1 
ATOM 688  N NE2 . GLN A 1 100 ? -5.114  7.376   -3.905  1.00 52.12  ? 122 GLN A NE2 1 
ATOM 689  N N   . CYS A 1 101 ? 0.765   9.917   -4.020  1.00 37.13  ? 123 CYS A N   1 
ATOM 690  C CA  . CYS A 1 101 ? 2.185   9.992   -4.329  1.00 37.13  ? 123 CYS A CA  1 
ATOM 691  C C   . CYS A 1 101 ? 2.971   11.061  -3.602  1.00 37.13  ? 123 CYS A C   1 
ATOM 692  O O   . CYS A 1 101 ? 4.151   10.862  -3.303  1.00 37.13  ? 123 CYS A O   1 
ATOM 693  C CB  . CYS A 1 101 ? 2.401   10.181  -5.818  1.00 50.67  ? 123 CYS A CB  1 
ATOM 694  S SG  . CYS A 1 101 ? 2.024   8.751   -6.816  1.00 50.67  ? 123 CYS A SG  1 
ATOM 695  N N   . LEU A 1 102 ? 2.347   12.199  -3.340  1.00 39.47  ? 124 LEU A N   1 
ATOM 696  C CA  . LEU A 1 102 ? 3.052   13.253  -2.638  1.00 39.47  ? 124 LEU A CA  1 
ATOM 697  C C   . LEU A 1 102 ? 3.076   12.784  -1.194  1.00 39.47  ? 124 LEU A C   1 
ATOM 698  O O   . LEU A 1 102 ? 4.117   12.732  -0.551  1.00 39.47  ? 124 LEU A O   1 
ATOM 699  C CB  . LEU A 1 102 ? 2.302   14.595  -2.780  1.00 45.82  ? 124 LEU A CB  1 
ATOM 700  C CG  . LEU A 1 102 ? 3.189   15.839  -2.987  1.00 45.82  ? 124 LEU A CG  1 
ATOM 701  C CD1 . LEU A 1 102 ? 2.413   16.945  -3.696  1.00 45.82  ? 124 LEU A CD1 1 
ATOM 702  C CD2 . LEU A 1 102 ? 3.752   16.308  -1.650  1.00 45.82  ? 124 LEU A CD2 1 
ATOM 703  N N   . GLY A 1 103 ? 1.900   12.420  -0.707  1.00 30.68  ? 125 GLY A N   1 
ATOM 704  C CA  . GLY A 1 103 ? 1.767   11.960  0.653   1.00 30.68  ? 125 GLY A CA  1 
ATOM 705  C C   . GLY A 1 103 ? 2.817   10.923  0.938   1.00 30.68  ? 125 GLY A C   1 
ATOM 706  O O   . GLY A 1 103 ? 3.319   10.851  2.051   1.00 30.68  ? 125 GLY A O   1 
ATOM 707  N N   . ALA A 1 104 ? 3.147   10.112  -0.055  1.00 36.49  ? 126 ALA A N   1 
ATOM 708  C CA  . ALA A 1 104 ? 4.179   9.110   0.137   1.00 36.49  ? 126 ALA A CA  1 
ATOM 709  C C   . ALA A 1 104 ? 5.475   9.862   0.448   1.00 36.49  ? 126 ALA A C   1 
ATOM 710  O O   . ALA A 1 104 ? 6.065   9.694   1.521   1.00 36.49  ? 126 ALA A O   1 
ATOM 711  C CB  . ALA A 1 104 ? 4.338   8.252   -1.143  1.00 38.62  ? 126 ALA A CB  1 
ATOM 712  N N   . ILE A 1 105 ? 5.895   10.696  -0.502  1.00 47.50  ? 127 ILE A N   1 
ATOM 713  C CA  . ILE A 1 105 ? 7.109   11.505  -0.404  1.00 47.50  ? 127 ILE A CA  1 
ATOM 714  C C   . ILE A 1 105 ? 7.262   12.376  0.856   1.00 47.50  ? 127 ILE A C   1 
ATOM 715  O O   . ILE A 1 105 ? 8.259   12.262  1.563   1.00 47.50  ? 127 ILE A O   1 
ATOM 716  C CB  . ILE A 1 105 ? 7.215   12.459  -1.594  1.00 33.52  ? 127 ILE A CB  1 
ATOM 717  C CG1 . ILE A 1 105 ? 7.254   11.682  -2.912  1.00 33.52  ? 127 ILE A CG1 1 
ATOM 718  C CG2 . ILE A 1 105 ? 8.432   13.349  -1.428  1.00 33.52  ? 127 ILE A CG2 1 
ATOM 719  C CD1 . ILE A 1 105 ? 7.712   12.535  -4.077  1.00 33.52  ? 127 ILE A CD1 1 
ATOM 720  N N   . ILE A 1 106 ? 6.285   13.258  1.103   1.00 45.19  ? 128 ILE A N   1 
ATOM 721  C CA  . ILE A 1 106 ? 6.259   14.190  2.254   1.00 45.19  ? 128 ILE A CA  1 
ATOM 722  C C   . ILE A 1 106 ? 6.350   13.529  3.626   1.00 45.19  ? 128 ILE A C   1 
ATOM 723  O O   . ILE A 1 106 ? 7.142   13.930  4.470   1.00 45.19  ? 128 ILE A O   1 
ATOM 724  C CB  . ILE A 1 106 ? 4.966   15.028  2.242   1.00 53.90  ? 128 ILE A CB  1 
ATOM 725  C CG1 . ILE A 1 106 ? 4.785   15.764  3.569   1.00 53.90  ? 128 ILE A CG1 1 
ATOM 726  C CG2 . ILE A 1 106 ? 3.773   14.121  2.038   1.00 53.90  ? 128 ILE A CG2 1 
ATOM 727  C CD1 . ILE A 1 106 ? 3.392   16.348  3.763   1.00 53.90  ? 128 ILE A CD1 1 
ATOM 728  N N   . GLY A 1 107 ? 5.508   12.533  3.849   1.00 51.30  ? 129 GLY A N   1 
ATOM 729  C CA  . GLY A 1 107 ? 5.525   11.838  5.116   1.00 51.30  ? 129 GLY A CA  1 
ATOM 730  C C   . GLY A 1 107 ? 6.801   11.032  5.279   1.00 51.30  ? 129 GLY A C   1 
ATOM 731  O O   . GLY A 1 107 ? 7.252   10.761  6.401   1.00 51.30  ? 129 GLY A O   1 
ATOM 732  N N   . ALA A 1 108 ? 7.392   10.645  4.153   1.00 45.48  ? 130 ALA A N   1 
ATOM 733  C CA  . ALA A 1 108 ? 8.622   9.876   4.181   1.00 45.48  ? 130 ALA A CA  1 
ATOM 734  C C   . ALA A 1 108 ? 9.817   10.775  4.516   1.00 45.48  ? 130 ALA A C   1 
ATOM 735  O O   . ALA A 1 108 ? 10.591  10.466  5.420   1.00 45.48  ? 130 ALA A O   1 
ATOM 736  C CB  . ALA A 1 108 ? 8.826   9.196   2.853   1.00 17.48  ? 130 ALA A CB  1 
ATOM 737  N N   . GLY A 1 109 ? 9.965   11.882  3.788   1.00 34.13  ? 131 GLY A N   1 
ATOM 738  C CA  . GLY A 1 109 ? 11.065  12.799  4.026   1.00 34.13  ? 131 GLY A CA  1 
ATOM 739  C C   . GLY A 1 109 ? 11.060  13.265  5.453   1.00 34.13  ? 131 GLY A C   1 
ATOM 740  O O   . GLY A 1 109 ? 12.055  13.148  6.152   1.00 34.13  ? 131 GLY A O   1 
ATOM 741  N N   . ILE A 1 110 ? 9.934   13.788  5.906   1.00 39.65  ? 132 ILE A N   1 
ATOM 742  C CA  . ILE A 1 110 ? 9.855   14.248  7.283   1.00 39.65  ? 132 ILE A CA  1 
ATOM 743  C C   . ILE A 1 110 ? 10.254  13.144  8.258   1.00 39.65  ? 132 ILE A C   1 
ATOM 744  O O   . ILE A 1 110 ? 10.756  13.416  9.343   1.00 39.65  ? 132 ILE A O   1 
ATOM 745  C CB  . ILE A 1 110 ? 8.451   14.732  7.622   1.00 53.21  ? 132 ILE A CB  1 
ATOM 746  C CG1 . ILE A 1 110 ? 7.528   13.543  7.792   1.00 53.21  ? 132 ILE A CG1 1 
ATOM 747  C CG2 . ILE A 1 110 ? 7.944   15.631  6.500   1.00 53.21  ? 132 ILE A CG2 1 
ATOM 748  C CD1 . ILE A 1 110 ? 6.087   13.926  7.944   1.00 53.21  ? 132 ILE A CD1 1 
ATOM 749  N N   . LEU A 1 111 ? 10.025  11.901  7.866   1.00 38.52  ? 133 LEU A N   1 
ATOM 750  C CA  . LEU A 1 111 ? 10.400  10.775  8.707   1.00 38.52  ? 133 LEU A CA  1 
ATOM 751  C C   . LEU A 1 111 ? 11.915  10.732  8.685   1.00 38.52  ? 133 LEU A C   1 
ATOM 752  O O   . LEU A 1 111 ? 12.579  10.521  9.700   1.00 38.52  ? 133 LEU A O   1 
ATOM 753  C CB  . LEU A 1 111 ? 9.858   9.465   8.123   1.00 18.05  ? 133 LEU A CB  1 
ATOM 754  C CG  . LEU A 1 111 ? 10.477  8.161   8.643   1.00 18.05  ? 133 LEU A CG  1 
ATOM 755  C CD1 . LEU A 1 111 ? 10.190  7.965   10.121  1.00 18.05  ? 133 LEU A CD1 1 
ATOM 756  C CD2 . LEU A 1 111 ? 9.905   7.019   7.849   1.00 18.05  ? 133 LEU A CD2 1 
ATOM 757  N N   . TYR A 1 112 ? 12.437  10.906  7.481   1.00 31.47  ? 134 TYR A N   1 
ATOM 758  C CA  . TYR A 1 112 ? 13.863  10.901  7.220   1.00 31.47  ? 134 TYR A CA  1 
ATOM 759  C C   . TYR A 1 112 ? 14.465  11.928  8.133   1.00 31.47  ? 134 TYR A C   1 
ATOM 760  O O   . TYR A 1 112 ? 15.517  11.714  8.712   1.00 31.47  ? 134 TYR A O   1 
ATOM 761  C CB  . TYR A 1 112 ? 14.083  11.258  5.751   1.00 52.13  ? 134 TYR A CB  1 
ATOM 762  C CG  . TYR A 1 112 ? 15.224  12.198  5.454   1.00 52.13  ? 134 TYR A CG  1 
ATOM 763  C CD1 . TYR A 1 112 ? 16.542  11.745  5.456   1.00 52.13  ? 134 TYR A CD1 1 
ATOM 764  C CD2 . TYR A 1 112 ? 14.979  13.538  5.116   1.00 52.13  ? 134 TYR A CD2 1 
ATOM 765  C CE1 . TYR A 1 112 ? 17.603  12.605  5.119   1.00 52.13  ? 134 TYR A CE1 1 
ATOM 766  C CE2 . TYR A 1 112 ? 16.027  14.412  4.781   1.00 52.13  ? 134 TYR A CE2 1 
ATOM 767  C CZ  . TYR A 1 112 ? 17.342  13.942  4.786   1.00 52.13  ? 134 TYR A CZ  1 
ATOM 768  O OH  . TYR A 1 112 ? 18.390  14.803  4.502   1.00 52.13  ? 134 TYR A OH  1 
ATOM 769  N N   . LEU A 1 113 ? 13.758  13.036  8.281   1.00 20.87  ? 135 LEU A N   1 
ATOM 770  C CA  . LEU A 1 113 ? 14.209  14.141  9.128   1.00 20.87  ? 135 LEU A CA  1 
ATOM 771  C C   . LEU A 1 113 ? 14.341  13.784  10.597  1.00 20.87  ? 135 LEU A C   1 
ATOM 772  O O   . LEU A 1 113 ? 15.229  14.282  11.284  1.00 20.87  ? 135 LEU A O   1 
ATOM 773  C CB  . LEU A 1 113 ? 13.253  15.324  8.980   1.00 102.19 ? 135 LEU A CB  1 
ATOM 774  C CG  . LEU A 1 113 ? 13.421  16.507  9.935   1.00 102.19 ? 135 LEU A CG  1 
ATOM 775  C CD1 . LEU A 1 113 ? 12.876  16.147  11.319  1.00 102.19 ? 135 LEU A CD1 1 
ATOM 776  C CD2 . LEU A 1 113 ? 14.894  16.911  9.997   1.00 102.19 ? 135 LEU A CD2 1 
ATOM 777  N N   . VAL A 1 114 ? 13.451  12.926  11.066  1.00 67.92  ? 136 VAL A N   1 
ATOM 778  C CA  . VAL A 1 114 ? 13.435  12.518  12.457  1.00 67.92  ? 136 VAL A CA  1 
ATOM 779  C C   . VAL A 1 114 ? 14.644  11.662  12.868  1.00 67.92  ? 136 VAL A C   1 
ATOM 780  O O   . VAL A 1 114 ? 15.326  11.972  13.844  1.00 67.92  ? 136 VAL A O   1 
ATOM 781  C CB  . VAL A 1 114 ? 12.109  11.748  12.766  1.00 56.68  ? 136 VAL A CB  1 
ATOM 782  C CG1 . VAL A 1 114 ? 11.970  11.463  14.260  1.00 56.68  ? 136 VAL A CG1 1 
ATOM 783  C CG2 . VAL A 1 114 ? 10.931  12.551  12.295  1.00 56.68  ? 136 VAL A CG2 1 
ATOM 784  N N   . THR A 1 115 ? 14.919  10.602  12.116  1.00 64.85  ? 137 THR A N   1 
ATOM 785  C CA  . THR A 1 115 ? 16.012  9.692   12.446  1.00 64.85  ? 137 THR A CA  1 
ATOM 786  C C   . THR A 1 115 ? 17.099  9.613   11.370  1.00 64.85  ? 137 THR A C   1 
ATOM 787  O O   . THR A 1 115 ? 17.423  8.526   10.884  1.00 64.85  ? 137 THR A O   1 
ATOM 788  C CB  . THR A 1 115 ? 15.444  8.272   12.691  1.00 40.66  ? 137 THR A CB  1 
ATOM 789  O OG1 . THR A 1 115 ? 16.502  7.304   12.775  1.00 40.66  ? 137 THR A OG1 1 
ATOM 790  C CG2 . THR A 1 115 ? 14.511  7.904   11.562  1.00 40.66  ? 137 THR A CG2 1 
ATOM 791  N N   . PRO A 1 116 ? 17.682  10.761  10.979  1.00 92.46  ? 138 PRO A N   1 
ATOM 792  C CA  . PRO A 1 116 ? 18.735  10.750  9.949   1.00 92.46  ? 138 PRO A CA  1 
ATOM 793  C C   . PRO A 1 116 ? 19.984  9.888   10.221  1.00 92.46  ? 138 PRO A C   1 
ATOM 794  O O   . PRO A 1 116 ? 20.687  9.494   9.287   1.00 92.46  ? 138 PRO A O   1 
ATOM 795  C CB  . PRO A 1 116 ? 19.064  12.240  9.760   1.00 104.06 ? 138 PRO A CB  1 
ATOM 796  C CG  . PRO A 1 116 ? 18.584  12.888  11.034  1.00 104.06 ? 138 PRO A CG  1 
ATOM 797  C CD  . PRO A 1 116 ? 17.312  12.142  11.329  1.00 104.06 ? 138 PRO A CD  1 
ATOM 798  N N   . PRO A 1 117 ? 20.288  9.599   11.498  1.00 55.42  ? 139 PRO A N   1 
ATOM 799  C CA  . PRO A 1 117 ? 21.479  8.772   11.733  1.00 55.42  ? 139 PRO A CA  1 
ATOM 800  C C   . PRO A 1 117 ? 21.313  7.232   11.802  1.00 55.42  ? 139 PRO A C   1 
ATOM 801  O O   . PRO A 1 117 ? 22.272  6.514   12.111  1.00 55.42  ? 139 PRO A O   1 
ATOM 802  C CB  . PRO A 1 117 ? 22.056  9.367   13.024  1.00 104.06 ? 139 PRO A CB  1 
ATOM 803  C CG  . PRO A 1 117 ? 20.831  9.808   13.763  1.00 104.06 ? 139 PRO A CG  1 
ATOM 804  C CD  . PRO A 1 117 ? 19.985  10.433  12.679  1.00 104.06 ? 139 PRO A CD  1 
ATOM 805  N N   . SER A 1 118 ? 20.114  6.729   11.517  1.00 74.90  ? 140 SER A N   1 
ATOM 806  C CA  . SER A 1 118 ? 19.860  5.280   11.537  1.00 74.90  ? 140 SER A CA  1 
ATOM 807  C C   . SER A 1 118 ? 18.966  4.848   10.362  1.00 74.90  ? 140 SER A C   1 
ATOM 808  O O   . SER A 1 118 ? 18.764  3.650   10.120  1.00 74.90  ? 140 SER A O   1 
ATOM 809  C CB  . SER A 1 118 ? 19.206  4.858   12.857  1.00 52.39  ? 140 SER A CB  1 
ATOM 810  O OG  . SER A 1 118 ? 18.996  3.458   12.876  1.00 52.39  ? 140 SER A OG  1 
ATOM 811  N N   . VAL A 1 119 ? 18.442  5.833   9.632   1.00 34.94  ? 141 VAL A N   1 
ATOM 812  C CA  . VAL A 1 119 ? 17.582  5.576   8.483   1.00 34.94  ? 141 VAL A CA  1 
ATOM 813  C C   . VAL A 1 119 ? 18.279  4.740   7.413   1.00 34.94  ? 141 VAL A C   1 
ATOM 814  O O   . VAL A 1 119 ? 17.625  3.952   6.727   1.00 34.94  ? 141 VAL A O   1 
ATOM 815  C CB  . VAL A 1 119 ? 17.143  6.891   7.815   1.00 41.18  ? 141 VAL A CB  1 
ATOM 816  C CG1 . VAL A 1 119 ? 18.324  7.525   7.158   1.00 41.18  ? 141 VAL A CG1 1 
ATOM 817  C CG2 . VAL A 1 119 ? 16.059  6.641   6.786   1.00 41.18  ? 141 VAL A CG2 1 
ATOM 818  N N   . VAL A 1 120 ? 19.600  4.909   7.279   1.00 103.44 ? 142 VAL A N   1 
ATOM 819  C CA  . VAL A 1 120 ? 20.400  4.204   6.263   1.00 103.44 ? 142 VAL A CA  1 
ATOM 820  C C   . VAL A 1 120 ? 19.834  2.819   5.919   1.00 103.44 ? 142 VAL A C   1 
ATOM 821  O O   . VAL A 1 120 ? 19.875  2.388   4.764   1.00 103.44 ? 142 VAL A O   1 
ATOM 822  C CB  . VAL A 1 120 ? 21.953  4.077   6.672   1.00 43.06  ? 142 VAL A CB  1 
ATOM 823  C CG1 . VAL A 1 120 ? 22.504  5.478   7.129   1.00 43.06  ? 142 VAL A CG1 1 
ATOM 824  C CG2 . VAL A 1 120 ? 22.174  2.925   7.727   1.00 43.06  ? 142 VAL A CG2 1 
ATOM 825  N N   . GLY A 1 121 ? 19.286  2.140   6.922   1.00 49.27  ? 143 GLY A N   1 
ATOM 826  C CA  . GLY A 1 121 ? 18.717  0.820   6.711   1.00 49.27  ? 143 GLY A CA  1 
ATOM 827  C C   . GLY A 1 121 ? 17.745  0.779   5.554   1.00 49.27  ? 143 GLY A C   1 
ATOM 828  O O   . GLY A 1 121 ? 17.289  -0.303  5.160   1.00 49.27  ? 143 GLY A O   1 
ATOM 829  N N   . GLY A 1 122 ? 17.415  1.955   5.018   1.00 49.66  ? 144 GLY A N   1 
ATOM 830  C CA  . GLY A 1 122 ? 16.513  2.008   3.880   1.00 49.66  ? 144 GLY A CA  1 
ATOM 831  C C   . GLY A 1 122 ? 15.501  3.134   3.802   1.00 49.66  ? 144 GLY A C   1 
ATOM 832  O O   . GLY A 1 122 ? 15.357  3.753   2.746   1.00 49.66  ? 144 GLY A O   1 
ATOM 833  N N   . LEU A 1 123 ? 14.805  3.405   4.907   1.00 46.28  ? 145 LEU A N   1 
ATOM 834  C CA  . LEU A 1 123 ? 13.783  4.449   4.913   1.00 46.28  ? 145 LEU A CA  1 
ATOM 835  C C   . LEU A 1 123 ? 12.645  3.893   4.055   1.00 46.28  ? 145 LEU A C   1 
ATOM 836  O O   . LEU A 1 123 ? 11.885  4.633   3.436   1.00 46.28  ? 145 LEU A O   1 
ATOM 837  C CB  . LEU A 1 123 ? 14.337  5.734   4.293   1.00 26.72  ? 145 LEU A CB  1 
ATOM 838  C CG  . LEU A 1 123 ? 13.569  7.055   4.185   1.00 26.72  ? 145 LEU A CG  1 
ATOM 839  C CD1 . LEU A 1 123 ? 12.726  7.064   2.920   1.00 26.72  ? 145 LEU A CD1 1 
ATOM 840  C CD2 . LEU A 1 123 ? 12.759  7.319   5.454   1.00 26.72  ? 145 LEU A CD2 1 
ATOM 841  N N   . GLY A 1 124 ? 12.536  2.570   4.020   1.00 54.22  ? 146 GLY A N   1 
ATOM 842  C CA  . GLY A 1 124 ? 11.490  1.954   3.232   1.00 54.22  ? 146 GLY A CA  1 
ATOM 843  C C   . GLY A 1 124 ? 11.914  1.844   1.790   1.00 54.22  ? 146 GLY A C   1 
ATOM 844  O O   . GLY A 1 124 ? 11.334  2.481   0.915   1.00 54.22  ? 146 GLY A O   1 
ATOM 845  N N   . VAL A 1 125 ? 12.925  1.014   1.554   1.00 104.06 ? 147 VAL A N   1 
ATOM 846  C CA  . VAL A 1 125 ? 13.485  0.777   0.226   1.00 104.06 ? 147 VAL A CA  1 
ATOM 847  C C   . VAL A 1 125 ? 12.893  -0.464  -0.452  1.00 104.06 ? 147 VAL A C   1 
ATOM 848  O O   . VAL A 1 125 ? 13.639  -1.372  -0.815  1.00 104.06 ? 147 VAL A O   1 
ATOM 849  C CB  . VAL A 1 125 ? 15.029  0.604   0.330   1.00 39.73  ? 147 VAL A CB  1 
ATOM 850  C CG1 . VAL A 1 125 ? 15.677  1.940   0.641   1.00 39.73  ? 147 VAL A CG1 1 
ATOM 851  C CG2 . VAL A 1 125 ? 15.385  -0.394  1.468   1.00 39.73  ? 147 VAL A CG2 1 
ATOM 852  N N   . THR A 1 126 ? 11.569  -0.508  -0.629  1.00 43.42  ? 148 THR A N   1 
ATOM 853  C CA  . THR A 1 126 ? 10.923  -1.679  -1.250  1.00 43.42  ? 148 THR A CA  1 
ATOM 854  C C   . THR A 1 126 ? 11.480  -1.918  -2.619  1.00 43.42  ? 148 THR A C   1 
ATOM 855  O O   . THR A 1 126 ? 10.944  -1.417  -3.604  1.00 43.42  ? 148 THR A O   1 
ATOM 856  C CB  . THR A 1 126 ? 9.409   -1.513  -1.406  1.00 43.73  ? 148 THR A CB  1 
ATOM 857  O OG1 . THR A 1 126 ? 9.063   -0.134  -1.254  1.00 43.73  ? 148 THR A OG1 1 
ATOM 858  C CG2 . THR A 1 126 ? 8.669   -2.361  -0.386  1.00 43.73  ? 148 THR A CG2 1 
ATOM 859  N N   . THR A 1 127 ? 12.567  -2.684  -2.671  1.00 78.80  ? 149 THR A N   1 
ATOM 860  C CA  . THR A 1 127 ? 13.244  -2.997  -3.925  1.00 78.80  ? 149 THR A CA  1 
ATOM 861  C C   . THR A 1 127 ? 13.501  -4.503  -3.985  1.00 78.80  ? 149 THR A C   1 
ATOM 862  O O   . THR A 1 127 ? 14.109  -5.074  -3.081  1.00 78.80  ? 149 THR A O   1 
ATOM 863  C CB  . THR A 1 127 ? 14.586  -2.192  -4.046  1.00 36.94  ? 149 THR A CB  1 
ATOM 864  O OG1 . THR A 1 127 ? 15.011  -2.153  -5.414  1.00 36.94  ? 149 THR A OG1 1 
ATOM 865  C CG2 . THR A 1 127 ? 15.678  -2.802  -3.164  1.00 36.94  ? 149 THR A CG2 1 
ATOM 866  N N   . VAL A 1 128 ? 13.005  -5.126  -5.054  1.00 64.24  ? 150 VAL A N   1 
ATOM 867  C CA  . VAL A 1 128 ? 13.140  -6.558  -5.280  1.00 64.24  ? 150 VAL A CA  1 
ATOM 868  C C   . VAL A 1 128 ? 14.388  -7.062  -4.578  1.00 64.24  ? 150 VAL A C   1 
ATOM 869  O O   . VAL A 1 128 ? 15.481  -7.105  -5.148  1.00 64.24  ? 150 VAL A O   1 
ATOM 870  C CB  . VAL A 1 128 ? 13.186  -6.894  -6.814  1.00 52.34  ? 150 VAL A CB  1 
ATOM 871  C CG1 . VAL A 1 128 ? 13.544  -8.348  -7.037  1.00 52.34  ? 150 VAL A CG1 1 
ATOM 872  C CG2 . VAL A 1 128 ? 11.820  -6.625  -7.446  1.00 52.34  ? 150 VAL A CG2 1 
ATOM 873  N N   . HIS A 1 129 ? 14.196  -7.422  -3.313  1.00 97.13  ? 151 HIS A N   1 
ATOM 874  C CA  . HIS A 1 129 ? 15.255  -7.925  -2.450  1.00 97.13  ? 151 HIS A CA  1 
ATOM 875  C C   . HIS A 1 129 ? 15.717  -9.315  -2.890  1.00 97.13  ? 151 HIS A C   1 
ATOM 876  O O   . HIS A 1 129 ? 16.803  -9.455  -3.459  1.00 97.13  ? 151 HIS A O   1 
ATOM 877  C CB  . HIS A 1 129 ? 14.762  -7.947  -0.989  1.00 104.06 ? 151 HIS A CB  1 
ATOM 878  C CG  . HIS A 1 129 ? 15.732  -8.557  -0.025  1.00 104.06 ? 151 HIS A CG  1 
ATOM 879  N ND1 . HIS A 1 129 ? 17.072  -8.233  -0.010  1.00 104.06 ? 151 HIS A ND1 1 
ATOM 880  C CD2 . HIS A 1 129 ? 15.553  -9.468  0.962   1.00 104.06 ? 151 HIS A CD2 1 
ATOM 881  C CE1 . HIS A 1 129 ? 17.677  -8.920  0.942   1.00 104.06 ? 151 HIS A CE1 1 
ATOM 882  N NE2 . HIS A 1 129 ? 16.777  -9.676  1.546   1.00 104.06 ? 151 HIS A NE2 1 
ATOM 883  N N   . GLY A 1 130 ? 14.905  -10.336 -2.631  1.00 30.65  ? 152 GLY A N   1 
ATOM 884  C CA  . GLY A 1 130 ? 15.300  -11.671 -3.024  1.00 30.65  ? 152 GLY A CA  1 
ATOM 885  C C   . GLY A 1 130 ? 15.900  -11.572 -4.415  1.00 30.65  ? 152 GLY A C   1 
ATOM 886  O O   . GLY A 1 130 ? 15.280  -11.002 -5.313  1.00 30.65  ? 152 GLY A O   1 
ATOM 887  N N   . ASN A 1 131 ? 17.108  -12.100 -4.595  1.00 49.99  ? 153 ASN A N   1 
ATOM 888  C CA  . ASN A 1 131 ? 17.774  -12.064 -5.897  1.00 49.99  ? 153 ASN A CA  1 
ATOM 889  C C   . ASN A 1 131 ? 17.143  -13.033 -6.905  1.00 49.99  ? 153 ASN A C   1 
ATOM 890  O O   . ASN A 1 131 ? 17.725  -14.075 -7.230  1.00 49.99  ? 153 ASN A O   1 
ATOM 891  C CB  . ASN A 1 131 ? 19.257  -12.415 -5.746  1.00 56.15  ? 153 ASN A CB  1 
ATOM 892  C CG  . ASN A 1 131 ? 19.999  -11.446 -4.867  1.00 56.15  ? 153 ASN A CG  1 
ATOM 893  O OD1 . ASN A 1 131 ? 19.608  -11.195 -3.721  1.00 56.15  ? 153 ASN A OD1 1 
ATOM 894  N ND2 . ASN A 1 131 ? 21.095  -10.900 -5.391  1.00 56.15  ? 153 ASN A ND2 1 
ATOM 895  N N   . LEU A 1 132 ? 15.951  -12.700 -7.391  1.00 44.77  ? 154 LEU A N   1 
ATOM 896  C CA  . LEU A 1 132 ? 15.285  -13.549 -8.374  1.00 44.77  ? 154 LEU A CA  1 
ATOM 897  C C   . LEU A 1 132 ? 14.751  -12.742 -9.540  1.00 44.77  ? 154 LEU A C   1 
ATOM 898  O O   . LEU A 1 132 ? 14.015  -11.766 -9.365  1.00 44.77  ? 154 LEU A O   1 
ATOM 899  C CB  . LEU A 1 132 ? 14.157  -14.362 -7.735  1.00 46.51  ? 154 LEU A CB  1 
ATOM 900  C CG  . LEU A 1 132 ? 14.650  -15.750 -7.300  1.00 46.51  ? 154 LEU A CG  1 
ATOM 901  C CD1 . LEU A 1 132 ? 14.203  -16.072 -5.850  1.00 46.51  ? 154 LEU A CD1 1 
ATOM 902  C CD2 . LEU A 1 132 ? 14.149  -16.794 -8.294  1.00 46.51  ? 154 LEU A CD2 1 
ATOM 903  N N   . THR A 1 133 ? 15.163  -13.158 -10.730 1.00 64.26  ? 155 THR A N   1 
ATOM 904  C CA  . THR A 1 133 ? 14.780  -12.529 -11.976 1.00 64.26  ? 155 THR A CA  1 
ATOM 905  C C   . THR A 1 133 ? 13.411  -11.845 -11.970 1.00 64.26  ? 155 THR A C   1 
ATOM 906  O O   . THR A 1 133 ? 12.377  -12.494 -11.799 1.00 64.26  ? 155 THR A O   1 
ATOM 907  C CB  . THR A 1 133 ? 14.807  -13.561 -13.063 1.00 46.77  ? 155 THR A CB  1 
ATOM 908  O OG1 . THR A 1 133 ? 14.285  -14.781 -12.528 1.00 46.77  ? 155 THR A OG1 1 
ATOM 909  C CG2 . THR A 1 133 ? 16.233  -13.792 -13.554 1.00 46.77  ? 155 THR A CG2 1 
ATOM 910  N N   . ALA A 1 134 ? 13.444  -10.526 -12.167 1.00 79.41  ? 156 ALA A N   1 
ATOM 911  C CA  . ALA A 1 134 ? 12.273  -9.647  -12.206 1.00 79.41  ? 156 ALA A CA  1 
ATOM 912  C C   . ALA A 1 134 ? 10.920  -10.325 -12.335 1.00 79.41  ? 156 ALA A C   1 
ATOM 913  O O   . ALA A 1 134 ? 9.981   -9.973  -11.629 1.00 79.41  ? 156 ALA A O   1 
ATOM 914  C CB  . ALA A 1 134 ? 12.434  -8.636  -13.333 1.00 57.21  ? 156 ALA A CB  1 
ATOM 915  N N   . GLY A 1 135 ? 10.810  -11.278 -13.251 1.00 17.25  ? 157 GLY A N   1 
ATOM 916  C CA  . GLY A 1 135 ? 9.538   -11.953 -13.429 1.00 17.25  ? 157 GLY A CA  1 
ATOM 917  C C   . GLY A 1 135 ? 9.088   -12.670 -12.167 1.00 17.25  ? 157 GLY A C   1 
ATOM 918  O O   . GLY A 1 135 ? 7.960   -12.510 -11.696 1.00 17.25  ? 157 GLY A O   1 
ATOM 919  N N   . HIS A 1 136 ? 9.999   -13.468 -11.634 1.00 29.16  ? 158 HIS A N   1 
ATOM 920  C CA  . HIS A 1 136 ? 9.781   -14.248 -10.436 1.00 29.16  ? 158 HIS A CA  1 
ATOM 921  C C   . HIS A 1 136 ? 9.694   -13.276 -9.251  1.00 29.16  ? 158 HIS A C   1 
ATOM 922  O O   . HIS A 1 136 ? 9.000   -13.518 -8.243  1.00 29.16  ? 158 HIS A O   1 
ATOM 923  C CB  . HIS A 1 136 ? 10.970  -15.202 -10.279 1.00 85.91  ? 158 HIS A CB  1 
ATOM 924  C CG  . HIS A 1 136 ? 11.229  -16.072 -11.485 1.00 85.91  ? 158 HIS A CG  1 
ATOM 925  N ND1 . HIS A 1 136 ? 11.222  -15.596 -12.784 1.00 85.91  ? 158 HIS A ND1 1 
ATOM 926  C CD2 . HIS A 1 136 ? 11.499  -17.397 -11.580 1.00 85.91  ? 158 HIS A CD2 1 
ATOM 927  C CE1 . HIS A 1 136 ? 11.469  -16.591 -13.623 1.00 85.91  ? 158 HIS A CE1 1 
ATOM 928  N NE2 . HIS A 1 136 ? 11.641  -17.694 -12.917 1.00 85.91  ? 158 HIS A NE2 1 
ATOM 929  N N   . GLY A 1 137 ? 10.407  -12.162 -9.395  1.00 39.90  ? 159 GLY A N   1 
ATOM 930  C CA  . GLY A 1 137 ? 10.413  -11.151 -8.358  1.00 39.90  ? 159 GLY A CA  1 
ATOM 931  C C   . GLY A 1 137 ? 9.114   -10.378 -8.362  1.00 39.90  ? 159 GLY A C   1 
ATOM 932  O O   . GLY A 1 137 ? 8.515   -10.171 -7.321  1.00 39.90  ? 159 GLY A O   1 
ATOM 933  N N   . LEU A 1 138 ? 8.677   -9.972  -9.549  1.00 22.97  ? 160 LEU A N   1 
ATOM 934  C CA  . LEU A 1 138 ? 7.443   -9.220  -9.766  1.00 22.97  ? 160 LEU A CA  1 
ATOM 935  C C   . LEU A 1 138 ? 6.187   -10.063 -9.574  1.00 22.97  ? 160 LEU A C   1 
ATOM 936  O O   . LEU A 1 138 ? 5.111   -9.543  -9.302  1.00 22.97  ? 160 LEU A O   1 
ATOM 937  C CB  . LEU A 1 138 ? 7.467   -8.620  -11.186 1.00 40.83  ? 160 LEU A CB  1 
ATOM 938  C CG  . LEU A 1 138 ? 6.160   -8.521  -11.969 1.00 40.83  ? 160 LEU A CG  1 
ATOM 939  C CD1 . LEU A 1 138 ? 6.426   -7.772  -13.259 1.00 40.83  ? 160 LEU A CD1 1 
ATOM 940  C CD2 . LEU A 1 138 ? 5.604   -9.925  -12.266 1.00 40.83  ? 160 LEU A CD2 1 
ATOM 941  N N   . LEU A 1 139 ? 6.327   -11.365 -9.756  1.00 38.46  ? 161 LEU A N   1 
ATOM 942  C CA  . LEU A 1 139 ? 5.192   -12.247 -9.623  1.00 38.46  ? 161 LEU A CA  1 
ATOM 943  C C   . LEU A 1 139 ? 4.583   -12.124 -8.228  1.00 38.46  ? 161 LEU A C   1 
ATOM 944  O O   . LEU A 1 139 ? 3.381   -11.881 -8.081  1.00 38.46  ? 161 LEU A O   1 
ATOM 945  C CB  . LEU A 1 139 ? 5.624   -13.687 -9.894  1.00 42.08  ? 161 LEU A CB  1 
ATOM 946  C CG  . LEU A 1 139 ? 4.618   -14.787 -9.565  1.00 42.08  ? 161 LEU A CG  1 
ATOM 947  C CD1 . LEU A 1 139 ? 3.343   -14.573 -10.361 1.00 42.08  ? 161 LEU A CD1 1 
ATOM 948  C CD2 . LEU A 1 139 ? 5.238   -16.131 -9.863  1.00 42.08  ? 161 LEU A CD2 1 
ATOM 949  N N   . VAL A 1 140 ? 5.417   -12.265 -7.200  1.00 29.86  ? 162 VAL A N   1 
ATOM 950  C CA  . VAL A 1 140 ? 4.947   -12.178 -5.817  1.00 29.86  ? 162 VAL A CA  1 
ATOM 951  C C   . VAL A 1 140 ? 4.105   -10.935 -5.629  1.00 29.86  ? 162 VAL A C   1 
ATOM 952  O O   . VAL A 1 140 ? 2.985   -11.018 -5.150  1.00 29.86  ? 162 VAL A O   1 
ATOM 953  C CB  . VAL A 1 140 ? 6.123   -12.159 -4.823  1.00 37.26  ? 162 VAL A CB  1 
ATOM 954  C CG1 . VAL A 1 140 ? 5.605   -12.188 -3.412  1.00 37.26  ? 162 VAL A CG1 1 
ATOM 955  C CG2 . VAL A 1 140 ? 7.025   -13.363 -5.073  1.00 37.26  ? 162 VAL A CG2 1 
ATOM 956  N N   . GLU A 1 141 ? 4.636   -9.785  -6.013  1.00 39.21  ? 163 GLU A N   1 
ATOM 957  C CA  . GLU A 1 141 ? 3.878   -8.557  -5.884  1.00 39.21  ? 163 GLU A CA  1 
ATOM 958  C C   . GLU A 1 141 ? 2.594   -8.687  -6.699  1.00 39.21  ? 163 GLU A C   1 
ATOM 959  O O   . GLU A 1 141 ? 1.529   -8.220  -6.285  1.00 39.21  ? 163 GLU A O   1 
ATOM 960  C CB  . GLU A 1 141 ? 4.704   -7.364  -6.383  1.00 96.40  ? 163 GLU A CB  1 
ATOM 961  C CG  . GLU A 1 141 ? 5.939   -7.066  -5.523  1.00 96.40  ? 163 GLU A CG  1 
ATOM 962  C CD  . GLU A 1 141 ? 5.665   -6.089  -4.388  1.00 96.40  ? 163 GLU A CD  1 
ATOM 963  O OE1 . GLU A 1 141 ? 5.391   -4.908  -4.682  1.00 96.40  ? 163 GLU A OE1 1 
ATOM 964  O OE2 . GLU A 1 141 ? 5.723   -6.498  -3.207  1.00 96.40  ? 163 GLU A OE2 1 
ATOM 965  N N   . LEU A 1 142 ? 2.699   -9.330  -7.857  1.00 43.20  ? 164 LEU A N   1 
ATOM 966  C CA  . LEU A 1 142 ? 1.545   -9.512  -8.710  1.00 43.20  ? 164 LEU A CA  1 
ATOM 967  C C   . LEU A 1 142 ? 0.372   -10.039 -7.916  1.00 43.20  ? 164 LEU A C   1 
ATOM 968  O O   . LEU A 1 142 ? -0.665  -9.375  -7.830  1.00 43.20  ? 164 LEU A O   1 
ATOM 969  C CB  . LEU A 1 142 ? 1.839   -10.502 -9.817  1.00 47.56  ? 164 LEU A CB  1 
ATOM 970  C CG  . LEU A 1 142 ? 0.546   -11.085 -10.408 1.00 47.56  ? 164 LEU A CG  1 
ATOM 971  C CD1 . LEU A 1 142 ? -0.356  -9.940  -10.870 1.00 47.56  ? 164 LEU A CD1 1 
ATOM 972  C CD2 . LEU A 1 142 ? 0.863   -12.034 -11.560 1.00 47.56  ? 164 LEU A CD2 1 
ATOM 973  N N   . ILE A 1 143 ? 0.549   -11.236 -7.354  1.00 27.91  ? 165 ILE A N   1 
ATOM 974  C CA  . ILE A 1 143 ? -0.470  -11.945 -6.565  1.00 27.91  ? 165 ILE A CA  1 
ATOM 975  C C   . ILE A 1 143 ? -1.013  -11.255 -5.308  1.00 27.91  ? 165 ILE A C   1 
ATOM 976  O O   . ILE A 1 143 ? -2.216  -11.273 -5.076  1.00 27.91  ? 165 ILE A O   1 
ATOM 977  C CB  . ILE A 1 143 ? 0.049   -13.341 -6.129  1.00 48.46  ? 165 ILE A CB  1 
ATOM 978  C CG1 . ILE A 1 143 ? -1.116  -14.244 -5.724  1.00 48.46  ? 165 ILE A CG1 1 
ATOM 979  C CG2 . ILE A 1 143 ? 0.973   -13.207 -4.938  1.00 48.46  ? 165 ILE A CG2 1 
ATOM 980  C CD1 . ILE A 1 143 ? -1.930  -14.768 -6.904  1.00 48.46  ? 165 ILE A CD1 1 
ATOM 981  N N   . ILE A 1 144 ? -0.129  -10.665 -4.498  1.00 43.60  ? 166 ILE A N   1 
ATOM 982  C CA  . ILE A 1 144 ? -0.522  -10.009 -3.244  1.00 43.60  ? 166 ILE A CA  1 
ATOM 983  C C   . ILE A 1 144 ? -1.444  -8.816  -3.388  1.00 43.60  ? 166 ILE A C   1 
ATOM 984  O O   . ILE A 1 144 ? -2.468  -8.737  -2.710  1.00 43.60  ? 166 ILE A O   1 
ATOM 985  C CB  . ILE A 1 144 ? 0.713   -9.562  -2.410  1.00 36.14  ? 166 ILE A CB  1 
ATOM 986  C CG1 . ILE A 1 144 ? 1.575   -8.589  -3.206  1.00 36.14  ? 166 ILE A CG1 1 
ATOM 987  C CG2 . ILE A 1 144 ? 1.528   -10.775 -1.990  1.00 36.14  ? 166 ILE A CG2 1 
ATOM 988  C CD1 . ILE A 1 144 ? 2.868   -8.286  -2.549  1.00 36.14  ? 166 ILE A CD1 1 
ATOM 989  N N   . THR A 1 145 ? -1.082  -7.884  -4.262  1.00 38.21  ? 167 THR A N   1 
ATOM 990  C CA  . THR A 1 145 ? -1.916  -6.712  -4.469  1.00 38.21  ? 167 THR A CA  1 
ATOM 991  C C   . THR A 1 145 ? -3.264  -7.260  -4.857  1.00 38.21  ? 167 THR A C   1 
ATOM 992  O O   . THR A 1 145 ? -4.298  -6.723  -4.465  1.00 38.21  ? 167 THR A O   1 
ATOM 993  C CB  . THR A 1 145 ? -1.410  -5.821  -5.600  1.00 35.76  ? 167 THR A CB  1 
ATOM 994  O OG1 . THR A 1 145 ? 0.019   -5.713  -5.529  1.00 35.76  ? 167 THR A OG1 1 
ATOM 995  C CG2 . THR A 1 145 ? -2.008  -4.440  -5.452  1.00 35.76  ? 167 THR A CG2 1 
ATOM 996  N N   . PHE A 1 146 ? -3.237  -8.354  -5.622  1.00 37.26  ? 168 PHE A N   1 
ATOM 997  C CA  . PHE A 1 146 ? -4.459  -9.014  -6.061  1.00 37.26  ? 168 PHE A CA  1 
ATOM 998  C C   . PHE A 1 146 ? -5.274  -9.393  -4.822  1.00 37.26  ? 168 PHE A C   1 
ATOM 999  O O   . PHE A 1 146 ? -6.356  -8.843  -4.594  1.00 37.26  ? 168 PHE A O   1 
ATOM 1000 C CB  . PHE A 1 146 ? -4.103  -10.245 -6.894  1.00 48.65  ? 168 PHE A CB  1 
ATOM 1001 C CG  . PHE A 1 146 ? -5.285  -11.108 -7.260  1.00 48.65  ? 168 PHE A CG  1 
ATOM 1002 C CD1 . PHE A 1 146 ? -5.937  -11.874 -6.292  1.00 48.65  ? 168 PHE A CD1 1 
ATOM 1003 C CD2 . PHE A 1 146 ? -5.744  -11.166 -8.582  1.00 48.65  ? 168 PHE A CD2 1 
ATOM 1004 C CE1 . PHE A 1 146 ? -7.029  -12.687 -6.623  1.00 48.65  ? 168 PHE A CE1 1 
ATOM 1005 C CE2 . PHE A 1 146 ? -6.837  -11.975 -8.930  1.00 48.65  ? 168 PHE A CE2 1 
ATOM 1006 C CZ  . PHE A 1 146 ? -7.481  -12.738 -7.950  1.00 48.65  ? 168 PHE A CZ  1 
ATOM 1007 N N   . GLN A 1 147 ? -4.748  -10.309 -4.012  1.00 39.73  ? 169 GLN A N   1 
ATOM 1008 C CA  . GLN A 1 147 ? -5.452  -10.740 -2.806  1.00 39.73  ? 169 GLN A CA  1 
ATOM 1009 C C   . GLN A 1 147 ? -5.880  -9.527  -1.971  1.00 39.73  ? 169 GLN A C   1 
ATOM 1010 O O   . GLN A 1 147 ? -7.024  -9.470  -1.516  1.00 39.73  ? 169 GLN A O   1 
ATOM 1011 C CB  . GLN A 1 147 ? -4.594  -11.752 -2.002  1.00 24.61  ? 169 GLN A CB  1 
ATOM 1012 C CG  . GLN A 1 147 ? -4.499  -11.483 -0.508  1.00 24.61  ? 169 GLN A CG  1 
ATOM 1013 C CD  . GLN A 1 147 ? -3.237  -10.729 -0.133  1.00 24.61  ? 169 GLN A CD  1 
ATOM 1014 O OE1 . GLN A 1 147 ? -3.150  -10.105 0.928   1.00 24.61  ? 169 GLN A OE1 1 
ATOM 1015 N NE2 . GLN A 1 147 ? -2.245  -10.797 -1.000  1.00 24.61  ? 169 GLN A NE2 1 
ATOM 1016 N N   . LEU A 1 148 ? -4.990  -8.558  -1.777  1.00 47.55  ? 170 LEU A N   1 
ATOM 1017 C CA  . LEU A 1 148 ? -5.394  -7.379  -1.020  1.00 47.55  ? 170 LEU A CA  1 
ATOM 1018 C C   . LEU A 1 148 ? -6.556  -6.790  -1.797  1.00 47.55  ? 170 LEU A C   1 
ATOM 1019 O O   . LEU A 1 148 ? -7.672  -6.670  -1.279  1.00 47.55  ? 170 LEU A O   1 
ATOM 1020 C CB  . LEU A 1 148 ? -4.266  -6.336  -0.938  1.00 18.54  ? 170 LEU A CB  1 
ATOM 1021 C CG  . LEU A 1 148 ? -4.637  -4.929  -0.421  1.00 18.54  ? 170 LEU A CG  1 
ATOM 1022 C CD1 . LEU A 1 148 ? -5.025  -5.003  1.039   1.00 18.54  ? 170 LEU A CD1 1 
ATOM 1023 C CD2 . LEU A 1 148 ? -3.489  -3.971  -0.615  1.00 18.54  ? 170 LEU A CD2 1 
ATOM 1024 N N   . VAL A 1 149 ? -6.269  -6.426  -3.049  1.00 50.77  ? 171 VAL A N   1 
ATOM 1025 C CA  . VAL A 1 149 ? -7.263  -5.841  -3.938  1.00 50.77  ? 171 VAL A CA  1 
ATOM 1026 C C   . VAL A 1 149 ? -8.536  -6.636  -3.805  1.00 50.77  ? 171 VAL A C   1 
ATOM 1027 O O   . VAL A 1 149 ? -9.606  -6.080  -3.550  1.00 50.77  ? 171 VAL A O   1 
ATOM 1028 C CB  . VAL A 1 149 ? -6.833  -5.892  -5.420  1.00 66.01  ? 171 VAL A CB  1 
ATOM 1029 C CG1 . VAL A 1 149 ? -8.014  -5.564  -6.304  1.00 66.01  ? 171 VAL A CG1 1 
ATOM 1030 C CG2 . VAL A 1 149 ? -5.704  -4.899  -5.694  1.00 66.01  ? 171 VAL A CG2 1 
ATOM 1031 N N   . PHE A 1 150 ? -8.422  -7.943  -3.950  1.00 22.19  ? 172 PHE A N   1 
ATOM 1032 C CA  . PHE A 1 150 ? -9.606  -8.742  -3.851  1.00 22.19  ? 172 PHE A CA  1 
ATOM 1033 C C   . PHE A 1 150 ? -10.353 -8.572  -2.516  1.00 22.19  ? 172 PHE A C   1 
ATOM 1034 O O   . PHE A 1 150 ? -11.570 -8.367  -2.489  1.00 22.19  ? 172 PHE A O   1 
ATOM 1035 C CB  . PHE A 1 150 ? -9.284  -10.208 -4.110  1.00 46.84  ? 172 PHE A CB  1 
ATOM 1036 C CG  . PHE A 1 150 ? -10.504 -11.030 -4.361  1.00 46.84  ? 172 PHE A CG  1 
ATOM 1037 C CD1 . PHE A 1 150 ? -11.344 -11.387 -3.300  1.00 46.84  ? 172 PHE A CD1 1 
ATOM 1038 C CD2 . PHE A 1 150 ? -10.895 -11.334 -5.662  1.00 46.84  ? 172 PHE A CD2 1 
ATOM 1039 C CE1 . PHE A 1 150 ? -12.561 -12.023 -3.534  1.00 46.84  ? 172 PHE A CE1 1 
ATOM 1040 C CE2 . PHE A 1 150 ? -12.109 -11.969 -5.902  1.00 46.84  ? 172 PHE A CE2 1 
ATOM 1041 C CZ  . PHE A 1 150 ? -12.944 -12.312 -4.836  1.00 46.84  ? 172 PHE A CZ  1 
ATOM 1042 N N   . THR A 1 151 ? -9.632  -8.650  -1.409  1.00 35.94  ? 173 THR A N   1 
ATOM 1043 C CA  . THR A 1 151 ? -10.260 -8.501  -0.101  1.00 35.94  ? 173 THR A CA  1 
ATOM 1044 C C   . THR A 1 151 ? -11.114 -7.241  0.001   1.00 35.94  ? 173 THR A C   1 
ATOM 1045 O O   . THR A 1 151 ? -12.254 -7.274  0.485   1.00 35.94  ? 173 THR A O   1 
ATOM 1046 C CB  . THR A 1 151 ? -9.210  -8.424  1.015   1.00 38.84  ? 173 THR A CB  1 
ATOM 1047 O OG1 . THR A 1 151 ? -8.406  -9.611  1.009   1.00 38.84  ? 173 THR A OG1 1 
ATOM 1048 C CG2 . THR A 1 151 ? -9.897  -8.245  2.383   1.00 38.84  ? 173 THR A CG2 1 
ATOM 1049 N N   . ILE A 1 152 ? -10.536 -6.123  -0.434  1.00 36.80  ? 174 ILE A N   1 
ATOM 1050 C CA  . ILE A 1 152 ? -11.234 -4.853  -0.377  1.00 36.80  ? 174 ILE A CA  1 
ATOM 1051 C C   . ILE A 1 152 ? -12.484 -4.920  -1.202  1.00 36.80  ? 174 ILE A C   1 
ATOM 1052 O O   . ILE A 1 152 ? -13.558 -4.560  -0.728  1.00 36.80  ? 174 ILE A O   1 
ATOM 1053 C CB  . ILE A 1 152 ? -10.390 -3.729  -0.902  1.00 48.45  ? 174 ILE A CB  1 
ATOM 1054 C CG1 . ILE A 1 152 ? -9.206  -3.502  0.027   1.00 48.45  ? 174 ILE A CG1 1 
ATOM 1055 C CG2 . ILE A 1 152 ? -11.222 -2.487  -1.009  1.00 48.45  ? 174 ILE A CG2 1 
ATOM 1056 C CD1 . ILE A 1 152 ? -7.885  -3.836  -0.609  1.00 48.45  ? 174 ILE A CD1 1 
ATOM 1057 N N   . PHE A 1 153 ? -12.348 -5.382  -2.437  1.00 40.55  ? 175 PHE A N   1 
ATOM 1058 C CA  . PHE A 1 153 ? -13.511 -5.495  -3.277  1.00 40.55  ? 175 PHE A CA  1 
ATOM 1059 C C   . PHE A 1 153 ? -14.535 -6.438  -2.621  1.00 40.55  ? 175 PHE A C   1 
ATOM 1060 O O   . PHE A 1 153 ? -15.684 -6.058  -2.374  1.00 40.55  ? 175 PHE A O   1 
ATOM 1061 C CB  . PHE A 1 153 ? -13.097 -5.987  -4.653  1.00 92.46  ? 175 PHE A CB  1 
ATOM 1062 C CG  . PHE A 1 153 ? -12.356 -4.953  -5.459  1.00 92.46  ? 175 PHE A CG  1 
ATOM 1063 C CD1 . PHE A 1 153 ? -11.169 -4.400  -4.990  1.00 92.46  ? 175 PHE A CD1 1 
ATOM 1064 C CD2 . PHE A 1 153 ? -12.853 -4.521  -6.690  1.00 92.46  ? 175 PHE A CD2 1 
ATOM 1065 C CE1 . PHE A 1 153 ? -10.485 -3.432  -5.729  1.00 92.46  ? 175 PHE A CE1 1 
ATOM 1066 C CE2 . PHE A 1 153 ? -12.182 -3.558  -7.436  1.00 92.46  ? 175 PHE A CE2 1 
ATOM 1067 C CZ  . PHE A 1 153 ? -10.996 -3.013  -6.956  1.00 92.46  ? 175 PHE A CZ  1 
ATOM 1068 N N   . ALA A 1 154 ? -14.109 -7.654  -2.304  1.00 48.01  ? 176 ALA A N   1 
ATOM 1069 C CA  . ALA A 1 154 ? -14.988 -8.638  -1.685  1.00 48.01  ? 176 ALA A CA  1 
ATOM 1070 C C   . ALA A 1 154 ? -15.712 -8.111  -0.456  1.00 48.01  ? 176 ALA A C   1 
ATOM 1071 O O   . ALA A 1 154 ? -16.939 -8.149  -0.362  1.00 48.01  ? 176 ALA A O   1 
ATOM 1072 C CB  . ALA A 1 154 ? -14.179 -9.872  -1.311  1.00 98.85  ? 176 ALA A CB  1 
ATOM 1073 N N   . SER A 1 155 ? -14.934 -7.629  0.496   1.00 62.02  ? 177 SER A N   1 
ATOM 1074 C CA  . SER A 1 155 ? -15.495 -7.120  1.724   1.00 62.02  ? 177 SER A CA  1 
ATOM 1075 C C   . SER A 1 155 ? -16.375 -5.880  1.573   1.00 62.02  ? 177 SER A C   1 
ATOM 1076 O O   . SER A 1 155 ? -17.486 -5.832  2.101   1.00 62.02  ? 177 SER A O   1 
ATOM 1077 C CB  . SER A 1 155 ? -14.365 -6.820  2.712   1.00 25.65  ? 177 SER A CB  1 
ATOM 1078 O OG  . SER A 1 155 ? -14.313 -7.782  3.758   1.00 25.65  ? 177 SER A OG  1 
ATOM 1079 N N   . CYS A 1 156 ? -15.882 -4.881  0.849   1.00 97.51  ? 178 CYS A N   1 
ATOM 1080 C CA  . CYS A 1 156 ? -16.604 -3.621  0.692   1.00 97.51  ? 178 CYS A CA  1 
ATOM 1081 C C   . CYS A 1 156 ? -17.726 -3.536  -0.348  1.00 97.51  ? 178 CYS A C   1 
ATOM 1082 O O   . CYS A 1 156 ? -18.667 -2.770  -0.162  1.00 97.51  ? 178 CYS A O   1 
ATOM 1083 C CB  . CYS A 1 156 ? -15.609 -2.497  0.412   1.00 102.17 ? 178 CYS A CB  1 
ATOM 1084 S SG  . CYS A 1 156 ? -15.040 -2.559  -1.277  1.00 102.17 ? 178 CYS A SG  1 
ATOM 1085 N N   . ASP A 1 157 ? -17.636 -4.285  -1.442  1.00 61.63  ? 179 ASP A N   1 
ATOM 1086 C CA  . ASP A 1 157 ? -18.669 -4.213  -2.478  1.00 61.63  ? 179 ASP A CA  1 
ATOM 1087 C C   . ASP A 1 157 ? -20.058 -4.222  -1.848  1.00 61.63  ? 179 ASP A C   1 
ATOM 1088 O O   . ASP A 1 157 ? -20.200 -4.568  -0.674  1.00 61.63  ? 179 ASP A O   1 
ATOM 1089 C CB  . ASP A 1 157 ? -18.543 -5.390  -3.445  1.00 56.15  ? 179 ASP A CB  1 
ATOM 1090 C CG  . ASP A 1 157 ? -19.235 -6.644  -2.938  1.00 56.15  ? 179 ASP A CG  1 
ATOM 1091 O OD1 . ASP A 1 157 ? -18.965 -7.059  -1.787  1.00 56.15  ? 179 ASP A OD1 1 
ATOM 1092 O OD2 . ASP A 1 157 ? -20.048 -7.214  -3.701  1.00 56.15  ? 179 ASP A OD2 1 
ATOM 1093 N N   . SER A 1 158 ? -21.072 -3.839  -2.626  1.00 98.45  ? 180 SER A N   1 
ATOM 1094 C CA  . SER A 1 158 ? -22.464 -3.804  -2.156  1.00 98.45  ? 180 SER A CA  1 
ATOM 1095 C C   . SER A 1 158 ? -23.097 -5.197  -2.158  1.00 98.45  ? 180 SER A C   1 
ATOM 1096 O O   . SER A 1 158 ? -22.545 -6.140  -2.731  1.00 98.45  ? 180 SER A O   1 
ATOM 1097 C CB  . SER A 1 158 ? -23.304 -2.878  -3.045  1.00 83.80  ? 180 SER A CB  1 
ATOM 1098 O OG  . SER A 1 158 ? -23.405 -3.377  -4.371  1.00 83.80  ? 180 SER A OG  1 
ATOM 1099 N N   . LYS A 1 159 ? -24.267 -5.310  -1.530  1.00 95.47  ? 181 LYS A N   1 
ATOM 1100 C CA  . LYS A 1 159 ? -25.016 -6.570  -1.437  1.00 95.47  ? 181 LYS A CA  1 
ATOM 1101 C C   . LYS A 1 159 ? -24.179 -7.835  -1.190  1.00 95.47  ? 181 LYS A C   1 
ATOM 1102 O O   . LYS A 1 159 ? -23.567 -8.382  -2.111  1.00 95.47  ? 181 LYS A O   1 
ATOM 1103 C CB  . LYS A 1 159 ? -25.901 -6.765  -2.688  1.00 82.39  ? 181 LYS A CB  1 
ATOM 1104 C CG  . LYS A 1 159 ? -25.414 -6.045  -3.958  1.00 82.39  ? 181 LYS A CG  1 
ATOM 1105 C CD  . LYS A 1 159 ? -26.150 -6.506  -5.218  1.00 82.39  ? 181 LYS A CD  1 
ATOM 1106 C CE  . LYS A 1 159 ? -25.920 -7.997  -5.494  1.00 82.39  ? 181 LYS A CE  1 
ATOM 1107 N NZ  . LYS A 1 159 ? -24.477 -8.367  -5.605  1.00 82.39  ? 181 LYS A NZ  1 
ATOM 1108 N N   . ARG A 1 160 ? -24.168 -8.284  0.067   1.00 101.48 ? 182 ARG A N   1 
ATOM 1109 C CA  . ARG A 1 160 ? -23.440 -9.486  0.488   1.00 101.48 ? 182 ARG A CA  1 
ATOM 1110 C C   . ARG A 1 160 ? -24.281 -10.307 1.499   1.00 101.48 ? 182 ARG A C   1 
ATOM 1111 O O   . ARG A 1 160 ? -25.277 -9.800  2.026   1.00 101.48 ? 182 ARG A O   1 
ATOM 1112 C CB  . ARG A 1 160 ? -22.078 -9.096  1.097   1.00 89.37  ? 182 ARG A CB  1 
ATOM 1113 C CG  . ARG A 1 160 ? -22.122 -8.105  2.267   1.00 89.37  ? 182 ARG A CG  1 
ATOM 1114 C CD  . ARG A 1 160 ? -21.827 -6.657  1.857   1.00 89.37  ? 182 ARG A CD  1 
ATOM 1115 N NE  . ARG A 1 160 ? -21.626 -5.807  3.033   1.00 89.37  ? 182 ARG A NE  1 
ATOM 1116 C CZ  . ARG A 1 160 ? -21.335 -4.508  2.995   1.00 89.37  ? 182 ARG A CZ  1 
ATOM 1117 N NH1 . ARG A 1 160 ? -21.206 -3.880  1.831   1.00 89.37  ? 182 ARG A NH1 1 
ATOM 1118 N NH2 . ARG A 1 160 ? -21.172 -3.833  4.129   1.00 89.37  ? 182 ARG A NH2 1 
ATOM 1119 N N   . THR A 1 161 ? -23.898 -11.563 1.759   1.00 104.06 ? 183 THR A N   1 
ATOM 1120 C CA  . THR A 1 161 ? -24.637 -12.432 2.697   1.00 104.06 ? 183 THR A CA  1 
ATOM 1121 C C   . THR A 1 161 ? -24.641 -11.811 4.106   1.00 104.06 ? 183 THR A C   1 
ATOM 1122 O O   . THR A 1 161 ? -24.897 -12.485 5.107   1.00 104.06 ? 183 THR A O   1 
ATOM 1123 C CB  . THR A 1 161 ? -24.027 -13.897 2.748   1.00 90.07  ? 183 THR A CB  1 
ATOM 1124 O OG1 . THR A 1 161 ? -24.004 -14.463 1.429   1.00 90.07  ? 183 THR A OG1 1 
ATOM 1125 C CG2 . THR A 1 161 ? -24.868 -14.819 3.641   1.00 90.07  ? 183 THR A CG2 1 
ATOM 1126 N N   . ASP A 1 162 ? -24.362 -10.510 4.152   1.00 93.83  ? 184 ASP A N   1 
ATOM 1127 C CA  . ASP A 1 162 ? -24.307 -9.723  5.382   1.00 93.83  ? 184 ASP A CA  1 
ATOM 1128 C C   . ASP A 1 162 ? -23.240 -10.237 6.353   1.00 93.83  ? 184 ASP A C   1 
ATOM 1129 O O   . ASP A 1 162 ? -23.507 -11.105 7.188   1.00 93.83  ? 184 ASP A O   1 
ATOM 1130 C CB  . ASP A 1 162 ? -25.683 -9.691  6.060   1.00 67.63  ? 184 ASP A CB  1 
ATOM 1131 C CG  . ASP A 1 162 ? -25.903 -8.420  6.880   1.00 67.63  ? 184 ASP A CG  1 
ATOM 1132 O OD1 . ASP A 1 162 ? -25.183 -8.203  7.884   1.00 67.63  ? 184 ASP A OD1 1 
ATOM 1133 O OD2 . ASP A 1 162 ? -26.797 -7.630  6.509   1.00 67.63  ? 184 ASP A OD2 1 
ATOM 1134 N N   . VAL A 1 163 ? -22.030 -9.687  6.231   1.00 104.06 ? 185 VAL A N   1 
ATOM 1135 C CA  . VAL A 1 163 ? -20.900 -10.073 7.079   1.00 104.06 ? 185 VAL A CA  1 
ATOM 1136 C C   . VAL A 1 163 ? -20.939 -9.441  8.470   1.00 104.06 ? 185 VAL A C   1 
ATOM 1137 O O   . VAL A 1 163 ? -21.557 -8.393  8.673   1.00 104.06 ? 185 VAL A O   1 
ATOM 1138 C CB  . VAL A 1 163 ? -19.546 -9.727  6.405   1.00 75.13  ? 185 VAL A CB  1 
ATOM 1139 C CG1 . VAL A 1 163 ? -19.214 -10.783 5.356   1.00 75.13  ? 185 VAL A CG1 1 
ATOM 1140 C CG2 . VAL A 1 163 ? -19.610 -8.341  5.766   1.00 75.13  ? 185 VAL A CG2 1 
ATOM 1141 N N   . THR A 1 164 ? -20.274 -10.091 9.423   1.00 104.06 ? 186 THR A N   1 
ATOM 1142 C CA  . THR A 1 164 ? -20.235 -9.623  10.805  1.00 104.06 ? 186 THR A CA  1 
ATOM 1143 C C   . THR A 1 164 ? -18.884 -9.055  11.248  1.00 104.06 ? 186 THR A C   1 
ATOM 1144 O O   . THR A 1 164 ? -18.687 -8.792  12.432  1.00 104.06 ? 186 THR A O   1 
ATOM 1145 C CB  . THR A 1 164 ? -20.623 -10.762 11.782  1.00 54.34  ? 186 THR A CB  1 
ATOM 1146 O OG1 . THR A 1 164 ? -20.304 -12.028 11.188  1.00 54.34  ? 186 THR A OG1 1 
ATOM 1147 C CG2 . THR A 1 164 ? -22.107 -10.708 12.125  1.00 54.34  ? 186 THR A CG2 1 
ATOM 1148 N N   . GLY A 1 165 ? -17.962 -8.858  10.311  1.00 69.23  ? 187 GLY A N   1 
ATOM 1149 C CA  . GLY A 1 165 ? -16.658 -8.327  10.685  1.00 69.23  ? 187 GLY A CA  1 
ATOM 1150 C C   . GLY A 1 165 ? -16.399 -6.863  10.347  1.00 69.23  ? 187 GLY A C   1 
ATOM 1151 O O   . GLY A 1 165 ? -17.224 -6.213  9.697   1.00 69.23  ? 187 GLY A O   1 
ATOM 1152 N N   . SER A 1 166 ? -15.252 -6.340  10.798  1.00 54.85  ? 188 SER A N   1 
ATOM 1153 C CA  . SER A 1 166 ? -14.859 -4.947  10.528  1.00 54.85  ? 188 SER A CA  1 
ATOM 1154 C C   . SER A 1 166 ? -14.210 -4.786  9.158   1.00 54.85  ? 188 SER A C   1 
ATOM 1155 O O   . SER A 1 166 ? -13.085 -5.227  8.925   1.00 54.85  ? 188 SER A O   1 
ATOM 1156 C CB  . SER A 1 166 ? -13.878 -4.426  11.579  1.00 54.15  ? 188 SER A CB  1 
ATOM 1157 O OG  . SER A 1 166 ? -13.262 -3.238  11.108  1.00 54.15  ? 188 SER A OG  1 
ATOM 1158 N N   . VAL A 1 167 ? -14.938 -4.148  8.258   1.00 63.73  ? 189 VAL A N   1 
ATOM 1159 C CA  . VAL A 1 167 ? -14.435 -3.917  6.920   1.00 63.73  ? 189 VAL A CA  1 
ATOM 1160 C C   . VAL A 1 167 ? -13.062 -3.283  7.073   1.00 63.73  ? 189 VAL A C   1 
ATOM 1161 O O   . VAL A 1 167 ? -12.146 -3.526  6.281   1.00 63.73  ? 189 VAL A O   1 
ATOM 1162 C CB  . VAL A 1 167 ? -15.324 -2.933  6.157   1.00 51.56  ? 189 VAL A CB  1 
ATOM 1163 C CG1 . VAL A 1 167 ? -14.959 -2.963  4.671   1.00 51.56  ? 189 VAL A CG1 1 
ATOM 1164 C CG2 . VAL A 1 167 ? -16.795 -3.262  6.400   1.00 51.56  ? 189 VAL A CG2 1 
ATOM 1165 N N   . ALA A 1 168 ? -12.938 -2.457  8.103   1.00 35.78  ? 190 ALA A N   1 
ATOM 1166 C CA  . ALA A 1 168 ? -11.690 -1.777  8.374   1.00 35.78  ? 190 ALA A CA  1 
ATOM 1167 C C   . ALA A 1 168 ? -10.581 -2.749  8.754   1.00 35.78  ? 190 ALA A C   1 
ATOM 1168 O O   . ALA A 1 168 ? -9.403  -2.483  8.495   1.00 35.78  ? 190 ALA A O   1 
ATOM 1169 C CB  . ALA A 1 168 ? -11.892 -0.771  9.486   1.00 104.06 ? 190 ALA A CB  1 
ATOM 1170 N N   . LEU A 1 169 ? -10.963 -3.877  9.359   1.00 49.11  ? 191 LEU A N   1 
ATOM 1171 C CA  . LEU A 1 169 ? -10.003 -4.890  9.806   1.00 49.11  ? 191 LEU A CA  1 
ATOM 1172 C C   . LEU A 1 169 ? -9.372  -5.828  8.766   1.00 49.11  ? 191 LEU A C   1 
ATOM 1173 O O   . LEU A 1 169 ? -8.151  -5.929  8.672   1.00 49.11  ? 191 LEU A O   1 
ATOM 1174 C CB  . LEU A 1 169 ? -10.636 -5.721  10.923  1.00 69.15  ? 191 LEU A CB  1 
ATOM 1175 C CG  . LEU A 1 169 ? -10.391 -5.137  12.317  1.00 69.15  ? 191 LEU A CG  1 
ATOM 1176 C CD1 . LEU A 1 169 ? -11.227 -5.874  13.338  1.00 69.15  ? 191 LEU A CD1 1 
ATOM 1177 C CD2 . LEU A 1 169 ? -8.899  -5.226  12.657  1.00 69.15  ? 191 LEU A CD2 1 
ATOM 1178 N N   . ALA A 1 170 ? -10.200 -6.515  7.991   1.00 32.64  ? 192 ALA A N   1 
ATOM 1179 C CA  . ALA A 1 170 ? -9.704  -7.458  6.998   1.00 32.64  ? 192 ALA A CA  1 
ATOM 1180 C C   . ALA A 1 170 ? -8.624  -6.866  6.117   1.00 32.64  ? 192 ALA A C   1 
ATOM 1181 O O   . ALA A 1 170 ? -7.603  -7.507  5.858   1.00 32.64  ? 192 ALA A O   1 
ATOM 1182 C CB  . ALA A 1 170 ? -10.851 -7.974  6.148   1.00 34.08  ? 192 ALA A CB  1 
ATOM 1183 N N   . ILE A 1 171 ? -8.839  -5.647  5.651   1.00 52.87  ? 193 ILE A N   1 
ATOM 1184 C CA  . ILE A 1 171 ? -7.846  -5.018  4.795   1.00 52.87  ? 193 ILE A CA  1 
ATOM 1185 C C   . ILE A 1 171 ? -6.522  -4.959  5.537   1.00 52.87  ? 193 ILE A C   1 
ATOM 1186 O O   . ILE A 1 171 ? -5.470  -5.329  5.001   1.00 52.87  ? 193 ILE A O   1 
ATOM 1187 C CB  . ILE A 1 171 ? -8.293  -3.612  4.401   1.00 66.67  ? 193 ILE A CB  1 
ATOM 1188 C CG1 . ILE A 1 171 ? -9.575  -3.707  3.576   1.00 66.67  ? 193 ILE A CG1 1 
ATOM 1189 C CG2 . ILE A 1 171 ? -7.202  -2.910  3.627   1.00 66.67  ? 193 ILE A CG2 1 
ATOM 1190 C CD1 . ILE A 1 171 ? -10.128 -2.391  3.170   1.00 66.67  ? 193 ILE A CD1 1 
ATOM 1191 N N   . GLY A 1 172 ? -6.584  -4.502  6.781   1.00 62.07  ? 194 GLY A N   1 
ATOM 1192 C CA  . GLY A 1 172 ? -5.380  -4.439  7.569   1.00 62.07  ? 194 GLY A CA  1 
ATOM 1193 C C   . GLY A 1 172 ? -4.790  -5.828  7.559   1.00 62.07  ? 194 GLY A C   1 
ATOM 1194 O O   . GLY A 1 172 ? -3.605  -5.996  7.295   1.00 62.07  ? 194 GLY A O   1 
ATOM 1195 N N   . PHE A 1 173 ? -5.631  -6.825  7.822   1.00 23.28  ? 195 PHE A N   1 
ATOM 1196 C CA  . PHE A 1 173 ? -5.196  -8.211  7.853   1.00 23.28  ? 195 PHE A CA  1 
ATOM 1197 C C   . PHE A 1 173 ? -4.612  -8.677  6.536   1.00 23.28  ? 195 PHE A C   1 
ATOM 1198 O O   . PHE A 1 173 ? -3.572  -9.340  6.512   1.00 23.28  ? 195 PHE A O   1 
ATOM 1199 C CB  . PHE A 1 173 ? -6.359  -9.087  8.303   1.00 49.15  ? 195 PHE A CB  1 
ATOM 1200 C CG  . PHE A 1 173 ? -6.686  -8.914  9.758   1.00 49.15  ? 195 PHE A CG  1 
ATOM 1201 C CD1 . PHE A 1 173 ? -6.245  -7.773  10.441  1.00 49.15  ? 195 PHE A CD1 1 
ATOM 1202 C CD2 . PHE A 1 173 ? -7.384  -9.891  10.462  1.00 49.15  ? 195 PHE A CD2 1 
ATOM 1203 C CE1 . PHE A 1 173 ? -6.489  -7.605  11.797  1.00 49.15  ? 195 PHE A CE1 1 
ATOM 1204 C CE2 . PHE A 1 173 ? -7.634  -9.735  11.816  1.00 49.15  ? 195 PHE A CE2 1 
ATOM 1205 C CZ  . PHE A 1 173 ? -7.181  -8.587  12.485  1.00 49.15  ? 195 PHE A CZ  1 
ATOM 1206 N N   . SER A 1 174 ? -5.266  -8.323  5.434   1.00 28.19  ? 196 SER A N   1 
ATOM 1207 C CA  . SER A 1 174 ? -4.749  -8.701  4.125   1.00 28.19  ? 196 SER A CA  1 
ATOM 1208 C C   . SER A 1 174 ? -3.327  -8.147  4.062   1.00 28.19  ? 196 SER A C   1 
ATOM 1209 O O   . SER A 1 174 ? -2.408  -8.803  3.558   1.00 28.19  ? 196 SER A O   1 
ATOM 1210 C CB  . SER A 1 174 ? -5.595  -8.092  3.012   1.00 56.86  ? 196 SER A CB  1 
ATOM 1211 O OG  . SER A 1 174 ? -5.017  -8.336  1.739   1.00 56.86  ? 196 SER A OG  1 
ATOM 1212 N N   . VAL A 1 175 ? -3.166  -6.932  4.580   1.00 30.01  ? 197 VAL A N   1 
ATOM 1213 C CA  . VAL A 1 175 ? -1.872  -6.287  4.626   1.00 30.01  ? 197 VAL A CA  1 
ATOM 1214 C C   . VAL A 1 175 ? -1.004  -7.179  5.493   1.00 30.01  ? 197 VAL A C   1 
ATOM 1215 O O   . VAL A 1 175 ? 0.113   -7.568  5.142   1.00 30.01  ? 197 VAL A O   1 
ATOM 1216 C CB  . VAL A 1 175 ? -1.989  -4.896  5.282   1.00 52.36  ? 197 VAL A CB  1 
ATOM 1217 C CG1 . VAL A 1 175 ? -0.635  -4.439  5.793   1.00 52.36  ? 197 VAL A CG1 1 
ATOM 1218 C CG2 . VAL A 1 175 ? -2.550  -3.889  4.274   1.00 52.36  ? 197 VAL A CG2 1 
ATOM 1219 N N   . ALA A 1 176 ? -1.571  -7.497  6.642   1.00 49.13  ? 198 ALA A N   1 
ATOM 1220 C CA  . ALA A 1 176 ? -0.943  -8.332  7.628   1.00 49.13  ? 198 ALA A CA  1 
ATOM 1221 C C   . ALA A 1 176 ? -0.319  -9.522  6.928   1.00 49.13  ? 198 ALA A C   1 
ATOM 1222 O O   . ALA A 1 176 ? 0.904   -9.658  6.869   1.00 49.13  ? 198 ALA A O   1 
ATOM 1223 C CB  . ALA A 1 176 ? -1.994  -8.772  8.635   1.00 33.28  ? 198 ALA A CB  1 
ATOM 1224 N N   . ILE A 1 177 ? -1.162  -10.367 6.367   1.00 22.61  ? 199 ILE A N   1 
ATOM 1225 C CA  . ILE A 1 177 ? -0.659  -11.541 5.698   1.00 22.61  ? 199 ILE A CA  1 
ATOM 1226 C C   . ILE A 1 177 ? 0.345   -11.090 4.663   1.00 22.61  ? 199 ILE A C   1 
ATOM 1227 O O   . ILE A 1 177 ? 1.475   -11.565 4.620   1.00 22.61  ? 199 ILE A O   1 
ATOM 1228 C CB  . ILE A 1 177 ? -1.820  -12.360 5.052   1.00 90.09  ? 199 ILE A CB  1 
ATOM 1229 C CG1 . ILE A 1 177 ? -2.829  -11.422 4.390   1.00 90.09  ? 199 ILE A CG1 1 
ATOM 1230 C CG2 . ILE A 1 177 ? -2.541  -13.182 6.121   1.00 90.09  ? 199 ILE A CG2 1 
ATOM 1231 C CD1 . ILE A 1 177 ? -4.029  -12.119 3.796   1.00 90.09  ? 199 ILE A CD1 1 
ATOM 1232 N N   . GLY A 1 178 ? -0.071  -10.136 3.846   1.00 41.75  ? 200 GLY A N   1 
ATOM 1233 C CA  . GLY A 1 178 ? 0.789   -9.661  2.788   1.00 41.75  ? 200 GLY A CA  1 
ATOM 1234 C C   . GLY A 1 178 ? 2.255   -9.545  3.130   1.00 41.75  ? 200 GLY A C   1 
ATOM 1235 O O   . GLY A 1 178 ? 3.090   -10.084 2.404   1.00 41.75  ? 200 GLY A O   1 
ATOM 1236 N N   . HIS A 1 179 ? 2.564   -8.841  4.214   1.00 34.25  ? 201 HIS A N   1 
ATOM 1237 C CA  . HIS A 1 179 ? 3.940   -8.636  4.629   1.00 34.25  ? 201 HIS A CA  1 
ATOM 1238 C C   . HIS A 1 179 ? 4.610   -9.893  5.149   1.00 34.25  ? 201 HIS A C   1 
ATOM 1239 O O   . HIS A 1 179 ? 5.659   -10.319 4.654   1.00 34.25  ? 201 HIS A O   1 
ATOM 1240 C CB  . HIS A 1 179 ? 3.988   -7.528  5.675   1.00 72.09  ? 201 HIS A CB  1 
ATOM 1241 C CG  . HIS A 1 179 ? 3.653   -6.176  5.118   1.00 72.09  ? 201 HIS A CG  1 
ATOM 1242 N ND1 . HIS A 1 179 ? 2.356   -5.742  4.938   1.00 72.09  ? 201 HIS A ND1 1 
ATOM 1243 C CD2 . HIS A 1 179 ? 4.445   -5.204  4.599   1.00 72.09  ? 201 HIS A CD2 1 
ATOM 1244 C CE1 . HIS A 1 179 ? 2.365   -4.568  4.329   1.00 72.09  ? 201 HIS A CE1 1 
ATOM 1245 N NE2 . HIS A 1 179 ? 3.620   -4.220  4.111   1.00 72.09  ? 201 HIS A NE2 1 
ATOM 1246 N N   . LEU A 1 180 ? 3.994   -10.473 6.163   1.00 58.66  ? 202 LEU A N   1 
ATOM 1247 C CA  . LEU A 1 180 ? 4.499   -11.682 6.764   1.00 58.66  ? 202 LEU A CA  1 
ATOM 1248 C C   . LEU A 1 180 ? 5.128   -12.527 5.671   1.00 58.66  ? 202 LEU A C   1 
ATOM 1249 O O   . LEU A 1 180 ? 6.306   -12.880 5.759   1.00 58.66  ? 202 LEU A O   1 
ATOM 1250 C CB  . LEU A 1 180 ? 3.348   -12.408 7.426   1.00 41.25  ? 202 LEU A CB  1 
ATOM 1251 C CG  . LEU A 1 180 ? 2.720   -11.681 8.607   1.00 41.25  ? 202 LEU A CG  1 
ATOM 1252 C CD1 . LEU A 1 180 ? 1.554   -12.459 9.216   1.00 41.25  ? 202 LEU A CD1 1 
ATOM 1253 C CD2 . LEU A 1 180 ? 3.809   -11.518 9.612   1.00 41.25  ? 202 LEU A CD2 1 
ATOM 1254 N N   . PHE A 1 181 ? 4.357   -12.802 4.622   1.00 37.27  ? 203 PHE A N   1 
ATOM 1255 C CA  . PHE A 1 181 ? 4.836   -13.605 3.502   1.00 37.27  ? 203 PHE A CA  1 
ATOM 1256 C C   . PHE A 1 181 ? 5.723   -12.891 2.473   1.00 37.27  ? 203 PHE A C   1 
ATOM 1257 O O   . PHE A 1 181 ? 6.847   -13.316 2.215   1.00 37.27  ? 203 PHE A O   1 
ATOM 1258 C CB  . PHE A 1 181 ? 3.653   -14.261 2.767   1.00 49.23  ? 203 PHE A CB  1 
ATOM 1259 C CG  . PHE A 1 181 ? 3.887   -14.444 1.286   1.00 49.23  ? 203 PHE A CG  1 
ATOM 1260 C CD1 . PHE A 1 181 ? 4.908   -15.277 0.810   1.00 49.23  ? 203 PHE A CD1 1 
ATOM 1261 C CD2 . PHE A 1 181 ? 3.109   -13.754 0.366   1.00 49.23  ? 203 PHE A CD2 1 
ATOM 1262 C CE1 . PHE A 1 181 ? 5.140   -15.410 -0.568  1.00 49.23  ? 203 PHE A CE1 1 
ATOM 1263 C CE2 . PHE A 1 181 ? 3.334   -13.885 -1.002  1.00 49.23  ? 203 PHE A CE2 1 
ATOM 1264 C CZ  . PHE A 1 181 ? 4.351   -14.713 -1.469  1.00 49.23  ? 203 PHE A CZ  1 
ATOM 1265 N N   . ALA A 1 182 ? 5.228   -11.821 1.873   1.00 92.16  ? 204 ALA A N   1 
ATOM 1266 C CA  . ALA A 1 182 ? 5.991   -11.149 0.837   1.00 92.16  ? 204 ALA A CA  1 
ATOM 1267 C C   . ALA A 1 182 ? 7.242   -10.344 1.212   1.00 92.16  ? 204 ALA A C   1 
ATOM 1268 O O   . ALA A 1 182 ? 8.092   -10.124 0.348   1.00 92.16  ? 204 ALA A O   1 
ATOM 1269 C CB  . ALA A 1 182 ? 5.040   -10.274 0.013   1.00 14.06  ? 204 ALA A CB  1 
ATOM 1270 N N   . ILE A 1 183 ? 7.390   -9.934  2.477   1.00 79.01  ? 205 ILE A N   1 
ATOM 1271 C CA  . ILE A 1 183 ? 8.546   -9.096  2.896   1.00 79.01  ? 205 ILE A CA  1 
ATOM 1272 C C   . ILE A 1 183 ? 9.950   -9.385  2.336   1.00 79.01  ? 205 ILE A C   1 
ATOM 1273 O O   . ILE A 1 183 ? 10.571  -8.484  1.760   1.00 79.01  ? 205 ILE A O   1 
ATOM 1274 C CB  . ILE A 1 183 ? 8.666   -9.018  4.433   1.00 48.21  ? 205 ILE A CB  1 
ATOM 1275 C CG1 . ILE A 1 183 ? 7.506   -8.203  5.016   1.00 48.21  ? 205 ILE A CG1 1 
ATOM 1276 C CG2 . ILE A 1 183 ? 9.997   -8.365  4.821   1.00 48.21  ? 205 ILE A CG2 1 
ATOM 1277 C CD1 . ILE A 1 183 ? 7.359   -8.287  6.522   1.00 48.21  ? 205 ILE A CD1 1 
ATOM 1278 N N   . ASN A 1 184 ? 10.441  -10.613 2.484   1.00 67.90  ? 206 ASN A N   1 
ATOM 1279 C CA  . ASN A 1 184 ? 11.764  -10.951 1.980   1.00 67.90  ? 206 ASN A CA  1 
ATOM 1280 C C   . ASN A 1 184 ? 11.915  -11.093 0.477   1.00 67.90  ? 206 ASN A C   1 
ATOM 1281 O O   . ASN A 1 184 ? 12.982  -10.804 -0.070  1.00 67.90  ? 206 ASN A O   1 
ATOM 1282 C CB  . ASN A 1 184 ? 12.295  -12.218 2.652   1.00 20.76  ? 206 ASN A CB  1 
ATOM 1283 C CG  . ASN A 1 184 ? 13.186  -11.908 3.860   1.00 20.76  ? 206 ASN A CG  1 
ATOM 1284 O OD1 . ASN A 1 184 ? 14.253  -11.302 3.703   1.00 20.76  ? 206 ASN A OD1 1 
ATOM 1285 N ND2 . ASN A 1 184 ? 12.766  -12.337 5.058   1.00 20.76  ? 206 ASN A ND2 1 
ATOM 1286 N N   . TYR A 1 185 ? 10.867  -11.554 -0.198  1.00 63.14  ? 207 TYR A N   1 
ATOM 1287 C CA  . TYR A 1 185 ? 10.941  -11.746 -1.646  1.00 63.14  ? 207 TYR A CA  1 
ATOM 1288 C C   . TYR A 1 185 ? 11.166  -10.482 -2.448  1.00 63.14  ? 207 TYR A C   1 
ATOM 1289 O O   . TYR A 1 185 ? 12.199  -10.332 -3.107  1.00 63.14  ? 207 TYR A O   1 
ATOM 1290 C CB  . TYR A 1 185 ? 9.683   -12.420 -2.156  1.00 62.75  ? 207 TYR A CB  1 
ATOM 1291 C CG  . TYR A 1 185 ? 9.626   -13.868 -1.776  1.00 62.75  ? 207 TYR A CG  1 
ATOM 1292 C CD1 . TYR A 1 185 ? 10.619  -14.759 -2.193  1.00 62.75  ? 207 TYR A CD1 1 
ATOM 1293 C CD2 . TYR A 1 185 ? 8.582   -14.360 -0.981  1.00 62.75  ? 207 TYR A CD2 1 
ATOM 1294 C CE1 . TYR A 1 185 ? 10.571  -16.103 -1.826  1.00 62.75  ? 207 TYR A CE1 1 
ATOM 1295 C CE2 . TYR A 1 185 ? 8.528   -15.697 -0.612  1.00 62.75  ? 207 TYR A CE2 1 
ATOM 1296 C CZ  . TYR A 1 185 ? 9.518   -16.557 -1.033  1.00 62.75  ? 207 TYR A CZ  1 
ATOM 1297 O OH  . TYR A 1 185 ? 9.441   -17.868 -0.650  1.00 62.75  ? 207 TYR A OH  1 
ATOM 1298 N N   . THR A 1 186 ? 10.188  -9.582  -2.382  1.00 35.51  ? 208 THR A N   1 
ATOM 1299 C CA  . THR A 1 186 ? 10.210  -8.313  -3.117  1.00 35.51  ? 208 THR A CA  1 
ATOM 1300 C C   . THR A 1 186 ? 10.120  -7.110  -2.193  1.00 35.51  ? 208 THR A C   1 
ATOM 1301 O O   . THR A 1 186 ? 10.110  -5.967  -2.644  1.00 35.51  ? 208 THR A O   1 
ATOM 1302 C CB  . THR A 1 186 ? 9.014   -8.213  -4.084  1.00 36.38  ? 208 THR A CB  1 
ATOM 1303 O OG1 . THR A 1 186 ? 7.937   -7.531  -3.431  1.00 36.38  ? 208 THR A OG1 1 
ATOM 1304 C CG2 . THR A 1 186 ? 8.546   -9.604  -4.504  1.00 36.38  ? 208 THR A CG2 1 
ATOM 1305 N N   . GLY A 1 187 ? 10.048  -7.370  -0.900  1.00 40.34  ? 209 GLY A N   1 
ATOM 1306 C CA  . GLY A 1 187 ? 9.930   -6.266  0.023   1.00 40.34  ? 209 GLY A CA  1 
ATOM 1307 C C   . GLY A 1 187 ? 8.456   -6.006  0.287   1.00 40.34  ? 209 GLY A C   1 
ATOM 1308 O O   . GLY A 1 187 ? 8.088   -5.110  1.052   1.00 40.34  ? 209 GLY A O   1 
ATOM 1309 N N   . ALA A 1 188 ? 7.602   -6.787  -0.363  1.00 43.85  ? 210 ALA A N   1 
ATOM 1310 C CA  . ALA A 1 188 ? 6.167   -6.657  -0.166  1.00 43.85  ? 210 ALA A CA  1 
ATOM 1311 C C   . ALA A 1 188 ? 5.682   -5.215  -0.299  1.00 43.85  ? 210 ALA A C   1 
ATOM 1312 O O   . ALA A 1 188 ? 4.919   -4.746  0.536   1.00 43.85  ? 210 ALA A O   1 
ATOM 1313 C CB  . ALA A 1 188 ? 5.791   -7.207  1.226   1.00 28.33  ? 210 ALA A CB  1 
ATOM 1314 N N   . SER A 1 189 ? 6.118   -4.502  -1.330  1.00 31.38  ? 211 SER A N   1 
ATOM 1315 C CA  . SER A 1 189 ? 5.681   -3.118  -1.507  1.00 31.38  ? 211 SER A CA  1 
ATOM 1316 C C   . SER A 1 189 ? 4.176   -3.013  -1.540  1.00 31.38  ? 211 SER A C   1 
ATOM 1317 O O   . SER A 1 189 ? 3.586   -2.140  -0.906  1.00 31.38  ? 211 SER A O   1 
ATOM 1318 C CB  . SER A 1 189 ? 6.198   -2.539  -2.822  1.00 37.28  ? 211 SER A CB  1 
ATOM 1319 O OG  . SER A 1 189 ? 5.348   -1.493  -3.276  1.00 37.28  ? 211 SER A OG  1 
ATOM 1320 N N   . MET A 1 190 ? 3.578   -3.916  -2.307  1.00 46.31  ? 212 MET A N   1 
ATOM 1321 C CA  . MET A 1 190 ? 2.142   -3.992  -2.555  1.00 46.31  ? 212 MET A CA  1 
ATOM 1322 C C   . MET A 1 190 ? 1.366   -2.684  -2.532  1.00 46.31  ? 212 MET A C   1 
ATOM 1323 O O   . MET A 1 190 ? 0.183   -2.641  -2.208  1.00 46.31  ? 212 MET A O   1 
ATOM 1324 C CB  . MET A 1 190 ? 1.483   -5.025  -1.649  1.00 37.19  ? 212 MET A CB  1 
ATOM 1325 C CG  . MET A 1 190 ? 1.175   -4.666  -0.226  1.00 37.19  ? 212 MET A CG  1 
ATOM 1326 S SD  . MET A 1 190 ? -0.128  -5.856  0.284   1.00 37.19  ? 212 MET A SD  1 
ATOM 1327 C CE  . MET A 1 190 ? 0.599   -7.413  -0.172  1.00 37.19  ? 212 MET A CE  1 
ATOM 1328 N N   . ASN A 1 191 ? 2.051   -1.617  -2.935  1.00 28.67  ? 213 ASN A N   1 
ATOM 1329 C CA  . ASN A 1 191 ? 1.458   -0.291  -2.979  1.00 28.67  ? 213 ASN A CA  1 
ATOM 1330 C C   . ASN A 1 191 ? 2.434   0.725   -3.540  1.00 28.67  ? 213 ASN A C   1 
ATOM 1331 O O   . ASN A 1 191 ? 3.333   1.192   -2.826  1.00 28.67  ? 213 ASN A O   1 
ATOM 1332 C CB  . ASN A 1 191 ? 1.027   0.134   -1.569  1.00 38.60  ? 213 ASN A CB  1 
ATOM 1333 C CG  . ASN A 1 191 ? 0.001   1.261   -1.579  1.00 38.60  ? 213 ASN A CG  1 
ATOM 1334 O OD1 . ASN A 1 191 ? 0.187   2.310   -2.225  1.00 38.60  ? 213 ASN A OD1 1 
ATOM 1335 N ND2 . ASN A 1 191 ? -1.091  1.049   -0.847  1.00 38.60  ? 213 ASN A ND2 1 
ATOM 1336 N N   . PRO A 1 192 ? 2.299   1.051   -4.831  1.00 55.66  ? 214 PRO A N   1 
ATOM 1337 C CA  . PRO A 1 192 ? 3.107   2.006   -5.576  1.00 55.66  ? 214 PRO A CA  1 
ATOM 1338 C C   . PRO A 1 192 ? 3.422   3.277   -4.750  1.00 55.66  ? 214 PRO A C   1 
ATOM 1339 O O   . PRO A 1 192 ? 4.571   3.711   -4.656  1.00 55.66  ? 214 PRO A O   1 
ATOM 1340 C CB  . PRO A 1 192 ? 2.232   2.272   -6.780  1.00 19.84  ? 214 PRO A CB  1 
ATOM 1341 C CG  . PRO A 1 192 ? 1.746   0.905   -7.095  1.00 19.84  ? 214 PRO A CG  1 
ATOM 1342 C CD  . PRO A 1 192 ? 1.498   0.230   -5.756  1.00 19.84  ? 214 PRO A CD  1 
ATOM 1343 N N   . ALA A 1 193 ? 2.385   3.846   -4.153  1.00 50.49  ? 215 ALA A N   1 
ATOM 1344 C CA  . ALA A 1 193 ? 2.492   5.045   -3.355  1.00 50.49  ? 215 ALA A CA  1 
ATOM 1345 C C   . ALA A 1 193 ? 3.561   4.921   -2.281  1.00 50.49  ? 215 ALA A C   1 
ATOM 1346 O O   . ALA A 1 193 ? 4.492   5.732   -2.219  1.00 50.49  ? 215 ALA A O   1 
ATOM 1347 C CB  . ALA A 1 193 ? 1.133   5.367   -2.729  1.00 72.62  ? 215 ALA A CB  1 
ATOM 1348 N N   . ARG A 1 194 ? 3.417   3.917   -1.423  1.00 66.82  ? 216 ARG A N   1 
ATOM 1349 C CA  . ARG A 1 194 ? 4.372   3.708   -0.338  1.00 66.82  ? 216 ARG A CA  1 
ATOM 1350 C C   . ARG A 1 194 ? 5.786   3.455   -0.839  1.00 66.82  ? 216 ARG A C   1 
ATOM 1351 O O   . ARG A 1 194 ? 6.750   3.936   -0.245  1.00 66.82  ? 216 ARG A O   1 
ATOM 1352 C CB  . ARG A 1 194 ? 3.931   2.543   0.558   1.00 59.05  ? 216 ARG A CB  1 
ATOM 1353 C CG  . ARG A 1 194 ? 5.077   1.747   1.221   1.00 59.05  ? 216 ARG A CG  1 
ATOM 1354 C CD  . ARG A 1 194 ? 5.422   0.453   0.448   1.00 59.05  ? 216 ARG A CD  1 
ATOM 1355 N NE  . ARG A 1 194 ? 6.294   -0.437  1.218   1.00 59.05  ? 216 ARG A NE  1 
ATOM 1356 C CZ  . ARG A 1 194 ? 7.520   -0.120  1.623   1.00 59.05  ? 216 ARG A CZ  1 
ATOM 1357 N NH1 . ARG A 1 194 ? 8.024   1.073   1.326   1.00 59.05  ? 216 ARG A NH1 1 
ATOM 1358 N NH2 . ARG A 1 194 ? 8.236   -0.989  2.332   1.00 59.05  ? 216 ARG A NH2 1 
ATOM 1359 N N   . SER A 1 195 ? 5.914   2.700   -1.928  1.00 42.63  ? 217 SER A N   1 
ATOM 1360 C CA  . SER A 1 195 ? 7.233   2.404   -2.458  1.00 42.63  ? 217 SER A CA  1 
ATOM 1361 C C   . SER A 1 195 ? 7.871   3.667   -3.005  1.00 42.63  ? 217 SER A C   1 
ATOM 1362 O O   . SER A 1 195 ? 9.025   3.971   -2.716  1.00 42.63  ? 217 SER A O   1 
ATOM 1363 C CB  . SER A 1 195 ? 7.126   1.356   -3.559  1.00 45.13  ? 217 SER A CB  1 
ATOM 1364 O OG  . SER A 1 195 ? 8.410   1.055   -4.065  1.00 45.13  ? 217 SER A OG  1 
ATOM 1365 N N   . PHE A 1 196 ? 7.081   4.399   -3.783  1.00 66.89  ? 218 PHE A N   1 
ATOM 1366 C CA  . PHE A 1 196 ? 7.477   5.638   -4.445  1.00 66.89  ? 218 PHE A CA  1 
ATOM 1367 C C   . PHE A 1 196 ? 7.999   6.741   -3.514  1.00 66.89  ? 218 PHE A C   1 
ATOM 1368 O O   . PHE A 1 196 ? 9.007   7.375   -3.817  1.00 66.89  ? 218 PHE A O   1 
ATOM 1369 C CB  . PHE A 1 196 ? 6.275   6.140   -5.252  1.00 36.75  ? 218 PHE A CB  1 
ATOM 1370 C CG  . PHE A 1 196 ? 6.570   7.296   -6.168  1.00 36.75  ? 218 PHE A CG  1 
ATOM 1371 C CD1 . PHE A 1 196 ? 7.414   7.146   -7.255  1.00 36.75  ? 218 PHE A CD1 1 
ATOM 1372 C CD2 . PHE A 1 196 ? 5.976   8.538   -5.953  1.00 36.75  ? 218 PHE A CD2 1 
ATOM 1373 C CE1 . PHE A 1 196 ? 7.667   8.212   -8.115  1.00 36.75  ? 218 PHE A CE1 1 
ATOM 1374 C CE2 . PHE A 1 196 ? 6.225   9.608   -6.810  1.00 36.75  ? 218 PHE A CE2 1 
ATOM 1375 C CZ  . PHE A 1 196 ? 7.072   9.441   -7.891  1.00 36.75  ? 218 PHE A CZ  1 
ATOM 1376 N N   . GLY A 1 197 ? 7.337   6.967   -2.388  1.00 22.94  ? 219 GLY A N   1 
ATOM 1377 C CA  . GLY A 1 197 ? 7.787   8.021   -1.506  1.00 22.94  ? 219 GLY A CA  1 
ATOM 1378 C C   . GLY A 1 197 ? 9.242   7.901   -1.107  1.00 22.94  ? 219 GLY A C   1 
ATOM 1379 O O   . GLY A 1 197 ? 9.916   8.928   -0.994  1.00 22.94  ? 219 GLY A O   1 
ATOM 1380 N N   . PRO A 1 198 ? 9.739   6.677   -0.829  1.00 45.75  ? 220 PRO A N   1 
ATOM 1381 C CA  . PRO A 1 198 ? 11.137  6.478   -0.440  1.00 45.75  ? 220 PRO A CA  1 
ATOM 1382 C C   . PRO A 1 198 ? 12.063  6.580   -1.655  1.00 45.75  ? 220 PRO A C   1 
ATOM 1383 O O   . PRO A 1 198 ? 13.162  7.121   -1.551  1.00 45.75  ? 220 PRO A O   1 
ATOM 1384 C CB  . PRO A 1 198 ? 11.133  5.072   0.182   1.00 36.98  ? 220 PRO A CB  1 
ATOM 1385 C CG  . PRO A 1 198 ? 9.757   4.896   0.714   1.00 36.98  ? 220 PRO A CG  1 
ATOM 1386 C CD  . PRO A 1 198 ? 8.942   5.492   -0.455  1.00 36.98  ? 220 PRO A CD  1 
ATOM 1387 N N   . ALA A 1 199 ? 11.610  6.069   -2.802  1.00 43.31  ? 221 ALA A N   1 
ATOM 1388 C CA  . ALA A 1 199 ? 12.402  6.098   -4.033  1.00 43.31  ? 221 ALA A CA  1 
ATOM 1389 C C   . ALA A 1 199 ? 12.839  7.521   -4.411  1.00 43.31  ? 221 ALA A C   1 
ATOM 1390 O O   . ALA A 1 199 ? 13.937  7.725   -4.925  1.00 43.31  ? 221 ALA A O   1 
ATOM 1391 C CB  . ALA A 1 199 ? 11.624  5.461   -5.171  1.00 25.32  ? 221 ALA A CB  1 
ATOM 1392 N N   . VAL A 1 200 ? 11.992  8.509   -4.168  1.00 37.41  ? 222 VAL A N   1 
ATOM 1393 C CA  . VAL A 1 200 ? 12.398  9.868   -4.477  1.00 37.41  ? 222 VAL A CA  1 
ATOM 1394 C C   . VAL A 1 200 ? 13.530  10.249  -3.500  1.00 37.41  ? 222 VAL A C   1 
ATOM 1395 O O   . VAL A 1 200 ? 14.532  10.878  -3.871  1.00 37.41  ? 222 VAL A O   1 
ATOM 1396 C CB  . VAL A 1 200 ? 11.240  10.896  -4.280  1.00 32.91  ? 222 VAL A CB  1 
ATOM 1397 C CG1 . VAL A 1 200 ? 10.755  11.407  -5.614  1.00 32.91  ? 222 VAL A CG1 1 
ATOM 1398 C CG2 . VAL A 1 200 ? 10.119  10.284  -3.483  1.00 32.91  ? 222 VAL A CG2 1 
ATOM 1399 N N   . ILE A 1 201 ? 13.357  9.854   -2.245  1.00 25.93  ? 223 ILE A N   1 
ATOM 1400 C CA  . ILE A 1 201 ? 14.318  10.179  -1.206  1.00 25.93  ? 223 ILE A CA  1 
ATOM 1401 C C   . ILE A 1 201 ? 15.606  9.373   -1.161  1.00 25.93  ? 223 ILE A C   1 
ATOM 1402 O O   . ILE A 1 201 ? 16.617  9.869   -0.682  1.00 25.93  ? 223 ILE A O   1 
ATOM 1403 C CB  . ILE A 1 201 ? 13.659  10.097  0.151   1.00 27.19  ? 223 ILE A CB  1 
ATOM 1404 C CG1 . ILE A 1 201 ? 12.842  11.371  0.379   1.00 27.19  ? 223 ILE A CG1 1 
ATOM 1405 C CG2 . ILE A 1 201 ? 14.715  9.816   1.226   1.00 27.19  ? 223 ILE A CG2 1 
ATOM 1406 C CD1 . ILE A 1 201 ? 11.711  11.211  1.355   1.00 27.19  ? 223 ILE A CD1 1 
ATOM 1407 N N   . MET A 1 202 ? 15.585  8.127   -1.613  1.00 53.21  ? 224 MET A N   1 
ATOM 1408 C CA  . MET A 1 202 ? 16.811  7.334   -1.604  1.00 53.21  ? 224 MET A CA  1 
ATOM 1409 C C   . MET A 1 202 ? 17.604  7.713   -2.847  1.00 53.21  ? 224 MET A C   1 
ATOM 1410 O O   . MET A 1 202 ? 18.834  7.680   -2.846  1.00 53.21  ? 224 MET A O   1 
ATOM 1411 C CB  . MET A 1 202 ? 16.504  5.826   -1.645  1.00 104.06 ? 224 MET A CB  1 
ATOM 1412 C CG  . MET A 1 202 ? 17.672  4.981   -2.198  1.00 104.06 ? 224 MET A CG  1 
ATOM 1413 S SD  . MET A 1 202 ? 17.323  3.215   -2.521  1.00 104.06 ? 224 MET A SD  1 
ATOM 1414 C CE  . MET A 1 202 ? 18.605  2.381   -1.520  1.00 104.06 ? 224 MET A CE  1 
ATOM 1415 N N   . GLY A 1 203 ? 16.880  8.068   -3.908  1.00 24.17  ? 225 GLY A N   1 
ATOM 1416 C CA  . GLY A 1 203 ? 17.516  8.432   -5.162  1.00 24.17  ? 225 GLY A CA  1 
ATOM 1417 C C   . GLY A 1 203 ? 17.826  7.191   -5.970  1.00 24.17  ? 225 GLY A C   1 
ATOM 1418 O O   . GLY A 1 203 ? 18.663  7.216   -6.871  1.00 24.17  ? 225 GLY A O   1 
ATOM 1419 N N   . ASN A 1 204 ? 17.163  6.096   -5.626  1.00 31.91  ? 226 ASN A N   1 
ATOM 1420 C CA  . ASN A 1 204 ? 17.365  4.855   -6.345  1.00 31.91  ? 226 ASN A CA  1 
ATOM 1421 C C   . ASN A 1 204 ? 16.076  4.161   -6.708  1.00 31.91  ? 226 ASN A C   1 
ATOM 1422 O O   . ASN A 1 204 ? 15.241  3.878   -5.850  1.00 31.91  ? 226 ASN A O   1 
ATOM 1423 C CB  . ASN A 1 204 ? 18.221  3.875   -5.546  1.00 94.47  ? 226 ASN A CB  1 
ATOM 1424 C CG  . ASN A 1 204 ? 18.062  2.434   -6.029  1.00 94.47  ? 226 ASN A CG  1 
ATOM 1425 O OD1 . ASN A 1 204 ? 17.006  1.821   -5.861  1.00 94.47  ? 226 ASN A OD1 1 
ATOM 1426 N ND2 . ASN A 1 204 ? 19.109  1.895   -6.639  1.00 94.47  ? 226 ASN A ND2 1 
ATOM 1427 N N   . TRP A 1 205 ? 15.915  3.881   -7.988  1.00 52.39  ? 227 TRP A N   1 
ATOM 1428 C CA  . TRP A 1 205 ? 14.735  3.177   -8.417  1.00 52.39  ? 227 TRP A CA  1 
ATOM 1429 C C   . TRP A 1 205 ? 15.183  1.836   -8.959  1.00 52.39  ? 227 TRP A C   1 
ATOM 1430 O O   . TRP A 1 205 ? 15.059  1.578   -10.160 1.00 52.39  ? 227 TRP A O   1 
ATOM 1431 C CB  . TRP A 1 205 ? 14.007  3.919   -9.526  1.00 57.06  ? 227 TRP A CB  1 
ATOM 1432 C CG  . TRP A 1 205 ? 13.521  5.298   -9.219  1.00 57.06  ? 227 TRP A CG  1 
ATOM 1433 C CD1 . TRP A 1 205 ? 13.088  5.794   -8.020  1.00 57.06  ? 227 TRP A CD1 1 
ATOM 1434 C CD2 . TRP A 1 205 ? 13.271  6.314   -10.188 1.00 57.06  ? 227 TRP A CD2 1 
ATOM 1435 N NE1 . TRP A 1 205 ? 12.570  7.057   -8.187  1.00 57.06  ? 227 TRP A NE1 1 
ATOM 1436 C CE2 . TRP A 1 205 ? 12.672  7.401   -9.510  1.00 57.06  ? 227 TRP A CE2 1 
ATOM 1437 C CE3 . TRP A 1 205 ? 13.494  6.410   -11.580 1.00 57.06  ? 227 TRP A CE3 1 
ATOM 1438 C CZ2 . TRP A 1 205 ? 12.289  8.569   -10.175 1.00 57.06  ? 227 TRP A CZ2 1 
ATOM 1439 C CZ3 . TRP A 1 205 ? 13.114  7.567   -12.240 1.00 57.06  ? 227 TRP A CZ3 1 
ATOM 1440 C CH2 . TRP A 1 205 ? 12.519  8.634   -11.537 1.00 57.06  ? 227 TRP A CH2 1 
ATOM 1441 N N   . GLU A 1 206 ? 15.731  0.987   -8.095  1.00 71.54  ? 228 GLU A N   1 
ATOM 1442 C CA  . GLU A 1 206 ? 16.146  -0.317  -8.574  1.00 71.54  ? 228 GLU A CA  1 
ATOM 1443 C C   . GLU A 1 206 ? 14.867  -1.017  -9.007  1.00 71.54  ? 228 GLU A C   1 
ATOM 1444 O O   . GLU A 1 206 ? 14.058  -1.447  -8.185  1.00 71.54  ? 228 GLU A O   1 
ATOM 1445 C CB  . GLU A 1 206 ? 16.866  -1.125  -7.490  1.00 54.07  ? 228 GLU A CB  1 
ATOM 1446 C CG  . GLU A 1 206 ? 17.310  -2.521  -7.973  1.00 54.07  ? 228 GLU A CG  1 
ATOM 1447 C CD  . GLU A 1 206 ? 18.002  -2.505  -9.348  1.00 54.07  ? 228 GLU A CD  1 
ATOM 1448 O OE1 . GLU A 1 206 ? 17.432  -1.935  -10.308 1.00 54.07  ? 228 GLU A OE1 1 
ATOM 1449 O OE2 . GLU A 1 206 ? 19.108  -3.081  -9.471  1.00 54.07  ? 228 GLU A OE2 1 
ATOM 1450 N N   . ASN A 1 207 ? 14.699  -1.100  -10.321 1.00 38.01  ? 229 ASN A N   1 
ATOM 1451 C CA  . ASN A 1 207 ? 13.524  -1.703  -10.935 1.00 38.01  ? 229 ASN A CA  1 
ATOM 1452 C C   . ASN A 1 207 ? 12.267  -1.204  -10.237 1.00 38.01  ? 229 ASN A C   1 
ATOM 1453 O O   . ASN A 1 207 ? 11.498  -1.976  -9.684  1.00 38.01  ? 229 ASN A O   1 
ATOM 1454 C CB  . ASN A 1 207 ? 13.612  -3.234  -10.886 1.00 53.50  ? 229 ASN A CB  1 
ATOM 1455 C CG  . ASN A 1 207 ? 13.402  -3.780  -9.512  1.00 53.50  ? 229 ASN A CG  1 
ATOM 1456 O OD1 . ASN A 1 207 ? 12.274  -4.025  -9.097  1.00 53.50  ? 229 ASN A OD1 1 
ATOM 1457 N ND2 . ASN A 1 207 ? 14.488  -3.967  -8.783  1.00 53.50  ? 229 ASN A ND2 1 
ATOM 1458 N N   . HIS A 1 208 ? 12.063  0.105   -10.265 1.00 39.30  ? 230 HIS A N   1 
ATOM 1459 C CA  . HIS A 1 208 ? 10.887  0.633   -9.632  1.00 39.30  ? 230 HIS A CA  1 
ATOM 1460 C C   . HIS A 1 208 ? 9.666   0.217   -10.414 1.00 39.30  ? 230 HIS A C   1 
ATOM 1461 O O   . HIS A 1 208 ? 8.627   -0.096  -9.840  1.00 39.30  ? 230 HIS A O   1 
ATOM 1462 C CB  . HIS A 1 208 ? 10.913  2.146   -9.543  1.00 41.40  ? 230 HIS A CB  1 
ATOM 1463 C CG  . HIS A 1 208 ? 9.945   2.677   -8.537  1.00 41.40  ? 230 HIS A CG  1 
ATOM 1464 N ND1 . HIS A 1 208 ? 10.092  2.463   -7.179  1.00 41.40  ? 230 HIS A ND1 1 
ATOM 1465 C CD2 . HIS A 1 208 ? 8.778   3.346   -8.684  1.00 41.40  ? 230 HIS A CD2 1 
ATOM 1466 C CE1 . HIS A 1 208 ? 9.059   2.976   -6.534  1.00 41.40  ? 230 HIS A CE1 1 
ATOM 1467 N NE2 . HIS A 1 208 ? 8.245   3.517   -7.424  1.00 41.40  ? 230 HIS A NE2 1 
ATOM 1468 N N   . TRP A 1 209 ? 9.790   0.197   -11.730 1.00 32.48  ? 231 TRP A N   1 
ATOM 1469 C CA  . TRP A 1 209 ? 8.656   -0.161  -12.565 1.00 32.48  ? 231 TRP A CA  1 
ATOM 1470 C C   . TRP A 1 209 ? 8.000   -1.431  -12.089 1.00 32.48  ? 231 TRP A C   1 
ATOM 1471 O O   . TRP A 1 209 ? 6.796   -1.617  -12.257 1.00 32.48  ? 231 TRP A O   1 
ATOM 1472 C CB  . TRP A 1 209 ? 9.093   -0.352  -14.002 1.00 23.80  ? 231 TRP A CB  1 
ATOM 1473 C CG  . TRP A 1 209 ? 10.075  -1.410  -14.114 1.00 23.80  ? 231 TRP A CG  1 
ATOM 1474 C CD1 . TRP A 1 209 ? 11.430  -1.336  -13.883 1.00 23.80  ? 231 TRP A CD1 1 
ATOM 1475 C CD2 . TRP A 1 209 ? 9.807   -2.732  -14.509 1.00 23.80  ? 231 TRP A CD2 1 
ATOM 1476 N NE1 . TRP A 1 209 ? 12.018  -2.553  -14.131 1.00 23.80  ? 231 TRP A NE1 1 
ATOM 1477 C CE2 . TRP A 1 209 ? 11.034  -3.430  -14.518 1.00 23.80  ? 231 TRP A CE2 1 
ATOM 1478 C CE3 . TRP A 1 209 ? 8.639   -3.408  -14.856 1.00 23.80  ? 231 TRP A CE3 1 
ATOM 1479 C CZ2 . TRP A 1 209 ? 11.121  -4.764  -14.862 1.00 23.80  ? 231 TRP A CZ2 1 
ATOM 1480 C CZ3 . TRP A 1 209 ? 8.722   -4.731  -15.193 1.00 23.80  ? 231 TRP A CZ3 1 
ATOM 1481 C CH2 . TRP A 1 209 ? 9.955   -5.403  -15.197 1.00 23.80  ? 231 TRP A CH2 1 
ATOM 1482 N N   . ILE A 1 210 ? 8.798   -2.310  -11.499 1.00 39.35  ? 232 ILE A N   1 
ATOM 1483 C CA  . ILE A 1 210 ? 8.285   -3.580  -11.006 1.00 39.35  ? 232 ILE A CA  1 
ATOM 1484 C C   . ILE A 1 210 ? 7.164   -3.363  -10.025 1.00 39.35  ? 232 ILE A C   1 
ATOM 1485 O O   . ILE A 1 210 ? 6.205   -4.122  -9.987  1.00 39.35  ? 232 ILE A O   1 
ATOM 1486 C CB  . ILE A 1 210 ? 9.398   -4.416  -10.354 1.00 65.83  ? 232 ILE A CB  1 
ATOM 1487 C CG1 . ILE A 1 210 ? 9.926   -5.405  -11.395 1.00 65.83  ? 232 ILE A CG1 1 
ATOM 1488 C CG2 . ILE A 1 210 ? 8.890   -5.099  -9.080  1.00 65.83  ? 232 ILE A CG2 1 
ATOM 1489 C CD1 . ILE A 1 210 ? 11.036  -6.288  -10.911 1.00 65.83  ? 232 ILE A CD1 1 
ATOM 1490 N N   . TYR A 1 211 ? 7.277   -2.308  -9.238  1.00 39.85  ? 233 TYR A N   1 
ATOM 1491 C CA  . TYR A 1 211 ? 6.248   -2.007  -8.271  1.00 39.85  ? 233 TYR A CA  1 
ATOM 1492 C C   . TYR A 1 211 ? 5.008   -1.411  -8.896  1.00 39.85  ? 233 TYR A C   1 
ATOM 1493 O O   . TYR A 1 211 ? 3.921   -1.547  -8.355  1.00 39.85  ? 233 TYR A O   1 
ATOM 1494 C CB  . TYR A 1 211 ? 6.823   -1.118  -7.173  1.00 35.92  ? 233 TYR A CB  1 
ATOM 1495 C CG  . TYR A 1 211 ? 7.857   -1.904  -6.427  1.00 35.92  ? 233 TYR A CG  1 
ATOM 1496 C CD1 . TYR A 1 211 ? 7.501   -3.088  -5.786  1.00 35.92  ? 233 TYR A CD1 1 
ATOM 1497 C CD2 . TYR A 1 211 ? 9.203   -1.571  -6.507  1.00 35.92  ? 233 TYR A CD2 1 
ATOM 1498 C CE1 . TYR A 1 211 ? 8.442   -3.917  -5.268  1.00 35.92  ? 233 TYR A CE1 1 
ATOM 1499 C CE2 . TYR A 1 211 ? 10.165  -2.397  -5.989  1.00 35.92  ? 233 TYR A CE2 1 
ATOM 1500 C CZ  . TYR A 1 211 ? 9.774   -3.577  -5.374  1.00 35.92  ? 233 TYR A CZ  1 
ATOM 1501 O OH  . TYR A 1 211 ? 10.713  -4.460  -4.894  1.00 35.92  ? 233 TYR A OH  1 
ATOM 1502 N N   . TRP A 1 212 ? 5.148   -0.760  -10.039 1.00 61.07  ? 234 TRP A N   1 
ATOM 1503 C CA  . TRP A 1 212 ? 3.968   -0.228  -10.689 1.00 61.07  ? 234 TRP A CA  1 
ATOM 1504 C C   . TRP A 1 212 ? 3.316   -1.309  -11.552 1.00 61.07  ? 234 TRP A C   1 
ATOM 1505 O O   . TRP A 1 212 ? 2.097   -1.458  -11.569 1.00 61.07  ? 234 TRP A O   1 
ATOM 1506 C CB  . TRP A 1 212 ? 4.334   0.963   -11.535 1.00 60.41  ? 234 TRP A CB  1 
ATOM 1507 C CG  . TRP A 1 212 ? 4.800   2.057   -10.704 1.00 60.41  ? 234 TRP A CG  1 
ATOM 1508 C CD1 . TRP A 1 212 ? 5.998   2.150   -10.063 1.00 60.41  ? 234 TRP A CD1 1 
ATOM 1509 C CD2 . TRP A 1 212 ? 4.068   3.228   -10.362 1.00 60.41  ? 234 TRP A CD2 1 
ATOM 1510 N NE1 . TRP A 1 212 ? 6.055   3.315   -9.341  1.00 60.41  ? 234 TRP A NE1 1 
ATOM 1511 C CE2 . TRP A 1 212 ? 4.881   3.993   -9.506  1.00 60.41  ? 234 TRP A CE2 1 
ATOM 1512 C CE3 . TRP A 1 212 ? 2.800   3.704   -10.694 1.00 60.41  ? 234 TRP A CE3 1 
ATOM 1513 C CZ2 . TRP A 1 212 ? 4.465   5.211   -8.978  1.00 60.41  ? 234 TRP A CZ2 1 
ATOM 1514 C CZ3 . TRP A 1 212 ? 2.389   4.920   -10.166 1.00 60.41  ? 234 TRP A CZ3 1 
ATOM 1515 C CH2 . TRP A 1 212 ? 3.220   5.656   -9.317  1.00 60.41  ? 234 TRP A CH2 1 
ATOM 1516 N N   . VAL A 1 213 ? 4.142   -2.081  -12.247 1.00 73.57  ? 235 VAL A N   1 
ATOM 1517 C CA  . VAL A 1 213 ? 3.673   -3.144  -13.130 1.00 73.57  ? 235 VAL A CA  1 
ATOM 1518 C C   . VAL A 1 213 ? 2.934   -4.274  -12.416 1.00 73.57  ? 235 VAL A C   1 
ATOM 1519 O O   . VAL A 1 213 ? 1.791   -4.603  -12.758 1.00 73.57  ? 235 VAL A O   1 
ATOM 1520 C CB  . VAL A 1 213 ? 4.857   -3.739  -13.903 1.00 57.22  ? 235 VAL A CB  1 
ATOM 1521 C CG1 . VAL A 1 213 ? 5.522   -2.661  -14.735 1.00 57.22  ? 235 VAL A CG1 1 
ATOM 1522 C CG2 . VAL A 1 213 ? 5.864   -4.312  -12.935 1.00 57.22  ? 235 VAL A CG2 1 
ATOM 1523 N N   . GLY A 1 214 ? 3.593   -4.867  -11.426 1.00 28.72  ? 236 GLY A N   1 
ATOM 1524 C CA  . GLY A 1 214 ? 2.991   -5.958  -10.681 1.00 28.72  ? 236 GLY A CA  1 
ATOM 1525 C C   . GLY A 1 214 ? 1.721   -5.543  -9.972  1.00 28.72  ? 236 GLY A C   1 
ATOM 1526 O O   . GLY A 1 214 ? 0.625   -5.962  -10.351 1.00 28.72  ? 236 GLY A O   1 
ATOM 1527 N N   . PRO A 1 215 ? 1.843   -4.713  -8.931  1.00 46.75  ? 237 PRO A N   1 
ATOM 1528 C CA  . PRO A 1 215 ? 0.695   -4.239  -8.162  1.00 46.75  ? 237 PRO A CA  1 
ATOM 1529 C C   . PRO A 1 215 ? -0.448  -3.731  -9.020  1.00 46.75  ? 237 PRO A C   1 
ATOM 1530 O O   . PRO A 1 215 ? -1.618  -3.938  -8.691  1.00 46.75  ? 237 PRO A O   1 
ATOM 1531 C CB  . PRO A 1 215 ? 1.297   -3.155  -7.274  1.00 25.82  ? 237 PRO A CB  1 
ATOM 1532 C CG  . PRO A 1 215 ? 2.632   -3.735  -6.970  1.00 25.82  ? 237 PRO A CG  1 
ATOM 1533 C CD  . PRO A 1 215 ? 3.093   -4.210  -8.347  1.00 25.82  ? 237 PRO A CD  1 
ATOM 1534 N N   . ILE A 1 216 ? -0.137  -3.072  -10.124 1.00 51.64  ? 238 ILE A N   1 
ATOM 1535 C CA  . ILE A 1 216 ? -1.230  -2.594  -10.934 1.00 51.64  ? 238 ILE A CA  1 
ATOM 1536 C C   . ILE A 1 216 ? -1.911  -3.761  -11.611 1.00 51.64  ? 238 ILE A C   1 
ATOM 1537 O O   . ILE A 1 216 ? -3.140  -3.858  -11.608 1.00 51.64  ? 238 ILE A O   1 
ATOM 1538 C CB  . ILE A 1 216 ? -0.757  -1.544  -11.935 1.00 48.57  ? 238 ILE A CB  1 
ATOM 1539 C CG1 . ILE A 1 216 ? -0.449  -0.255  -11.160 1.00 48.57  ? 238 ILE A CG1 1 
ATOM 1540 C CG2 . ILE A 1 216 ? -1.840  -1.299  -12.982 1.00 48.57  ? 238 ILE A CG2 1 
ATOM 1541 C CD1 . ILE A 1 216 ? 0.305   0.792   -11.921 1.00 48.57  ? 238 ILE A CD1 1 
ATOM 1542 N N   . ILE A 1 217 ? -1.121  -4.667  -12.170 1.00 25.84  ? 239 ILE A N   1 
ATOM 1543 C CA  . ILE A 1 217 ? -1.731  -5.811  -12.809 1.00 25.84  ? 239 ILE A CA  1 
ATOM 1544 C C   . ILE A 1 217 ? -2.410  -6.661  -11.751 1.00 25.84  ? 239 ILE A C   1 
ATOM 1545 O O   . ILE A 1 217 ? -3.532  -7.112  -11.947 1.00 25.84  ? 239 ILE A O   1 
ATOM 1546 C CB  . ILE A 1 217 ? -0.726  -6.680  -13.536 1.00 29.87  ? 239 ILE A CB  1 
ATOM 1547 C CG1 . ILE A 1 217 ? -0.203  -5.936  -14.759 1.00 29.87  ? 239 ILE A CG1 1 
ATOM 1548 C CG2 . ILE A 1 217 ? -1.388  -7.982  -13.916 1.00 29.87  ? 239 ILE A CG2 1 
ATOM 1549 C CD1 . ILE A 1 217 ? 0.406   -6.833  -15.839 1.00 29.87  ? 239 ILE A CD1 1 
ATOM 1550 N N   . GLY A 1 218 ? -1.729  -6.887  -10.634 1.00 45.93  ? 240 GLY A N   1 
ATOM 1551 C CA  . GLY A 1 218 ? -2.328  -7.689  -9.587  1.00 45.93  ? 240 GLY A CA  1 
ATOM 1552 C C   . GLY A 1 218 ? -3.588  -6.991  -9.125  1.00 45.93  ? 240 GLY A C   1 
ATOM 1553 O O   . GLY A 1 218 ? -4.516  -7.618  -8.609  1.00 45.93  ? 240 GLY A O   1 
ATOM 1554 N N   . ALA A 1 219 ? -3.616  -5.677  -9.336  1.00 36.97  ? 241 ALA A N   1 
ATOM 1555 C CA  . ALA A 1 219 ? -4.746  -4.851  -8.946  1.00 36.97  ? 241 ALA A CA  1 
ATOM 1556 C C   . ALA A 1 219 ? -5.912  -5.062  -9.886  1.00 36.97  ? 241 ALA A C   1 
ATOM 1557 O O   . ALA A 1 219 ? -7.044  -5.262  -9.451  1.00 36.97  ? 241 ALA A O   1 
ATOM 1558 C CB  . ALA A 1 219 ? -4.344  -3.382  -8.953  1.00 72.80  ? 241 ALA A CB  1 
ATOM 1559 N N   . VAL A 1 220 ? -5.632  -5.009  -11.181 1.00 58.65  ? 242 VAL A N   1 
ATOM 1560 C CA  . VAL A 1 220 ? -6.672  -5.179  -12.182 1.00 58.65  ? 242 VAL A CA  1 
ATOM 1561 C C   . VAL A 1 220 ? -7.346  -6.548  -12.166 1.00 58.65  ? 242 VAL A C   1 
ATOM 1562 O O   . VAL A 1 220 ? -8.569  -6.621  -12.105 1.00 58.65  ? 242 VAL A O   1 
ATOM 1563 C CB  . VAL A 1 220 ? -6.131  -4.890  -13.582 1.00 65.86  ? 242 VAL A CB  1 
ATOM 1564 C CG1 . VAL A 1 220 ? -5.651  -3.454  -13.654 1.00 65.86  ? 242 VAL A CG1 1 
ATOM 1565 C CG2 . VAL A 1 220 ? -4.992  -5.818  -13.895 1.00 65.86  ? 242 VAL A CG2 1 
ATOM 1566 N N   . LEU A 1 221 ? -6.577  -7.634  -12.184 1.00 54.45  ? 243 LEU A N   1 
ATOM 1567 C CA  . LEU A 1 221 ? -7.201  -8.962  -12.194 1.00 54.45  ? 243 LEU A CA  1 
ATOM 1568 C C   . LEU A 1 221 ? -8.124  -9.281  -11.023 1.00 54.45  ? 243 LEU A C   1 
ATOM 1569 O O   . LEU A 1 221 ? -9.194  -9.856  -11.218 1.00 54.45  ? 243 LEU A O   1 
ATOM 1570 C CB  . LEU A 1 221 ? -6.146  -10.072 -12.324 1.00 53.19  ? 243 LEU A CB  1 
ATOM 1571 C CG  . LEU A 1 221 ? -5.393  -10.126 -13.666 1.00 53.19  ? 243 LEU A CG  1 
ATOM 1572 C CD1 . LEU A 1 221 ? -6.385  -10.161 -14.826 1.00 53.19  ? 243 LEU A CD1 1 
ATOM 1573 C CD2 . LEU A 1 221 ? -4.489  -8.916  -13.787 1.00 53.19  ? 243 LEU A CD2 1 
ATOM 1574 N N   . ALA A 1 222 ? -7.727  -8.917  -9.810  1.00 37.13  ? 244 ALA A N   1 
ATOM 1575 C CA  . ALA A 1 222 ? -8.570  -9.197  -8.655  1.00 37.13  ? 244 ALA A CA  1 
ATOM 1576 C C   . ALA A 1 222 ? -9.867  -8.406  -8.749  1.00 37.13  ? 244 ALA A C   1 
ATOM 1577 O O   . ALA A 1 222 ? -10.960 -8.934  -8.512  1.00 37.13  ? 244 ALA A O   1 
ATOM 1578 C CB  . ALA A 1 222 ? -7.839  -8.842  -7.377  1.00 38.15  ? 244 ALA A CB  1 
ATOM 1579 N N   . GLY A 1 223 ? -9.728  -7.130  -9.085  1.00 34.50  ? 245 GLY A N   1 
ATOM 1580 C CA  . GLY A 1 223 ? -10.893 -6.285  -9.206  1.00 34.50  ? 245 GLY A CA  1 
ATOM 1581 C C   . GLY A 1 223 ? -11.773 -6.816  -10.307 1.00 34.50  ? 245 GLY A C   1 
ATOM 1582 O O   . GLY A 1 223 ? -12.987 -6.747  -10.210 1.00 34.50  ? 245 GLY A O   1 
ATOM 1583 N N   . ALA A 1 224 ? -11.154 -7.369  -11.342 1.00 42.79  ? 246 ALA A N   1 
ATOM 1584 C CA  . ALA A 1 224 ? -11.890 -7.906  -12.479 1.00 42.79  ? 246 ALA A CA  1 
ATOM 1585 C C   . ALA A 1 224 ? -12.618 -9.194  -12.124 1.00 42.79  ? 246 ALA A C   1 
ATOM 1586 O O   . ALA A 1 224 ? -13.840 -9.274  -12.195 1.00 42.79  ? 246 ALA A O   1 
ATOM 1587 C CB  . ALA A 1 224 ? -10.926 -8.152  -13.655 1.00 34.92  ? 246 ALA A CB  1 
ATOM 1588 N N   . LEU A 1 225 ? -11.854 -10.207 -11.752 1.00 31.82  ? 247 LEU A N   1 
ATOM 1589 C CA  . LEU A 1 225 ? -12.432 -11.489 -11.417 1.00 31.82  ? 247 LEU A CA  1 
ATOM 1590 C C   . LEU A 1 225 ? -13.633 -11.336 -10.522 1.00 31.82  ? 247 LEU A C   1 
ATOM 1591 O O   . LEU A 1 225 ? -14.616 -12.042 -10.697 1.00 31.82  ? 247 LEU A O   1 
ATOM 1592 C CB  . LEU A 1 225 ? -11.378 -12.394 -10.787 1.00 31.42  ? 247 LEU A CB  1 
ATOM 1593 C CG  . LEU A 1 225 ? -10.535 -13.041 -11.904 1.00 31.42  ? 247 LEU A CG  1 
ATOM 1594 C CD1 . LEU A 1 225 ? -10.011 -11.983 -12.848 1.00 31.42  ? 247 LEU A CD1 1 
ATOM 1595 C CD2 . LEU A 1 225 ? -9.372  -13.817 -11.315 1.00 31.42  ? 247 LEU A CD2 1 
ATOM 1596 N N   . TYR A 1 226 ? -13.597 -10.386 -9.604  1.00 57.89  ? 248 TYR A N   1 
ATOM 1597 C CA  . TYR A 1 226 ? -14.743 -10.204 -8.729  1.00 57.89  ? 248 TYR A CA  1 
ATOM 1598 C C   . TYR A 1 226 ? -15.953 -9.713  -9.513  1.00 57.89  ? 248 TYR A C   1 
ATOM 1599 O O   . TYR A 1 226 ? -17.065 -10.235 -9.377  1.00 57.89  ? 248 TYR A O   1 
ATOM 1600 C CB  . TYR A 1 226 ? -14.415 -9.191  -7.640  1.00 45.50  ? 248 TYR A CB  1 
ATOM 1601 C CG  . TYR A 1 226 ? -15.431 -9.139  -6.528  1.00 45.50  ? 248 TYR A CG  1 
ATOM 1602 C CD1 . TYR A 1 226 ? -15.831 -10.309 -5.869  1.00 45.50  ? 248 TYR A CD1 1 
ATOM 1603 C CD2 . TYR A 1 226 ? -15.927 -7.915  -6.062  1.00 45.50  ? 248 TYR A CD2 1 
ATOM 1604 C CE1 . TYR A 1 226 ? -16.700 -10.267 -4.746  1.00 45.50  ? 248 TYR A CE1 1 
ATOM 1605 C CE2 . TYR A 1 226 ? -16.804 -7.853  -4.938  1.00 45.50  ? 248 TYR A CE2 1 
ATOM 1606 C CZ  . TYR A 1 226 ? -17.177 -9.034  -4.287  1.00 45.50  ? 248 TYR A CZ  1 
ATOM 1607 O OH  . TYR A 1 226 ? -17.985 -8.984  -3.176  1.00 45.50  ? 248 TYR A OH  1 
ATOM 1608 N N   . GLU A 1 227 ? -15.711 -8.690  -10.323 1.00 61.44  ? 249 GLU A N   1 
ATOM 1609 C CA  . GLU A 1 227 ? -16.736 -8.062  -11.136 1.00 61.44  ? 249 GLU A CA  1 
ATOM 1610 C C   . GLU A 1 227 ? -17.275 -9.016  -12.186 1.00 61.44  ? 249 GLU A C   1 
ATOM 1611 O O   . GLU A 1 227 ? -18.473 -9.289  -12.237 1.00 61.44  ? 249 GLU A O   1 
ATOM 1612 C CB  . GLU A 1 227 ? -16.154 -6.823  -11.817 1.00 95.35  ? 249 GLU A CB  1 
ATOM 1613 C CG  . GLU A 1 227 ? -15.396 -5.888  -10.871 1.00 95.35  ? 249 GLU A CG  1 
ATOM 1614 C CD  . GLU A 1 227 ? -16.236 -5.404  -9.702  1.00 95.35  ? 249 GLU A CD  1 
ATOM 1615 O OE1 . GLU A 1 227 ? -15.709 -4.634  -8.872  1.00 95.35  ? 249 GLU A OE1 1 
ATOM 1616 O OE2 . GLU A 1 227 ? -17.421 -5.788  -9.610  1.00 95.35  ? 249 GLU A OE2 1 
ATOM 1617 N N   . TYR A 1 228 ? -16.379 -9.513  -13.032 1.00 91.32  ? 250 TYR A N   1 
ATOM 1618 C CA  . TYR A 1 228 ? -16.749 -10.435 -14.097 1.00 91.32  ? 250 TYR A CA  1 
ATOM 1619 C C   . TYR A 1 228 ? -17.080 -11.813 -13.510 1.00 91.32  ? 250 TYR A C   1 
ATOM 1620 O O   . TYR A 1 228 ? -18.061 -11.977 -12.777 1.00 91.32  ? 250 TYR A O   1 
ATOM 1621 C CB  . TYR A 1 228 ? -15.596 -10.583 -15.104 1.00 78.69  ? 250 TYR A CB  1 
ATOM 1622 C CG  . TYR A 1 228 ? -15.232 -9.341  -15.921 1.00 78.69  ? 250 TYR A CG  1 
ATOM 1623 C CD1 . TYR A 1 228 ? -15.117 -8.080  -15.324 1.00 78.69  ? 250 TYR A CD1 1 
ATOM 1624 C CD2 . TYR A 1 228 ? -14.930 -9.449  -17.287 1.00 78.69  ? 250 TYR A CD2 1 
ATOM 1625 C CE1 . TYR A 1 228 ? -14.709 -6.968  -16.063 1.00 78.69  ? 250 TYR A CE1 1 
ATOM 1626 C CE2 . TYR A 1 228 ? -14.518 -8.341  -18.035 1.00 78.69  ? 250 TYR A CE2 1 
ATOM 1627 C CZ  . TYR A 1 228 ? -14.407 -7.105  -17.417 1.00 78.69  ? 250 TYR A CZ  1 
ATOM 1628 O OH  . TYR A 1 228 ? -13.967 -6.019  -18.146 1.00 78.69  ? 250 TYR A OH  1 
ATOM 1629 N N   . VAL A 1 229 ? -16.226 -12.782 -13.832 1.00 80.48  ? 251 VAL A N   1 
ATOM 1630 C CA  . VAL A 1 229 ? -16.360 -14.180 -13.421 1.00 80.48  ? 251 VAL A CA  1 
ATOM 1631 C C   . VAL A 1 229 ? -16.911 -14.533 -12.024 1.00 80.48  ? 251 VAL A C   1 
ATOM 1632 O O   . VAL A 1 229 ? -17.389 -15.650 -11.828 1.00 80.48  ? 251 VAL A O   1 
ATOM 1633 C CB  . VAL A 1 229 ? -14.994 -14.940 -13.652 1.00 55.25  ? 251 VAL A CB  1 
ATOM 1634 C CG1 . VAL A 1 229 ? -15.004 -16.303 -12.966 1.00 55.25  ? 251 VAL A CG1 1 
ATOM 1635 C CG2 . VAL A 1 229 ? -14.756 -15.168 -15.157 1.00 55.25  ? 251 VAL A CG2 1 
ATOM 1636 N N   . PHE A 1 230 ? -16.888 -13.619 -11.058 1.00 48.81  ? 252 PHE A N   1 
ATOM 1637 C CA  . PHE A 1 230 ? -17.389 -13.988 -9.723  1.00 48.81  ? 252 PHE A CA  1 
ATOM 1638 C C   . PHE A 1 230 ? -18.705 -13.405 -9.270  1.00 48.81  ? 252 PHE A C   1 
ATOM 1639 O O   . PHE A 1 230 ? -19.451 -14.055 -8.536  1.00 48.81  ? 252 PHE A O   1 
ATOM 1640 C CB  . PHE A 1 230 ? -16.338 -13.681 -8.661  1.00 101.09 ? 252 PHE A CB  1 
ATOM 1641 C CG  . PHE A 1 230 ? -15.216 -14.662 -8.639  1.00 101.09 ? 252 PHE A CG  1 
ATOM 1642 C CD1 . PHE A 1 230 ? -14.002 -14.333 -8.054  1.00 101.09 ? 252 PHE A CD1 1 
ATOM 1643 C CD2 . PHE A 1 230 ? -15.368 -15.920 -9.220  1.00 101.09 ? 252 PHE A CD2 1 
ATOM 1644 C CE1 . PHE A 1 230 ? -12.947 -15.246 -8.048  1.00 101.09 ? 252 PHE A CE1 1 
ATOM 1645 C CE2 . PHE A 1 230 ? -14.322 -16.842 -9.222  1.00 101.09 ? 252 PHE A CE2 1 
ATOM 1646 C CZ  . PHE A 1 230 ? -13.108 -16.504 -8.636  1.00 101.09 ? 252 PHE A CZ  1 
ATOM 1647 N N   . CYS A 1 231 ? -18.989 -12.177 -9.686  1.00 45.76  ? 253 CYS A N   1 
ATOM 1648 C CA  . CYS A 1 231 ? -20.237 -11.550 -9.287  1.00 45.76  ? 253 CYS A CA  1 
ATOM 1649 C C   . CYS A 1 231 ? -20.779 -10.582 -10.332 1.00 45.76  ? 253 CYS A C   1 
ATOM 1650 O O   . CYS A 1 231 ? -20.389 -9.413  -10.369 1.00 45.76  ? 253 CYS A O   1 
ATOM 1651 C CB  . CYS A 1 231 ? -20.059 -10.849 -7.935  1.00 37.09  ? 253 CYS A CB  1 
ATOM 1652 S SG  . CYS A 1 231 ? -19.865 -12.017 -6.528  1.00 37.09  ? 253 CYS A SG  1 
ATOM 1653 N N   . PRO A 1 232 ? -21.681 -11.073 -11.205 1.00 71.44  ? 254 PRO A N   1 
ATOM 1654 C CA  . PRO A 1 232 ? -22.331 -10.313 -12.285 1.00 71.44  ? 254 PRO A CA  1 
ATOM 1655 C C   . PRO A 1 232 ? -23.270 -9.205  -11.764 1.00 71.44  ? 254 PRO A C   1 
ATOM 1656 O O   . PRO A 1 232 ? -23.286 -8.097  -12.352 1.00 71.44  ? 254 PRO A O   1 
ATOM 1657 C CB  . PRO A 1 232 ? -23.080 -11.399 -13.069 1.00 45.31  ? 254 PRO A CB  1 
ATOM 1658 C CG  . PRO A 1 232 ? -22.242 -12.638 -12.826 1.00 45.31  ? 254 PRO A CG  1 
ATOM 1659 C CD  . PRO A 1 232 ? -21.963 -12.515 -11.348 1.00 45.31  ? 254 PRO A CD  1 
# 
loop_
_pdbx_poly_seq_scheme.asym_id 
_pdbx_poly_seq_scheme.entity_id 
_pdbx_poly_seq_scheme.seq_id 
_pdbx_poly_seq_scheme.mon_id 
_pdbx_poly_seq_scheme.ndb_seq_num 
_pdbx_poly_seq_scheme.pdb_seq_num 
_pdbx_poly_seq_scheme.auth_seq_num 
_pdbx_poly_seq_scheme.pdb_mon_id 
_pdbx_poly_seq_scheme.auth_mon_id 
_pdbx_poly_seq_scheme.pdb_strand_id 
_pdbx_poly_seq_scheme.pdb_ins_code 
_pdbx_poly_seq_scheme.hetero 
A 1 1   MET 1   23  ?   ?   ?   A . n 
A 1 2   VAL 2   24  ?   ?   ?   A . n 
A 1 3   ALA 3   25  ?   ?   ?   A . n 
A 1 4   PHE 4   26  ?   ?   ?   A . n 
A 1 5   LYS 5   27  ?   ?   ?   A . n 
A 1 6   GLY 6   28  ?   ?   ?   A . n 
A 1 7   VAL 7   29  ?   ?   ?   A . n 
A 1 8   TRP 8   30  ?   ?   ?   A . n 
A 1 9   THR 9   31  31  THR THR A . n 
A 1 10  GLN 10  32  32  GLN GLN A . n 
A 1 11  ALA 11  33  33  ALA ALA A . n 
A 1 12  PHE 12  34  34  PHE PHE A . n 
A 1 13  TRP 13  35  35  TRP TRP A . n 
A 1 14  LYS 14  36  36  LYS LYS A . n 
A 1 15  ALA 15  37  37  ALA ALA A . n 
A 1 16  VAL 16  38  38  VAL VAL A . n 
A 1 17  THR 17  39  39  THR THR A . n 
A 1 18  ALA 18  40  40  ALA ALA A . n 
A 1 19  GLU 19  41  41  GLU GLU A . n 
A 1 20  PHE 20  42  42  PHE PHE A . n 
A 1 21  LEU 21  43  43  LEU LEU A . n 
A 1 22  ALA 22  44  44  ALA ALA A . n 
A 1 23  MET 23  45  45  MET MET A . n 
A 1 24  LEU 24  46  46  LEU LEU A . n 
A 1 25  ILE 25  47  47  ILE ILE A . n 
A 1 26  PHE 26  48  48  PHE PHE A . n 
A 1 27  VAL 27  49  49  VAL VAL A . n 
A 1 28  LEU 28  50  50  LEU LEU A . n 
A 1 29  LEU 29  51  51  LEU LEU A . n 
A 1 30  SER 30  52  52  SER SER A . n 
A 1 31  VAL 31  53  53  VAL VAL A . n 
A 1 32  GLY 32  54  54  GLY GLY A . n 
A 1 33  SER 33  55  55  SER SER A . n 
A 1 34  THR 34  56  56  THR THR A . n 
A 1 35  ILE 35  57  57  ILE ILE A . n 
A 1 36  ASN 36  58  58  ASN ASN A . n 
A 1 37  TRP 37  59  59  TRP TRP A . n 
A 1 38  GLY 38  60  60  GLY GLY A . n 
A 1 39  GLY 39  61  61  GLY GLY A . n 
A 1 40  SER 40  62  62  SER SER A . n 
A 1 41  GLU 41  63  63  GLU GLU A . n 
A 1 42  ASN 42  64  64  ASN ASN A . n 
A 1 43  PRO 43  65  65  PRO PRO A . n 
A 1 44  LEU 44  66  66  LEU LEU A . n 
A 1 45  PRO 45  67  67  PRO PRO A . n 
A 1 46  VAL 46  68  68  VAL VAL A . n 
A 1 47  ASP 47  69  69  ASP ASP A . n 
A 1 48  MET 48  70  70  MET MET A . n 
A 1 49  VAL 49  71  71  VAL VAL A . n 
A 1 50  LEU 50  72  72  LEU LEU A . n 
A 1 51  ILE 51  73  73  ILE ILE A . n 
A 1 52  SER 52  74  74  SER SER A . n 
A 1 53  LEU 53  75  75  LEU LEU A . n 
A 1 54  CYS 54  76  76  CYS CYS A . n 
A 1 55  PHE 55  77  77  PHE PHE A . n 
A 1 56  GLY 56  78  78  GLY GLY A . n 
A 1 57  LEU 57  79  79  LEU LEU A . n 
A 1 58  SER 58  80  80  SER SER A . n 
A 1 59  ILE 59  81  81  ILE ILE A . n 
A 1 60  ALA 60  82  82  ALA ALA A . n 
A 1 61  THR 61  83  83  THR THR A . n 
A 1 62  MET 62  84  84  MET MET A . n 
A 1 63  VAL 63  85  85  VAL VAL A . n 
A 1 64  GLN 64  86  86  GLN GLN A . n 
A 1 65  CYS 65  87  87  CYS CYS A . n 
A 1 66  PHE 66  88  88  PHE PHE A . n 
A 1 67  GLY 67  89  89  GLY GLY A . n 
A 1 68  HIS 68  90  90  HIS HIS A . n 
A 1 69  ILE 69  91  91  ILE ILE A . n 
A 1 70  SER 70  92  92  SER SER A . n 
A 1 71  GLY 71  93  93  GLY GLY A . n 
A 1 72  GLY 72  94  94  GLY GLY A . n 
A 1 73  HIS 73  95  95  HIS HIS A . n 
A 1 74  ILE 74  96  96  ILE ILE A . n 
A 1 75  ASN 75  97  97  ASN ASN A . n 
A 1 76  PRO 76  98  98  PRO PRO A . n 
A 1 77  ALA 77  99  99  ALA ALA A . n 
A 1 78  VAL 78  100 100 VAL VAL A . n 
A 1 79  THR 79  101 101 THR THR A . n 
A 1 80  VAL 80  102 102 VAL VAL A . n 
A 1 81  ALA 81  103 103 ALA ALA A . n 
A 1 82  MET 82  104 104 MET MET A . n 
A 1 83  VAL 83  105 105 VAL VAL A . n 
A 1 84  CYS 84  106 106 CYS CYS A . n 
A 1 85  THR 85  107 107 THR THR A . n 
A 1 86  ARG 86  108 108 ARG ARG A . n 
A 1 87  LYS 87  109 109 LYS LYS A . n 
A 1 88  ILE 88  110 110 ILE ILE A . n 
A 1 89  SER 89  111 111 SER SER A . n 
A 1 90  ILE 90  112 112 ILE ILE A . n 
A 1 91  ALA 91  113 113 ALA ALA A . n 
A 1 92  LYS 92  114 114 LYS LYS A . n 
A 1 93  SER 93  115 115 SER SER A . n 
A 1 94  VAL 94  116 116 VAL VAL A . n 
A 1 95  PHE 95  117 117 PHE PHE A . n 
A 1 96  TYR 96  118 118 TYR TYR A . n 
A 1 97  ILE 97  119 119 ILE ILE A . n 
A 1 98  THR 98  120 120 THR THR A . n 
A 1 99  ALA 99  121 121 ALA ALA A . n 
A 1 100 GLN 100 122 122 GLN GLN A . n 
A 1 101 CYS 101 123 123 CYS CYS A . n 
A 1 102 LEU 102 124 124 LEU LEU A . n 
A 1 103 GLY 103 125 125 GLY GLY A . n 
A 1 104 ALA 104 126 126 ALA ALA A . n 
A 1 105 ILE 105 127 127 ILE ILE A . n 
A 1 106 ILE 106 128 128 ILE ILE A . n 
A 1 107 GLY 107 129 129 GLY GLY A . n 
A 1 108 ALA 108 130 130 ALA ALA A . n 
A 1 109 GLY 109 131 131 GLY GLY A . n 
A 1 110 ILE 110 132 132 ILE ILE A . n 
A 1 111 LEU 111 133 133 LEU LEU A . n 
A 1 112 TYR 112 134 134 TYR TYR A . n 
A 1 113 LEU 113 135 135 LEU LEU A . n 
A 1 114 VAL 114 136 136 VAL VAL A . n 
A 1 115 THR 115 137 137 THR THR A . n 
A 1 116 PRO 116 138 138 PRO PRO A . n 
A 1 117 PRO 117 139 139 PRO PRO A . n 
A 1 118 SER 118 140 140 SER SER A . n 
A 1 119 VAL 119 141 141 VAL VAL A . n 
A 1 120 VAL 120 142 142 VAL VAL A . n 
A 1 121 GLY 121 143 143 GLY GLY A . n 
A 1 122 GLY 122 144 144 GLY GLY A . n 
A 1 123 LEU 123 145 145 LEU LEU A . n 
A 1 124 GLY 124 146 146 GLY GLY A . n 
A 1 125 VAL 125 147 147 VAL VAL A . n 
A 1 126 THR 126 148 148 THR THR A . n 
A 1 127 THR 127 149 149 THR THR A . n 
A 1 128 VAL 128 150 150 VAL VAL A . n 
A 1 129 HIS 129 151 151 HIS HIS A . n 
A 1 130 GLY 130 152 152 GLY GLY A . n 
A 1 131 ASN 131 153 153 ASN ASN A . n 
A 1 132 LEU 132 154 154 LEU LEU A . n 
A 1 133 THR 133 155 155 THR THR A . n 
A 1 134 ALA 134 156 156 ALA ALA A . n 
A 1 135 GLY 135 157 157 GLY GLY A . n 
A 1 136 HIS 136 158 158 HIS HIS A . n 
A 1 137 GLY 137 159 159 GLY GLY A . n 
A 1 138 LEU 138 160 160 LEU LEU A . n 
A 1 139 LEU 139 161 161 LEU LEU A . n 
A 1 140 VAL 140 162 162 VAL VAL A . n 
A 1 141 GLU 141 163 163 GLU GLU A . n 
A 1 142 LEU 142 164 164 LEU LEU A . n 
A 1 143 ILE 143 165 165 ILE ILE A . n 
A 1 144 ILE 144 166 166 ILE ILE A . n 
A 1 145 THR 145 167 167 THR THR A . n 
A 1 146 PHE 146 168 168 PHE PHE A . n 
A 1 147 GLN 147 169 169 GLN GLN A . n 
A 1 148 LEU 148 170 170 LEU LEU A . n 
A 1 149 VAL 149 171 171 VAL VAL A . n 
A 1 150 PHE 150 172 172 PHE PHE A . n 
A 1 151 THR 151 173 173 THR THR A . n 
A 1 152 ILE 152 174 174 ILE ILE A . n 
A 1 153 PHE 153 175 175 PHE PHE A . n 
A 1 154 ALA 154 176 176 ALA ALA A . n 
A 1 155 SER 155 177 177 SER SER A . n 
A 1 156 CYS 156 178 178 CYS CYS A . n 
A 1 157 ASP 157 179 179 ASP ASP A . n 
A 1 158 SER 158 180 180 SER SER A . n 
A 1 159 LYS 159 181 181 LYS LYS A . n 
A 1 160 ARG 160 182 182 ARG ARG A . n 
A 1 161 THR 161 183 183 THR THR A . n 
A 1 162 ASP 162 184 184 ASP ASP A . n 
A 1 163 VAL 163 185 185 VAL VAL A . n 
A 1 164 THR 164 186 186 THR THR A . n 
A 1 165 GLY 165 187 187 GLY GLY A . n 
A 1 166 SER 166 188 188 SER SER A . n 
A 1 167 VAL 167 189 189 VAL VAL A . n 
A 1 168 ALA 168 190 190 ALA ALA A . n 
A 1 169 LEU 169 191 191 LEU LEU A . n 
A 1 170 ALA 170 192 192 ALA ALA A . n 
A 1 171 ILE 171 193 193 ILE ILE A . n 
A 1 172 GLY 172 194 194 GLY GLY A . n 
A 1 173 PHE 173 195 195 PHE PHE A . n 
A 1 174 SER 174 196 196 SER SER A . n 
A 1 175 VAL 175 197 197 VAL VAL A . n 
A 1 176 ALA 176 198 198 ALA ALA A . n 
A 1 177 ILE 177 199 199 ILE ILE A . n 
A 1 178 GLY 178 200 200 GLY GLY A . n 
A 1 179 HIS 179 201 201 HIS HIS A . n 
A 1 180 LEU 180 202 202 LEU LEU A . n 
A 1 181 PHE 181 203 203 PHE PHE A . n 
A 1 182 ALA 182 204 204 ALA ALA A . n 
A 1 183 ILE 183 205 205 ILE ILE A . n 
A 1 184 ASN 184 206 206 ASN ASN A . n 
A 1 185 TYR 185 207 207 TYR TYR A . n 
A 1 186 THR 186 208 208 THR THR A . n 
A 1 187 GLY 187 209 209 GLY GLY A . n 
A 1 188 ALA 188 210 210 ALA ALA A . n 
A 1 189 SER 189 211 211 SER SER A . n 
A 1 190 MET 190 212 212 MET MET A . n 
A 1 191 ASN 191 213 213 ASN ASN A . n 
A 1 192 PRO 192 214 214 PRO PRO A . n 
A 1 193 ALA 193 215 215 ALA ALA A . n 
A 1 194 ARG 194 216 216 ARG ARG A . n 
A 1 195 SER 195 217 217 SER SER A . n 
A 1 196 PHE 196 218 218 PHE PHE A . n 
A 1 197 GLY 197 219 219 GLY GLY A . n 
A 1 198 PRO 198 220 220 PRO PRO A . n 
A 1 199 ALA 199 221 221 ALA ALA A . n 
A 1 200 VAL 200 222 222 VAL VAL A . n 
A 1 201 ILE 201 223 223 ILE ILE A . n 
A 1 202 MET 202 224 224 MET MET A . n 
A 1 203 GLY 203 225 225 GLY GLY A . n 
A 1 204 ASN 204 226 226 ASN ASN A . n 
A 1 205 TRP 205 227 227 TRP TRP A . n 
A 1 206 GLU 206 228 228 GLU GLU A . n 
A 1 207 ASN 207 229 229 ASN ASN A . n 
A 1 208 HIS 208 230 230 HIS HIS A . n 
A 1 209 TRP 209 231 231 TRP TRP A . n 
A 1 210 ILE 210 232 232 ILE ILE A . n 
A 1 211 TYR 211 233 233 TYR TYR A . n 
A 1 212 TRP 212 234 234 TRP TRP A . n 
A 1 213 VAL 213 235 235 VAL VAL A . n 
A 1 214 GLY 214 236 236 GLY GLY A . n 
A 1 215 PRO 215 237 237 PRO PRO A . n 
A 1 216 ILE 216 238 238 ILE ILE A . n 
A 1 217 ILE 217 239 239 ILE ILE A . n 
A 1 218 GLY 218 240 240 GLY GLY A . n 
A 1 219 ALA 219 241 241 ALA ALA A . n 
A 1 220 VAL 220 242 242 VAL VAL A . n 
A 1 221 LEU 221 243 243 LEU LEU A . n 
A 1 222 ALA 222 244 244 ALA ALA A . n 
A 1 223 GLY 223 245 245 GLY GLY A . n 
A 1 224 ALA 224 246 246 ALA ALA A . n 
A 1 225 LEU 225 247 247 LEU LEU A . n 
A 1 226 TYR 226 248 248 TYR TYR A . n 
A 1 227 GLU 227 249 249 GLU GLU A . n 
A 1 228 TYR 228 250 250 TYR TYR A . n 
A 1 229 VAL 229 251 251 VAL VAL A . n 
A 1 230 PHE 230 252 252 PHE PHE A . n 
A 1 231 CYS 231 253 253 CYS CYS A . n 
A 1 232 PRO 232 254 254 PRO PRO A . n 
A 1 233 ASP 233 255 ?   ?   ?   A . n 
A 1 234 VAL 234 256 ?   ?   ?   A . n 
A 1 235 GLU 235 257 ?   ?   ?   A . n 
A 1 236 LEU 236 258 ?   ?   ?   A . n 
A 1 237 LYS 237 259 ?   ?   ?   A . n 
A 1 238 ARG 238 260 ?   ?   ?   A . n 
A 1 239 ARG 239 261 ?   ?   ?   A . n 
A 1 240 LEU 240 262 ?   ?   ?   A . n 
A 1 241 LYS 241 263 ?   ?   ?   A . n 
A 1 242 GLU 242 264 ?   ?   ?   A . n 
A 1 243 ALA 243 265 ?   ?   ?   A . n 
A 1 244 PHE 244 266 ?   ?   ?   A . n 
A 1 245 SER 245 267 ?   ?   ?   A . n 
A 1 246 LYS 246 268 ?   ?   ?   A . n 
A 1 247 ALA 247 269 ?   ?   ?   A . n 
A 1 248 ALA 248 270 ?   ?   ?   A . n 
A 1 249 GLN 249 271 ?   ?   ?   A . n 
A 1 250 GLN 250 272 ?   ?   ?   A . n 
A 1 251 THR 251 273 ?   ?   ?   A . n 
A 1 252 LYS 252 274 ?   ?   ?   A . n 
A 1 253 GLY 253 275 ?   ?   ?   A . n 
A 1 254 SER 254 276 ?   ?   ?   A . n 
A 1 255 TYR 255 277 ?   ?   ?   A . n 
A 1 256 MET 256 278 ?   ?   ?   A . n 
A 1 257 GLU 257 279 ?   ?   ?   A . n 
A 1 258 VAL 258 280 ?   ?   ?   A . n 
A 1 259 GLU 259 281 ?   ?   ?   A . n 
A 1 260 ASP 260 282 ?   ?   ?   A . n 
A 1 261 ASN 261 283 ?   ?   ?   A . n 
A 1 262 ARG 262 284 ?   ?   ?   A . n 
A 1 263 SER 263 285 ?   ?   ?   A . n 
A 1 264 GLN 264 286 ?   ?   ?   A . n 
A 1 265 VAL 265 287 ?   ?   ?   A . n 
A 1 266 GLU 266 288 ?   ?   ?   A . n 
A 1 267 THR 267 289 ?   ?   ?   A . n 
A 1 268 GLU 268 290 ?   ?   ?   A . n 
A 1 269 ASP 269 291 ?   ?   ?   A . n 
A 1 270 LEU 270 292 ?   ?   ?   A . n 
A 1 271 ILE 271 293 ?   ?   ?   A . n 
A 1 272 LEU 272 294 ?   ?   ?   A . n 
A 1 273 LYS 273 295 ?   ?   ?   A . n 
A 1 274 PRO 274 296 ?   ?   ?   A . n 
A 1 275 GLY 275 297 ?   ?   ?   A . n 
A 1 276 VAL 276 298 ?   ?   ?   A . n 
A 1 277 VAL 277 299 ?   ?   ?   A . n 
A 1 278 HIS 278 300 ?   ?   ?   A . n 
A 1 279 VAL 279 301 ?   ?   ?   A . n 
A 1 280 ILE 280 302 ?   ?   ?   A . n 
A 1 281 ASP 281 303 ?   ?   ?   A . n 
A 1 282 ILE 282 304 ?   ?   ?   A . n 
A 1 283 ASP 283 305 ?   ?   ?   A . n 
A 1 284 ARG 284 306 ?   ?   ?   A . n 
A 1 285 GLY 285 307 ?   ?   ?   A . n 
A 1 286 ASP 286 308 ?   ?   ?   A . n 
A 1 287 GLU 287 309 ?   ?   ?   A . n 
A 1 288 LYS 288 310 ?   ?   ?   A . n 
A 1 289 LYS 289 311 ?   ?   ?   A . n 
A 1 290 GLY 290 312 ?   ?   ?   A . n 
A 1 291 LYS 291 313 ?   ?   ?   A . n 
A 1 292 ASP 292 314 ?   ?   ?   A . n 
A 1 293 SER 293 315 ?   ?   ?   A . n 
A 1 294 SER 294 316 ?   ?   ?   A . n 
A 1 295 GLY 295 317 ?   ?   ?   A . n 
A 1 296 GLU 296 318 ?   ?   ?   A . n 
A 1 297 VAL 297 319 ?   ?   ?   A . n 
A 1 298 LEU 298 320 ?   ?   ?   A . n 
A 1 299 SER 299 321 ?   ?   ?   A . n 
A 1 300 SER 300 322 ?   ?   ?   A . n 
A 1 301 VAL 301 323 ?   ?   ?   A . n 
# 
_pdbx_struct_assembly.id                   1 
_pdbx_struct_assembly.details              author_and_software_defined_assembly 
_pdbx_struct_assembly.method_details       PISA,PQS 
_pdbx_struct_assembly.oligomeric_details   tetrameric 
_pdbx_struct_assembly.oligomeric_count     4 
# 
_pdbx_struct_assembly_gen.assembly_id       1 
_pdbx_struct_assembly_gen.oper_expression   1,2,3,4 
_pdbx_struct_assembly_gen.asym_id_list      A 
# 
loop_
_pdbx_struct_assembly_prop.biol_id 
_pdbx_struct_assembly_prop.type 
_pdbx_struct_assembly_prop.value 
_pdbx_struct_assembly_prop.details 
1 'ABSA (A^2)' 13010 ? 
1 MORE         -133  ? 
1 'SSA (A^2)'  30580 ? 
# 
loop_
_pdbx_struct_oper_list.id 
_pdbx_struct_oper_list.type 
_pdbx_struct_oper_list.name 
_pdbx_struct_oper_list.symmetry_operation 
_pdbx_struct_oper_list.matrix[1][1] 
_pdbx_struct_oper_list.matrix[1][2] 
_pdbx_struct_oper_list.matrix[1][3] 
_pdbx_struct_oper_list.vector[1] 
_pdbx_struct_oper_list.matrix[2][1] 
_pdbx_struct_oper_list.matrix[2][2] 
_pdbx_struct_oper_list.matrix[2][3] 
_pdbx_struct_oper_list.vector[2] 
_pdbx_struct_oper_list.matrix[3][1] 
_pdbx_struct_oper_list.matrix[3][2] 
_pdbx_struct_oper_list.matrix[3][3] 
_pdbx_struct_oper_list.vector[3] 
1 'identity operation'         1_555 x,y,z          1.0000000000 0.0000000000  0.0000000000  0.0000000000  0.0000000000  1.0000000000  0.0000000000  0.0000000000   0.0000000000  0.0000000000  1.0000000000  0.0000000000  
2 'crystal symmetry operation' 2_565 -x,-y+1,z      0.8826043490 -0.3902964903 0.2620652834  -8.5669730464 -0.3902964903 -0.9190847772 -0.0543306725 -18.8062612266 0.2620652834  -0.0543306725 -0.9635195718 33.5344035224 
3 'crystal symmetry operation' 3_555 -y+1/2,x+1/2,z 0.9413021745 -0.3302045819 -0.0701081334 -2.1808709393 -0.0600919084 0.0404576114  -0.9973726205 7.4430426710   0.3321734168  0.9430419480  0.0182402141  26.7517713768 
4 'crystal symmetry operation' 4_455 y-1/2,-x+1/2,z 0.9413021745 -0.0600919084 0.3321734168  -6.3861021071 -0.3302045819 0.0404576114  0.9430419480  -26.2493038976 -0.0701081334 -0.9973726205 0.0182402141  6.7826321456 
# 
loop_
_pdbx_audit_revision_history.ordinal 
_pdbx_audit_revision_history.data_content_type 
_pdbx_audit_revision_history.major_revision 
_pdbx_audit_revision_history.minor_revision 
_pdbx_audit_revision_history.revision_date 
1 'Structure model' 1 0 2006-01-31 
2 'Structure model' 1 1 2008-04-30 
3 'Structure model' 1 2 2011-07-13 
4 'Structure model' 1 3 2018-07-18 
5 'Structure model' 1 4 2023-11-08 
# 
_pdbx_audit_revision_details.ordinal             1 
_pdbx_audit_revision_details.revision_ordinal    1 
_pdbx_audit_revision_details.data_content_type   'Structure model' 
_pdbx_audit_revision_details.provider            repository 
_pdbx_audit_revision_details.type                'Initial release' 
_pdbx_audit_revision_details.description         ? 
_pdbx_audit_revision_details.details             ? 
# 
loop_
_pdbx_audit_revision_group.ordinal 
_pdbx_audit_revision_group.revision_ordinal 
_pdbx_audit_revision_group.data_content_type 
_pdbx_audit_revision_group.group 
1  2 'Structure model' 'Version format compliance'  
2  3 'Structure model' 'Derived calculations'       
3  3 'Structure model' 'Version format compliance'  
4  4 'Structure model' 'Author supporting evidence' 
5  4 'Structure model' 'Data collection'            
6  4 'Structure model' 'Database references'        
7  5 'Structure model' 'Data collection'            
8  5 'Structure model' 'Database references'        
9  5 'Structure model' 'Experimental preparation'   
10 5 'Structure model' 'Refinement description'     
# 
loop_
_pdbx_audit_revision_category.ordinal 
_pdbx_audit_revision_category.revision_ordinal 
_pdbx_audit_revision_category.data_content_type 
_pdbx_audit_revision_category.category 
1  4 'Structure model' database_2                    
2  4 'Structure model' diffrn_source                 
3  4 'Structure model' em_image_scans                
4  4 'Structure model' em_imaging                    
5  4 'Structure model' em_single_particle_entity     
6  5 'Structure model' chem_comp_atom                
7  5 'Structure model' chem_comp_bond                
8  5 'Structure model' database_2                    
9  5 'Structure model' em_vitrification              
10 5 'Structure model' pdbx_initial_refinement_model 
# 
loop_
_pdbx_audit_revision_item.ordinal 
_pdbx_audit_revision_item.revision_ordinal 
_pdbx_audit_revision_item.data_content_type 
_pdbx_audit_revision_item.item 
1 4 'Structure model' '_diffrn_source.type'                 
2 4 'Structure model' '_em_imaging.details'                 
3 5 'Structure model' '_database_2.pdbx_DOI'                
4 5 'Structure model' '_database_2.pdbx_database_accession' 
# 
loop_
_software.name 
_software.classification 
_software.version 
_software.citation_id 
_software.pdbx_ordinal 
_software.date 
_software.type 
_software.location 
_software.language 
CNS refinement       1.1 ? 1 ? ? ? ? 
MRC 'data reduction' .   ? 2 ? ? ? ? 
MRC 'data scaling'   .   ? 3 ? ? ? ? 
CNS phasing          .   ? 4 ? ? ? ? 
# 
_pdbx_database_remark.id     240 
_pdbx_database_remark.text   
;

EXPERIMENT TYPE                : ELECTRON DIFFRACTION
DATE OF DATA COLLECTION        : 01-APR-2002
TEMPERATURE           (KELVIN) : 4.2
PH                             : 6.00
NUMBER OF CRYSTALS USED        : 135
RADIATION SOURCE               : JEM3000SFF
OPTICS                         : CRYSTALS TILTED TO MAX
                                 60 DEGREES  
DETECTOR TYPE                  : CCD
DETECTOR MANUFACTURER          : GATAN ULTRASCAN
INTENSITY INTEGRATION SOFTWARE : PICKYCOR, AN MRC ELECTRON
                                 DIFFRACTION PROGRAM
DATA SCALING SOFTWARE          : MERGEDIFF,AN MRC ELECTRON
                                 DIFFRACTION PROGRAM
ACCELERATION VOLTAGE (KV)      : 300
NUMBER OF UNIQUE REFLECTIONS   : 5992
RESOLUTION RANGE HIGH      (A) : 3.20
RESOLUTION RANGE LOW (A)       : 22.21
OVERALL.
COMPLETENESS FOR RANGE     (%) : 87.0
 DATA REDUNDANCY                : NULL
 R MERGE                    (I) : 0.223
 R SYM                      (I) : NULL
 <I/SIGMA(I)> FOR THE DATA SET  : NULL

IN THE HIGHEST RESOLUTION SHELL.
 HIGHEST RESOLUTION SHELL, RANGE HIGH (A) : 3.20
 HIGHEST RESOLUTION SHELL, RANGE LOW  (A) : 3.40
 COMPLETENESS FOR SHELL     (%) : 85.8
 DATA REDUNDANCY IN SHELL       : NULL
 R MERGE FOR SHELL          (I) : 0.445
 R SYM FOR SHELL            (I) : NULL
 <I/SIGMA(I)> FOR SHELL         : NULL

METHOD USED TO DETERMINE THE STRUCTURE: MOLECULAR
REPLACEMENT
SOFTWARE USED: CNS
STARTING MODEL: PDB ENTRY 1J4N
;
# 
_em_3d_reconstruction.entry_id                    2D57 
_em_3d_reconstruction.id                          1 
_em_3d_reconstruction.symmetry_type               '2D CRYSTAL' 
_em_3d_reconstruction.image_processing_id         1 
_em_3d_reconstruction.num_particles               . 
_em_3d_reconstruction.method                      ? 
_em_3d_reconstruction.algorithm                   ? 
_em_3d_reconstruction.nominal_pixel_size          ? 
_em_3d_reconstruction.actual_pixel_size           ? 
_em_3d_reconstruction.num_class_averages          ? 
_em_3d_reconstruction.resolution                  ? 
_em_3d_reconstruction.resolution_method           ? 
_em_3d_reconstruction.magnification_calibration   ? 
_em_3d_reconstruction.details                     ? 
# 
_em_entity_assembly.id                   1 
_em_entity_assembly.name                 'AQUAPORIN 4 CRYSTAL' 
_em_entity_assembly.type                 COMPLEX 
_em_entity_assembly.parent_id            0 
_em_entity_assembly.synonym              ? 
_em_entity_assembly.details              ? 
_em_entity_assembly.entity_id_list       ? 
_em_entity_assembly.source               ? 
_em_entity_assembly.oligomeric_details   ? 
# 
_em_imaging.entry_id                        2D57 
_em_imaging.id                              1 
_em_imaging.specimen_id                     1 
_em_imaging.accelerating_voltage            300 
_em_imaging.electron_source                 'FIELD EMISSION GUN' 
_em_imaging.illumination_mode               'FLOOD BEAM' 
_em_imaging.mode                            DIFFRACTION 
_em_imaging.microscope_model                'JEOL 3000SFF' 
_em_imaging.calibrated_defocus_max          ? 
_em_imaging.alignment_procedure             ? 
_em_imaging.c2_aperture_diameter            ? 
_em_imaging.calibrated_defocus_min          ? 
_em_imaging.calibrated_magnification        ? 
_em_imaging.cryogen                         HELIUM 
_em_imaging.details                         'diffraction and images' 
_em_imaging.nominal_cs                      ? 
_em_imaging.nominal_defocus_max             ? 
_em_imaging.nominal_defocus_min             ? 
_em_imaging.nominal_magnification           ? 
_em_imaging.residual_tilt                   ? 
_em_imaging.specimen_holder_model           ? 
_em_imaging.recording_temperature_maximum   ? 
_em_imaging.recording_temperature_minimum   ? 
_em_imaging.citation_id                     ? 
_em_imaging.date                            ? 
_em_imaging.temperature                     ? 
_em_imaging.tilt_angle_min                  ? 
_em_imaging.tilt_angle_max                  ? 
_em_imaging.astigmatism                     ? 
_em_imaging.detector_distance               ? 
_em_imaging.electron_beam_tilt_params       ? 
_em_imaging.specimen_holder_type            ? 
# 
_em_experiment.entry_id                2D57 
_em_experiment.id                      1 
_em_experiment.aggregation_state       '2D ARRAY' 
_em_experiment.entity_assembly_id      1 
_em_experiment.reconstruction_method   CRYSTALLOGRAPHY 
# 
_pdbx_validate_symm_contact.id                1 
_pdbx_validate_symm_contact.PDB_model_num     1 
_pdbx_validate_symm_contact.auth_atom_id_1    CG1 
_pdbx_validate_symm_contact.auth_asym_id_1    A 
_pdbx_validate_symm_contact.auth_comp_id_1    VAL 
_pdbx_validate_symm_contact.auth_seq_id_1     142 
_pdbx_validate_symm_contact.PDB_ins_code_1    ? 
_pdbx_validate_symm_contact.label_alt_id_1    ? 
_pdbx_validate_symm_contact.site_symmetry_1   1_555 
_pdbx_validate_symm_contact.auth_atom_id_2    CG1 
_pdbx_validate_symm_contact.auth_asym_id_2    A 
_pdbx_validate_symm_contact.auth_comp_id_2    VAL 
_pdbx_validate_symm_contact.auth_seq_id_2     142 
_pdbx_validate_symm_contact.PDB_ins_code_2    ? 
_pdbx_validate_symm_contact.label_alt_id_2    ? 
_pdbx_validate_symm_contact.site_symmetry_2   8_667 
_pdbx_validate_symm_contact.dist              2.06 
# 
loop_
_pdbx_validate_torsion.id 
_pdbx_validate_torsion.PDB_model_num 
_pdbx_validate_torsion.auth_comp_id 
_pdbx_validate_torsion.auth_asym_id 
_pdbx_validate_torsion.auth_seq_id 
_pdbx_validate_torsion.PDB_ins_code 
_pdbx_validate_torsion.label_alt_id 
_pdbx_validate_torsion.phi 
_pdbx_validate_torsion.psi 
1  1 GLN A 32  ? ? -0.32   -46.38  
2  1 SER A 62  ? ? -103.83 43.10   
3  1 GLU A 63  ? ? -114.02 55.52   
4  1 ASN A 64  ? ? 41.51   78.05   
5  1 ILE A 96  ? ? 24.02   48.88   
6  1 ASN A 97  ? ? -176.24 118.17  
7  1 ARG A 108 ? ? 74.48   95.16   
8  1 LYS A 109 ? ? -149.74 -63.67  
9  1 SER A 111 ? ? -47.16  151.81  
10 1 THR A 137 ? ? -118.67 55.08   
11 1 VAL A 142 ? ? -30.57  -35.72  
12 1 VAL A 147 ? ? -95.74  57.84   
13 1 THR A 148 ? ? -58.26  87.64   
14 1 VAL A 150 ? ? -26.74  87.92   
15 1 HIS A 151 ? ? -69.50  -73.89  
16 1 THR A 155 ? ? -28.99  116.90  
17 1 ALA A 156 ? ? -14.03  -46.48  
18 1 ASP A 179 ? ? -44.61  164.25  
19 1 LYS A 181 ? ? 40.19   100.95  
20 1 THR A 183 ? ? -61.05  18.74   
21 1 ASP A 184 ? ? 60.76   90.98   
22 1 MET A 212 ? ? 30.62   31.32   
23 1 ASN A 213 ? ? -177.12 98.92   
24 1 TRP A 227 ? ? -115.12 65.37   
25 1 TYR A 250 ? ? -72.85  -112.74 
26 1 VAL A 251 ? ? -36.70  -20.14  
# 
_pdbx_validate_planes.id              1 
_pdbx_validate_planes.PDB_model_num   1 
_pdbx_validate_planes.auth_comp_id    TYR 
_pdbx_validate_planes.auth_asym_id    A 
_pdbx_validate_planes.auth_seq_id     233 
_pdbx_validate_planes.PDB_ins_code    ? 
_pdbx_validate_planes.label_alt_id    ? 
_pdbx_validate_planes.rmsd            0.064 
_pdbx_validate_planes.type            'SIDE CHAIN' 
# 
loop_
_pdbx_unobs_or_zero_occ_residues.id 
_pdbx_unobs_or_zero_occ_residues.PDB_model_num 
_pdbx_unobs_or_zero_occ_residues.polymer_flag 
_pdbx_unobs_or_zero_occ_residues.occupancy_flag 
_pdbx_unobs_or_zero_occ_residues.auth_asym_id 
_pdbx_unobs_or_zero_occ_residues.auth_comp_id 
_pdbx_unobs_or_zero_occ_residues.auth_seq_id 
_pdbx_unobs_or_zero_occ_residues.PDB_ins_code 
_pdbx_unobs_or_zero_occ_residues.label_asym_id 
_pdbx_unobs_or_zero_occ_residues.label_comp_id 
_pdbx_unobs_or_zero_occ_residues.label_seq_id 
1  1 Y 1 A MET 23  ? A MET 1   
2  1 Y 1 A VAL 24  ? A VAL 2   
3  1 Y 1 A ALA 25  ? A ALA 3   
4  1 Y 1 A PHE 26  ? A PHE 4   
5  1 Y 1 A LYS 27  ? A LYS 5   
6  1 Y 1 A GLY 28  ? A GLY 6   
7  1 Y 1 A VAL 29  ? A VAL 7   
8  1 Y 1 A TRP 30  ? A TRP 8   
9  1 Y 1 A ASP 255 ? A ASP 233 
10 1 Y 1 A VAL 256 ? A VAL 234 
11 1 Y 1 A GLU 257 ? A GLU 235 
12 1 Y 1 A LEU 258 ? A LEU 236 
13 1 Y 1 A LYS 259 ? A LYS 237 
14 1 Y 1 A ARG 260 ? A ARG 238 
15 1 Y 1 A ARG 261 ? A ARG 239 
16 1 Y 1 A LEU 262 ? A LEU 240 
17 1 Y 1 A LYS 263 ? A LYS 241 
18 1 Y 1 A GLU 264 ? A GLU 242 
19 1 Y 1 A ALA 265 ? A ALA 243 
20 1 Y 1 A PHE 266 ? A PHE 244 
21 1 Y 1 A SER 267 ? A SER 245 
22 1 Y 1 A LYS 268 ? A LYS 246 
23 1 Y 1 A ALA 269 ? A ALA 247 
24 1 Y 1 A ALA 270 ? A ALA 248 
25 1 Y 1 A GLN 271 ? A GLN 249 
26 1 Y 1 A GLN 272 ? A GLN 250 
27 1 Y 1 A THR 273 ? A THR 251 
28 1 Y 1 A LYS 274 ? A LYS 252 
29 1 Y 1 A GLY 275 ? A GLY 253 
30 1 Y 1 A SER 276 ? A SER 254 
31 1 Y 1 A TYR 277 ? A TYR 255 
32 1 Y 1 A MET 278 ? A MET 256 
33 1 Y 1 A GLU 279 ? A GLU 257 
34 1 Y 1 A VAL 280 ? A VAL 258 
35 1 Y 1 A GLU 281 ? A GLU 259 
36 1 Y 1 A ASP 282 ? A ASP 260 
37 1 Y 1 A ASN 283 ? A ASN 261 
38 1 Y 1 A ARG 284 ? A ARG 262 
39 1 Y 1 A SER 285 ? A SER 263 
40 1 Y 1 A GLN 286 ? A GLN 264 
41 1 Y 1 A VAL 287 ? A VAL 265 
42 1 Y 1 A GLU 288 ? A GLU 266 
43 1 Y 1 A THR 289 ? A THR 267 
44 1 Y 1 A GLU 290 ? A GLU 268 
45 1 Y 1 A ASP 291 ? A ASP 269 
46 1 Y 1 A LEU 292 ? A LEU 270 
47 1 Y 1 A ILE 293 ? A ILE 271 
48 1 Y 1 A LEU 294 ? A LEU 272 
49 1 Y 1 A LYS 295 ? A LYS 273 
50 1 Y 1 A PRO 296 ? A PRO 274 
51 1 Y 1 A GLY 297 ? A GLY 275 
52 1 Y 1 A VAL 298 ? A VAL 276 
53 1 Y 1 A VAL 299 ? A VAL 277 
54 1 Y 1 A HIS 300 ? A HIS 278 
55 1 Y 1 A VAL 301 ? A VAL 279 
56 1 Y 1 A ILE 302 ? A ILE 280 
57 1 Y 1 A ASP 303 ? A ASP 281 
58 1 Y 1 A ILE 304 ? A ILE 282 
59 1 Y 1 A ASP 305 ? A ASP 283 
60 1 Y 1 A ARG 306 ? A ARG 284 
61 1 Y 1 A GLY 307 ? A GLY 285 
62 1 Y 1 A ASP 308 ? A ASP 286 
63 1 Y 1 A GLU 309 ? A GLU 287 
64 1 Y 1 A LYS 310 ? A LYS 288 
65 1 Y 1 A LYS 311 ? A LYS 289 
66 1 Y 1 A GLY 312 ? A GLY 290 
67 1 Y 1 A LYS 313 ? A LYS 291 
68 1 Y 1 A ASP 314 ? A ASP 292 
69 1 Y 1 A SER 315 ? A SER 293 
70 1 Y 1 A SER 316 ? A SER 294 
71 1 Y 1 A GLY 317 ? A GLY 295 
72 1 Y 1 A GLU 318 ? A GLU 296 
73 1 Y 1 A VAL 319 ? A VAL 297 
74 1 Y 1 A LEU 320 ? A LEU 298 
75 1 Y 1 A SER 321 ? A SER 299 
76 1 Y 1 A SER 322 ? A SER 300 
77 1 Y 1 A VAL 323 ? A VAL 301 
# 
loop_
_chem_comp_atom.comp_id 
_chem_comp_atom.atom_id 
_chem_comp_atom.type_symbol 
_chem_comp_atom.pdbx_aromatic_flag 
_chem_comp_atom.pdbx_stereo_config 
_chem_comp_atom.pdbx_ordinal 
ALA N    N N N 1   
ALA CA   C N S 2   
ALA C    C N N 3   
ALA O    O N N 4   
ALA CB   C N N 5   
ALA OXT  O N N 6   
ALA H    H N N 7   
ALA H2   H N N 8   
ALA HA   H N N 9   
ALA HB1  H N N 10  
ALA HB2  H N N 11  
ALA HB3  H N N 12  
ALA HXT  H N N 13  
ARG N    N N N 14  
ARG CA   C N S 15  
ARG C    C N N 16  
ARG O    O N N 17  
ARG CB   C N N 18  
ARG CG   C N N 19  
ARG CD   C N N 20  
ARG NE   N N N 21  
ARG CZ   C N N 22  
ARG NH1  N N N 23  
ARG NH2  N N N 24  
ARG OXT  O N N 25  
ARG H    H N N 26  
ARG H2   H N N 27  
ARG HA   H N N 28  
ARG HB2  H N N 29  
ARG HB3  H N N 30  
ARG HG2  H N N 31  
ARG HG3  H N N 32  
ARG HD2  H N N 33  
ARG HD3  H N N 34  
ARG HE   H N N 35  
ARG HH11 H N N 36  
ARG HH12 H N N 37  
ARG HH21 H N N 38  
ARG HH22 H N N 39  
ARG HXT  H N N 40  
ASN N    N N N 41  
ASN CA   C N S 42  
ASN C    C N N 43  
ASN O    O N N 44  
ASN CB   C N N 45  
ASN CG   C N N 46  
ASN OD1  O N N 47  
ASN ND2  N N N 48  
ASN OXT  O N N 49  
ASN H    H N N 50  
ASN H2   H N N 51  
ASN HA   H N N 52  
ASN HB2  H N N 53  
ASN HB3  H N N 54  
ASN HD21 H N N 55  
ASN HD22 H N N 56  
ASN HXT  H N N 57  
ASP N    N N N 58  
ASP CA   C N S 59  
ASP C    C N N 60  
ASP O    O N N 61  
ASP CB   C N N 62  
ASP CG   C N N 63  
ASP OD1  O N N 64  
ASP OD2  O N N 65  
ASP OXT  O N N 66  
ASP H    H N N 67  
ASP H2   H N N 68  
ASP HA   H N N 69  
ASP HB2  H N N 70  
ASP HB3  H N N 71  
ASP HD2  H N N 72  
ASP HXT  H N N 73  
CYS N    N N N 74  
CYS CA   C N R 75  
CYS C    C N N 76  
CYS O    O N N 77  
CYS CB   C N N 78  
CYS SG   S N N 79  
CYS OXT  O N N 80  
CYS H    H N N 81  
CYS H2   H N N 82  
CYS HA   H N N 83  
CYS HB2  H N N 84  
CYS HB3  H N N 85  
CYS HG   H N N 86  
CYS HXT  H N N 87  
GLN N    N N N 88  
GLN CA   C N S 89  
GLN C    C N N 90  
GLN O    O N N 91  
GLN CB   C N N 92  
GLN CG   C N N 93  
GLN CD   C N N 94  
GLN OE1  O N N 95  
GLN NE2  N N N 96  
GLN OXT  O N N 97  
GLN H    H N N 98  
GLN H2   H N N 99  
GLN HA   H N N 100 
GLN HB2  H N N 101 
GLN HB3  H N N 102 
GLN HG2  H N N 103 
GLN HG3  H N N 104 
GLN HE21 H N N 105 
GLN HE22 H N N 106 
GLN HXT  H N N 107 
GLU N    N N N 108 
GLU CA   C N S 109 
GLU C    C N N 110 
GLU O    O N N 111 
GLU CB   C N N 112 
GLU CG   C N N 113 
GLU CD   C N N 114 
GLU OE1  O N N 115 
GLU OE2  O N N 116 
GLU OXT  O N N 117 
GLU H    H N N 118 
GLU H2   H N N 119 
GLU HA   H N N 120 
GLU HB2  H N N 121 
GLU HB3  H N N 122 
GLU HG2  H N N 123 
GLU HG3  H N N 124 
GLU HE2  H N N 125 
GLU HXT  H N N 126 
GLY N    N N N 127 
GLY CA   C N N 128 
GLY C    C N N 129 
GLY O    O N N 130 
GLY OXT  O N N 131 
GLY H    H N N 132 
GLY H2   H N N 133 
GLY HA2  H N N 134 
GLY HA3  H N N 135 
GLY HXT  H N N 136 
HIS N    N N N 137 
HIS CA   C N S 138 
HIS C    C N N 139 
HIS O    O N N 140 
HIS CB   C N N 141 
HIS CG   C Y N 142 
HIS ND1  N Y N 143 
HIS CD2  C Y N 144 
HIS CE1  C Y N 145 
HIS NE2  N Y N 146 
HIS OXT  O N N 147 
HIS H    H N N 148 
HIS H2   H N N 149 
HIS HA   H N N 150 
HIS HB2  H N N 151 
HIS HB3  H N N 152 
HIS HD1  H N N 153 
HIS HD2  H N N 154 
HIS HE1  H N N 155 
HIS HE2  H N N 156 
HIS HXT  H N N 157 
ILE N    N N N 158 
ILE CA   C N S 159 
ILE C    C N N 160 
ILE O    O N N 161 
ILE CB   C N S 162 
ILE CG1  C N N 163 
ILE CG2  C N N 164 
ILE CD1  C N N 165 
ILE OXT  O N N 166 
ILE H    H N N 167 
ILE H2   H N N 168 
ILE HA   H N N 169 
ILE HB   H N N 170 
ILE HG12 H N N 171 
ILE HG13 H N N 172 
ILE HG21 H N N 173 
ILE HG22 H N N 174 
ILE HG23 H N N 175 
ILE HD11 H N N 176 
ILE HD12 H N N 177 
ILE HD13 H N N 178 
ILE HXT  H N N 179 
LEU N    N N N 180 
LEU CA   C N S 181 
LEU C    C N N 182 
LEU O    O N N 183 
LEU CB   C N N 184 
LEU CG   C N N 185 
LEU CD1  C N N 186 
LEU CD2  C N N 187 
LEU OXT  O N N 188 
LEU H    H N N 189 
LEU H2   H N N 190 
LEU HA   H N N 191 
LEU HB2  H N N 192 
LEU HB3  H N N 193 
LEU HG   H N N 194 
LEU HD11 H N N 195 
LEU HD12 H N N 196 
LEU HD13 H N N 197 
LEU HD21 H N N 198 
LEU HD22 H N N 199 
LEU HD23 H N N 200 
LEU HXT  H N N 201 
LYS N    N N N 202 
LYS CA   C N S 203 
LYS C    C N N 204 
LYS O    O N N 205 
LYS CB   C N N 206 
LYS CG   C N N 207 
LYS CD   C N N 208 
LYS CE   C N N 209 
LYS NZ   N N N 210 
LYS OXT  O N N 211 
LYS H    H N N 212 
LYS H2   H N N 213 
LYS HA   H N N 214 
LYS HB2  H N N 215 
LYS HB3  H N N 216 
LYS HG2  H N N 217 
LYS HG3  H N N 218 
LYS HD2  H N N 219 
LYS HD3  H N N 220 
LYS HE2  H N N 221 
LYS HE3  H N N 222 
LYS HZ1  H N N 223 
LYS HZ2  H N N 224 
LYS HZ3  H N N 225 
LYS HXT  H N N 226 
MET N    N N N 227 
MET CA   C N S 228 
MET C    C N N 229 
MET O    O N N 230 
MET CB   C N N 231 
MET CG   C N N 232 
MET SD   S N N 233 
MET CE   C N N 234 
MET OXT  O N N 235 
MET H    H N N 236 
MET H2   H N N 237 
MET HA   H N N 238 
MET HB2  H N N 239 
MET HB3  H N N 240 
MET HG2  H N N 241 
MET HG3  H N N 242 
MET HE1  H N N 243 
MET HE2  H N N 244 
MET HE3  H N N 245 
MET HXT  H N N 246 
PHE N    N N N 247 
PHE CA   C N S 248 
PHE C    C N N 249 
PHE O    O N N 250 
PHE CB   C N N 251 
PHE CG   C Y N 252 
PHE CD1  C Y N 253 
PHE CD2  C Y N 254 
PHE CE1  C Y N 255 
PHE CE2  C Y N 256 
PHE CZ   C Y N 257 
PHE OXT  O N N 258 
PHE H    H N N 259 
PHE H2   H N N 260 
PHE HA   H N N 261 
PHE HB2  H N N 262 
PHE HB3  H N N 263 
PHE HD1  H N N 264 
PHE HD2  H N N 265 
PHE HE1  H N N 266 
PHE HE2  H N N 267 
PHE HZ   H N N 268 
PHE HXT  H N N 269 
PRO N    N N N 270 
PRO CA   C N S 271 
PRO C    C N N 272 
PRO O    O N N 273 
PRO CB   C N N 274 
PRO CG   C N N 275 
PRO CD   C N N 276 
PRO OXT  O N N 277 
PRO H    H N N 278 
PRO HA   H N N 279 
PRO HB2  H N N 280 
PRO HB3  H N N 281 
PRO HG2  H N N 282 
PRO HG3  H N N 283 
PRO HD2  H N N 284 
PRO HD3  H N N 285 
PRO HXT  H N N 286 
SER N    N N N 287 
SER CA   C N S 288 
SER C    C N N 289 
SER O    O N N 290 
SER CB   C N N 291 
SER OG   O N N 292 
SER OXT  O N N 293 
SER H    H N N 294 
SER H2   H N N 295 
SER HA   H N N 296 
SER HB2  H N N 297 
SER HB3  H N N 298 
SER HG   H N N 299 
SER HXT  H N N 300 
THR N    N N N 301 
THR CA   C N S 302 
THR C    C N N 303 
THR O    O N N 304 
THR CB   C N R 305 
THR OG1  O N N 306 
THR CG2  C N N 307 
THR OXT  O N N 308 
THR H    H N N 309 
THR H2   H N N 310 
THR HA   H N N 311 
THR HB   H N N 312 
THR HG1  H N N 313 
THR HG21 H N N 314 
THR HG22 H N N 315 
THR HG23 H N N 316 
THR HXT  H N N 317 
TRP N    N N N 318 
TRP CA   C N S 319 
TRP C    C N N 320 
TRP O    O N N 321 
TRP CB   C N N 322 
TRP CG   C Y N 323 
TRP CD1  C Y N 324 
TRP CD2  C Y N 325 
TRP NE1  N Y N 326 
TRP CE2  C Y N 327 
TRP CE3  C Y N 328 
TRP CZ2  C Y N 329 
TRP CZ3  C Y N 330 
TRP CH2  C Y N 331 
TRP OXT  O N N 332 
TRP H    H N N 333 
TRP H2   H N N 334 
TRP HA   H N N 335 
TRP HB2  H N N 336 
TRP HB3  H N N 337 
TRP HD1  H N N 338 
TRP HE1  H N N 339 
TRP HE3  H N N 340 
TRP HZ2  H N N 341 
TRP HZ3  H N N 342 
TRP HH2  H N N 343 
TRP HXT  H N N 344 
TYR N    N N N 345 
TYR CA   C N S 346 
TYR C    C N N 347 
TYR O    O N N 348 
TYR CB   C N N 349 
TYR CG   C Y N 350 
TYR CD1  C Y N 351 
TYR CD2  C Y N 352 
TYR CE1  C Y N 353 
TYR CE2  C Y N 354 
TYR CZ   C Y N 355 
TYR OH   O N N 356 
TYR OXT  O N N 357 
TYR H    H N N 358 
TYR H2   H N N 359 
TYR HA   H N N 360 
TYR HB2  H N N 361 
TYR HB3  H N N 362 
TYR HD1  H N N 363 
TYR HD2  H N N 364 
TYR HE1  H N N 365 
TYR HE2  H N N 366 
TYR HH   H N N 367 
TYR HXT  H N N 368 
VAL N    N N N 369 
VAL CA   C N S 370 
VAL C    C N N 371 
VAL O    O N N 372 
VAL CB   C N N 373 
VAL CG1  C N N 374 
VAL CG2  C N N 375 
VAL OXT  O N N 376 
VAL H    H N N 377 
VAL H2   H N N 378 
VAL HA   H N N 379 
VAL HB   H N N 380 
VAL HG11 H N N 381 
VAL HG12 H N N 382 
VAL HG13 H N N 383 
VAL HG21 H N N 384 
VAL HG22 H N N 385 
VAL HG23 H N N 386 
VAL HXT  H N N 387 
# 
loop_
_chem_comp_bond.comp_id 
_chem_comp_bond.atom_id_1 
_chem_comp_bond.atom_id_2 
_chem_comp_bond.value_order 
_chem_comp_bond.pdbx_aromatic_flag 
_chem_comp_bond.pdbx_stereo_config 
_chem_comp_bond.pdbx_ordinal 
ALA N   CA   sing N N 1   
ALA N   H    sing N N 2   
ALA N   H2   sing N N 3   
ALA CA  C    sing N N 4   
ALA CA  CB   sing N N 5   
ALA CA  HA   sing N N 6   
ALA C   O    doub N N 7   
ALA C   OXT  sing N N 8   
ALA CB  HB1  sing N N 9   
ALA CB  HB2  sing N N 10  
ALA CB  HB3  sing N N 11  
ALA OXT HXT  sing N N 12  
ARG N   CA   sing N N 13  
ARG N   H    sing N N 14  
ARG N   H2   sing N N 15  
ARG CA  C    sing N N 16  
ARG CA  CB   sing N N 17  
ARG CA  HA   sing N N 18  
ARG C   O    doub N N 19  
ARG C   OXT  sing N N 20  
ARG CB  CG   sing N N 21  
ARG CB  HB2  sing N N 22  
ARG CB  HB3  sing N N 23  
ARG CG  CD   sing N N 24  
ARG CG  HG2  sing N N 25  
ARG CG  HG3  sing N N 26  
ARG CD  NE   sing N N 27  
ARG CD  HD2  sing N N 28  
ARG CD  HD3  sing N N 29  
ARG NE  CZ   sing N N 30  
ARG NE  HE   sing N N 31  
ARG CZ  NH1  sing N N 32  
ARG CZ  NH2  doub N N 33  
ARG NH1 HH11 sing N N 34  
ARG NH1 HH12 sing N N 35  
ARG NH2 HH21 sing N N 36  
ARG NH2 HH22 sing N N 37  
ARG OXT HXT  sing N N 38  
ASN N   CA   sing N N 39  
ASN N   H    sing N N 40  
ASN N   H2   sing N N 41  
ASN CA  C    sing N N 42  
ASN CA  CB   sing N N 43  
ASN CA  HA   sing N N 44  
ASN C   O    doub N N 45  
ASN C   OXT  sing N N 46  
ASN CB  CG   sing N N 47  
ASN CB  HB2  sing N N 48  
ASN CB  HB3  sing N N 49  
ASN CG  OD1  doub N N 50  
ASN CG  ND2  sing N N 51  
ASN ND2 HD21 sing N N 52  
ASN ND2 HD22 sing N N 53  
ASN OXT HXT  sing N N 54  
ASP N   CA   sing N N 55  
ASP N   H    sing N N 56  
ASP N   H2   sing N N 57  
ASP CA  C    sing N N 58  
ASP CA  CB   sing N N 59  
ASP CA  HA   sing N N 60  
ASP C   O    doub N N 61  
ASP C   OXT  sing N N 62  
ASP CB  CG   sing N N 63  
ASP CB  HB2  sing N N 64  
ASP CB  HB3  sing N N 65  
ASP CG  OD1  doub N N 66  
ASP CG  OD2  sing N N 67  
ASP OD2 HD2  sing N N 68  
ASP OXT HXT  sing N N 69  
CYS N   CA   sing N N 70  
CYS N   H    sing N N 71  
CYS N   H2   sing N N 72  
CYS CA  C    sing N N 73  
CYS CA  CB   sing N N 74  
CYS CA  HA   sing N N 75  
CYS C   O    doub N N 76  
CYS C   OXT  sing N N 77  
CYS CB  SG   sing N N 78  
CYS CB  HB2  sing N N 79  
CYS CB  HB3  sing N N 80  
CYS SG  HG   sing N N 81  
CYS OXT HXT  sing N N 82  
GLN N   CA   sing N N 83  
GLN N   H    sing N N 84  
GLN N   H2   sing N N 85  
GLN CA  C    sing N N 86  
GLN CA  CB   sing N N 87  
GLN CA  HA   sing N N 88  
GLN C   O    doub N N 89  
GLN C   OXT  sing N N 90  
GLN CB  CG   sing N N 91  
GLN CB  HB2  sing N N 92  
GLN CB  HB3  sing N N 93  
GLN CG  CD   sing N N 94  
GLN CG  HG2  sing N N 95  
GLN CG  HG3  sing N N 96  
GLN CD  OE1  doub N N 97  
GLN CD  NE2  sing N N 98  
GLN NE2 HE21 sing N N 99  
GLN NE2 HE22 sing N N 100 
GLN OXT HXT  sing N N 101 
GLU N   CA   sing N N 102 
GLU N   H    sing N N 103 
GLU N   H2   sing N N 104 
GLU CA  C    sing N N 105 
GLU CA  CB   sing N N 106 
GLU CA  HA   sing N N 107 
GLU C   O    doub N N 108 
GLU C   OXT  sing N N 109 
GLU CB  CG   sing N N 110 
GLU CB  HB2  sing N N 111 
GLU CB  HB3  sing N N 112 
GLU CG  CD   sing N N 113 
GLU CG  HG2  sing N N 114 
GLU CG  HG3  sing N N 115 
GLU CD  OE1  doub N N 116 
GLU CD  OE2  sing N N 117 
GLU OE2 HE2  sing N N 118 
GLU OXT HXT  sing N N 119 
GLY N   CA   sing N N 120 
GLY N   H    sing N N 121 
GLY N   H2   sing N N 122 
GLY CA  C    sing N N 123 
GLY CA  HA2  sing N N 124 
GLY CA  HA3  sing N N 125 
GLY C   O    doub N N 126 
GLY C   OXT  sing N N 127 
GLY OXT HXT  sing N N 128 
HIS N   CA   sing N N 129 
HIS N   H    sing N N 130 
HIS N   H2   sing N N 131 
HIS CA  C    sing N N 132 
HIS CA  CB   sing N N 133 
HIS CA  HA   sing N N 134 
HIS C   O    doub N N 135 
HIS C   OXT  sing N N 136 
HIS CB  CG   sing N N 137 
HIS CB  HB2  sing N N 138 
HIS CB  HB3  sing N N 139 
HIS CG  ND1  sing Y N 140 
HIS CG  CD2  doub Y N 141 
HIS ND1 CE1  doub Y N 142 
HIS ND1 HD1  sing N N 143 
HIS CD2 NE2  sing Y N 144 
HIS CD2 HD2  sing N N 145 
HIS CE1 NE2  sing Y N 146 
HIS CE1 HE1  sing N N 147 
HIS NE2 HE2  sing N N 148 
HIS OXT HXT  sing N N 149 
ILE N   CA   sing N N 150 
ILE N   H    sing N N 151 
ILE N   H2   sing N N 152 
ILE CA  C    sing N N 153 
ILE CA  CB   sing N N 154 
ILE CA  HA   sing N N 155 
ILE C   O    doub N N 156 
ILE C   OXT  sing N N 157 
ILE CB  CG1  sing N N 158 
ILE CB  CG2  sing N N 159 
ILE CB  HB   sing N N 160 
ILE CG1 CD1  sing N N 161 
ILE CG1 HG12 sing N N 162 
ILE CG1 HG13 sing N N 163 
ILE CG2 HG21 sing N N 164 
ILE CG2 HG22 sing N N 165 
ILE CG2 HG23 sing N N 166 
ILE CD1 HD11 sing N N 167 
ILE CD1 HD12 sing N N 168 
ILE CD1 HD13 sing N N 169 
ILE OXT HXT  sing N N 170 
LEU N   CA   sing N N 171 
LEU N   H    sing N N 172 
LEU N   H2   sing N N 173 
LEU CA  C    sing N N 174 
LEU CA  CB   sing N N 175 
LEU CA  HA   sing N N 176 
LEU C   O    doub N N 177 
LEU C   OXT  sing N N 178 
LEU CB  CG   sing N N 179 
LEU CB  HB2  sing N N 180 
LEU CB  HB3  sing N N 181 
LEU CG  CD1  sing N N 182 
LEU CG  CD2  sing N N 183 
LEU CG  HG   sing N N 184 
LEU CD1 HD11 sing N N 185 
LEU CD1 HD12 sing N N 186 
LEU CD1 HD13 sing N N 187 
LEU CD2 HD21 sing N N 188 
LEU CD2 HD22 sing N N 189 
LEU CD2 HD23 sing N N 190 
LEU OXT HXT  sing N N 191 
LYS N   CA   sing N N 192 
LYS N   H    sing N N 193 
LYS N   H2   sing N N 194 
LYS CA  C    sing N N 195 
LYS CA  CB   sing N N 196 
LYS CA  HA   sing N N 197 
LYS C   O    doub N N 198 
LYS C   OXT  sing N N 199 
LYS CB  CG   sing N N 200 
LYS CB  HB2  sing N N 201 
LYS CB  HB3  sing N N 202 
LYS CG  CD   sing N N 203 
LYS CG  HG2  sing N N 204 
LYS CG  HG3  sing N N 205 
LYS CD  CE   sing N N 206 
LYS CD  HD2  sing N N 207 
LYS CD  HD3  sing N N 208 
LYS CE  NZ   sing N N 209 
LYS CE  HE2  sing N N 210 
LYS CE  HE3  sing N N 211 
LYS NZ  HZ1  sing N N 212 
LYS NZ  HZ2  sing N N 213 
LYS NZ  HZ3  sing N N 214 
LYS OXT HXT  sing N N 215 
MET N   CA   sing N N 216 
MET N   H    sing N N 217 
MET N   H2   sing N N 218 
MET CA  C    sing N N 219 
MET CA  CB   sing N N 220 
MET CA  HA   sing N N 221 
MET C   O    doub N N 222 
MET C   OXT  sing N N 223 
MET CB  CG   sing N N 224 
MET CB  HB2  sing N N 225 
MET CB  HB3  sing N N 226 
MET CG  SD   sing N N 227 
MET CG  HG2  sing N N 228 
MET CG  HG3  sing N N 229 
MET SD  CE   sing N N 230 
MET CE  HE1  sing N N 231 
MET CE  HE2  sing N N 232 
MET CE  HE3  sing N N 233 
MET OXT HXT  sing N N 234 
PHE N   CA   sing N N 235 
PHE N   H    sing N N 236 
PHE N   H2   sing N N 237 
PHE CA  C    sing N N 238 
PHE CA  CB   sing N N 239 
PHE CA  HA   sing N N 240 
PHE C   O    doub N N 241 
PHE C   OXT  sing N N 242 
PHE CB  CG   sing N N 243 
PHE CB  HB2  sing N N 244 
PHE CB  HB3  sing N N 245 
PHE CG  CD1  doub Y N 246 
PHE CG  CD2  sing Y N 247 
PHE CD1 CE1  sing Y N 248 
PHE CD1 HD1  sing N N 249 
PHE CD2 CE2  doub Y N 250 
PHE CD2 HD2  sing N N 251 
PHE CE1 CZ   doub Y N 252 
PHE CE1 HE1  sing N N 253 
PHE CE2 CZ   sing Y N 254 
PHE CE2 HE2  sing N N 255 
PHE CZ  HZ   sing N N 256 
PHE OXT HXT  sing N N 257 
PRO N   CA   sing N N 258 
PRO N   CD   sing N N 259 
PRO N   H    sing N N 260 
PRO CA  C    sing N N 261 
PRO CA  CB   sing N N 262 
PRO CA  HA   sing N N 263 
PRO C   O    doub N N 264 
PRO C   OXT  sing N N 265 
PRO CB  CG   sing N N 266 
PRO CB  HB2  sing N N 267 
PRO CB  HB3  sing N N 268 
PRO CG  CD   sing N N 269 
PRO CG  HG2  sing N N 270 
PRO CG  HG3  sing N N 271 
PRO CD  HD2  sing N N 272 
PRO CD  HD3  sing N N 273 
PRO OXT HXT  sing N N 274 
SER N   CA   sing N N 275 
SER N   H    sing N N 276 
SER N   H2   sing N N 277 
SER CA  C    sing N N 278 
SER CA  CB   sing N N 279 
SER CA  HA   sing N N 280 
SER C   O    doub N N 281 
SER C   OXT  sing N N 282 
SER CB  OG   sing N N 283 
SER CB  HB2  sing N N 284 
SER CB  HB3  sing N N 285 
SER OG  HG   sing N N 286 
SER OXT HXT  sing N N 287 
THR N   CA   sing N N 288 
THR N   H    sing N N 289 
THR N   H2   sing N N 290 
THR CA  C    sing N N 291 
THR CA  CB   sing N N 292 
THR CA  HA   sing N N 293 
THR C   O    doub N N 294 
THR C   OXT  sing N N 295 
THR CB  OG1  sing N N 296 
THR CB  CG2  sing N N 297 
THR CB  HB   sing N N 298 
THR OG1 HG1  sing N N 299 
THR CG2 HG21 sing N N 300 
THR CG2 HG22 sing N N 301 
THR CG2 HG23 sing N N 302 
THR OXT HXT  sing N N 303 
TRP N   CA   sing N N 304 
TRP N   H    sing N N 305 
TRP N   H2   sing N N 306 
TRP CA  C    sing N N 307 
TRP CA  CB   sing N N 308 
TRP CA  HA   sing N N 309 
TRP C   O    doub N N 310 
TRP C   OXT  sing N N 311 
TRP CB  CG   sing N N 312 
TRP CB  HB2  sing N N 313 
TRP CB  HB3  sing N N 314 
TRP CG  CD1  doub Y N 315 
TRP CG  CD2  sing Y N 316 
TRP CD1 NE1  sing Y N 317 
TRP CD1 HD1  sing N N 318 
TRP CD2 CE2  doub Y N 319 
TRP CD2 CE3  sing Y N 320 
TRP NE1 CE2  sing Y N 321 
TRP NE1 HE1  sing N N 322 
TRP CE2 CZ2  sing Y N 323 
TRP CE3 CZ3  doub Y N 324 
TRP CE3 HE3  sing N N 325 
TRP CZ2 CH2  doub Y N 326 
TRP CZ2 HZ2  sing N N 327 
TRP CZ3 CH2  sing Y N 328 
TRP CZ3 HZ3  sing N N 329 
TRP CH2 HH2  sing N N 330 
TRP OXT HXT  sing N N 331 
TYR N   CA   sing N N 332 
TYR N   H    sing N N 333 
TYR N   H2   sing N N 334 
TYR CA  C    sing N N 335 
TYR CA  CB   sing N N 336 
TYR CA  HA   sing N N 337 
TYR C   O    doub N N 338 
TYR C   OXT  sing N N 339 
TYR CB  CG   sing N N 340 
TYR CB  HB2  sing N N 341 
TYR CB  HB3  sing N N 342 
TYR CG  CD1  doub Y N 343 
TYR CG  CD2  sing Y N 344 
TYR CD1 CE1  sing Y N 345 
TYR CD1 HD1  sing N N 346 
TYR CD2 CE2  doub Y N 347 
TYR CD2 HD2  sing N N 348 
TYR CE1 CZ   doub Y N 349 
TYR CE1 HE1  sing N N 350 
TYR CE2 CZ   sing Y N 351 
TYR CE2 HE2  sing N N 352 
TYR CZ  OH   sing N N 353 
TYR OH  HH   sing N N 354 
TYR OXT HXT  sing N N 355 
VAL N   CA   sing N N 356 
VAL N   H    sing N N 357 
VAL N   H2   sing N N 358 
VAL CA  C    sing N N 359 
VAL CA  CB   sing N N 360 
VAL CA  HA   sing N N 361 
VAL C   O    doub N N 362 
VAL C   OXT  sing N N 363 
VAL CB  CG1  sing N N 364 
VAL CB  CG2  sing N N 365 
VAL CB  HB   sing N N 366 
VAL CG1 HG11 sing N N 367 
VAL CG1 HG12 sing N N 368 
VAL CG1 HG13 sing N N 369 
VAL CG2 HG21 sing N N 370 
VAL CG2 HG22 sing N N 371 
VAL CG2 HG23 sing N N 372 
VAL OXT HXT  sing N N 373 
# 
_em_embedding.details       '7% trehalose' 
_em_embedding.id            1 
_em_embedding.material      trehalose 
_em_embedding.specimen_id   1 
# 
_em_image_processing.id                   1 
_em_image_processing.image_recording_id   1 
_em_image_processing.details              ? 
# 
_em_image_recording.id                            1 
_em_image_recording.imaging_id                    1 
_em_image_recording.film_or_detector_model        . 
_em_image_recording.avg_electron_dose_per_image   . 
_em_image_recording.average_exposure_time         ? 
_em_image_recording.details                       ? 
_em_image_recording.num_grids_imaged              ? 
_em_image_recording.num_diffraction_images        ? 
_em_image_recording.num_real_images               ? 
_em_image_recording.detector_mode                 ? 
# 
_em_specimen.experiment_id           1 
_em_specimen.id                      1 
_em_specimen.concentration           ? 
_em_specimen.vitrification_applied   YES 
_em_specimen.staining_applied        NO 
_em_specimen.embedding_applied       YES 
_em_specimen.shadowing_applied       NO 
_em_specimen.details                 ? 
# 
_pdbx_initial_refinement_model.id               1 
_pdbx_initial_refinement_model.entity_id_list   ? 
_pdbx_initial_refinement_model.type             'experimental model' 
_pdbx_initial_refinement_model.source_name      PDB 
_pdbx_initial_refinement_model.accession_code   1J4N 
_pdbx_initial_refinement_model.details          'PDB ENTRY 1J4N' 
# 
